data_1RDF
#
_entry.id   1RDF
#
_cell.length_a   181.714
_cell.length_b   147.348
_cell.length_c   131.308
_cell.angle_alpha   90.00
_cell.angle_beta   125.21
_cell.angle_gamma   90.00
#
_symmetry.space_group_name_H-M   'C 1 2 1'
#
loop_
_entity.id
_entity.type
_entity.pdbx_description
1 polymer 'phosphonoacetaldehyde hydrolase'
2 non-polymer 'MAGNESIUM ION'
3 non-polymer 'ETHANESULFONIC ACID'
4 water water
#
_entity_poly.entity_id   1
_entity_poly.type   'polypeptide(L)'
_entity_poly.pdbx_seq_one_letter_code
;MDRMKIEAVIFDWAGTTVDYGCFAPLEVFMEIFHKRGVAITAEEARKPMPLLKIDHVRALTEMPRIASEWNRVFRQLPTE
ADIQEMYEEFEEILFAILPRYASPINAVKEVIASLRERGIKIGSTTGYTREMMDIVAKEAALQGYKPDFLVTPDDVPAGR
PYPWMCYKNAMELGVYPMNHMIKVGDTVSDMKEGRNAGMWTVGVILGSSELGLTEEEVENMDSVELREKIEVVRNRFVEN
GAHFTIETMQELESVMEHIEKQELIIS
;
_entity_poly.pdbx_strand_id   A,B,C,D,E,F
#
# COMPACT_ATOMS: atom_id res chain seq x y z
N LYS A 5 1.42 26.62 -66.08
CA LYS A 5 1.13 25.62 -65.02
C LYS A 5 0.11 26.21 -64.04
N ILE A 6 -0.75 25.36 -63.49
CA ILE A 6 -1.81 25.80 -62.59
C ILE A 6 -2.79 26.60 -63.43
N GLU A 7 -3.69 25.86 -64.07
CA GLU A 7 -4.69 26.41 -64.98
C GLU A 7 -6.06 26.66 -64.34
N ALA A 8 -6.20 26.30 -63.07
CA ALA A 8 -7.46 26.50 -62.38
C ALA A 8 -7.34 26.45 -60.87
N VAL A 9 -8.09 27.34 -60.20
CA VAL A 9 -8.14 27.43 -58.75
C VAL A 9 -9.52 26.92 -58.31
N ILE A 10 -9.53 25.99 -57.37
CA ILE A 10 -10.78 25.42 -56.86
C ILE A 10 -11.14 26.06 -55.53
N PHE A 11 -11.88 27.17 -55.55
CA PHE A 11 -12.25 27.84 -54.31
C PHE A 11 -13.31 27.13 -53.47
N ASP A 12 -13.55 27.66 -52.29
CA ASP A 12 -14.54 27.10 -51.39
C ASP A 12 -15.64 28.16 -51.27
N TRP A 13 -16.62 27.93 -50.40
CA TRP A 13 -17.69 28.89 -50.27
C TRP A 13 -17.72 29.80 -49.04
N ALA A 14 -18.46 29.40 -48.01
CA ALA A 14 -18.55 30.24 -46.81
C ALA A 14 -17.25 30.20 -45.98
N GLY A 15 -16.48 31.29 -46.03
CA GLY A 15 -15.25 31.34 -45.25
C GLY A 15 -14.11 31.66 -46.18
N THR A 16 -14.36 31.35 -47.44
CA THR A 16 -13.40 31.57 -48.51
C THR A 16 -13.97 32.63 -49.44
N THR A 17 -15.04 32.27 -50.16
CA THR A 17 -15.70 33.15 -51.12
C THR A 17 -16.76 34.08 -50.54
N VAL A 18 -17.65 33.54 -49.70
CA VAL A 18 -18.69 34.36 -49.08
C VAL A 18 -18.90 34.05 -47.60
N ASP A 19 -19.68 34.88 -46.92
CA ASP A 19 -19.98 34.69 -45.49
C ASP A 19 -18.74 34.66 -44.62
N TYR A 20 -18.37 35.84 -44.14
CA TYR A 20 -17.21 36.04 -43.28
C TYR A 20 -17.43 35.37 -41.93
N GLY A 21 -16.48 34.54 -41.52
CA GLY A 21 -16.60 33.86 -40.26
C GLY A 21 -17.39 32.56 -40.35
N CYS A 22 -18.07 32.35 -41.48
CA CYS A 22 -18.87 31.14 -41.68
C CYS A 22 -19.98 31.03 -40.60
N PHE A 23 -20.74 32.11 -40.45
CA PHE A 23 -21.82 32.18 -39.45
C PHE A 23 -23.22 31.78 -39.91
N ALA A 24 -23.46 31.75 -41.21
CA ALA A 24 -24.78 31.38 -41.68
C ALA A 24 -25.39 30.18 -40.96
N PRO A 25 -24.78 28.99 -41.11
CA PRO A 25 -25.33 27.80 -40.44
C PRO A 25 -25.41 27.94 -38.92
N LEU A 26 -24.65 28.88 -38.37
CA LEU A 26 -24.64 29.12 -36.94
C LEU A 26 -25.86 29.91 -36.51
N GLU A 27 -25.86 31.23 -36.76
CA GLU A 27 -27.00 32.06 -36.39
C GLU A 27 -28.33 31.32 -36.31
N VAL A 28 -28.59 30.45 -37.29
CA VAL A 28 -29.83 29.68 -37.31
C VAL A 28 -29.96 28.85 -36.04
N PHE A 29 -28.95 28.02 -35.79
CA PHE A 29 -28.91 27.16 -34.61
C PHE A 29 -29.13 27.95 -33.31
N MET A 30 -28.61 29.16 -33.27
CA MET A 30 -28.77 29.99 -32.09
C MET A 30 -30.21 30.46 -31.91
N GLU A 31 -30.84 30.94 -32.98
CA GLU A 31 -32.23 31.37 -32.90
C GLU A 31 -33.12 30.23 -32.44
N ILE A 32 -33.02 29.10 -33.11
CA ILE A 32 -33.82 27.93 -32.75
C ILE A 32 -33.87 27.73 -31.25
N PHE A 33 -32.72 27.86 -30.60
CA PHE A 33 -32.62 27.70 -29.15
C PHE A 33 -33.04 28.97 -28.44
N HIS A 34 -32.36 30.07 -28.75
CA HIS A 34 -32.70 31.34 -28.14
C HIS A 34 -34.21 31.62 -28.18
N LYS A 35 -34.89 31.01 -29.15
CA LYS A 35 -36.33 31.16 -29.31
C LYS A 35 -37.08 30.37 -28.25
N ARG A 36 -36.31 29.86 -27.29
CA ARG A 36 -36.84 29.07 -26.18
C ARG A 36 -36.02 29.43 -24.94
N GLY A 37 -35.68 30.72 -24.85
CA GLY A 37 -34.92 31.23 -23.73
C GLY A 37 -33.73 30.40 -23.29
N VAL A 38 -32.96 29.89 -24.25
CA VAL A 38 -31.79 29.08 -23.93
C VAL A 38 -30.47 29.82 -24.03
N ALA A 39 -30.25 30.47 -25.17
CA ALA A 39 -29.01 31.22 -25.36
C ALA A 39 -27.79 30.33 -25.37
N ILE A 40 -27.07 30.36 -26.48
CA ILE A 40 -25.87 29.57 -26.64
C ILE A 40 -24.82 30.44 -27.33
N THR A 41 -23.55 30.07 -27.18
CA THR A 41 -22.45 30.82 -27.78
C THR A 41 -22.20 30.32 -29.21
N ALA A 42 -21.78 31.23 -30.08
CA ALA A 42 -21.48 30.84 -31.44
C ALA A 42 -20.37 29.81 -31.30
N GLU A 43 -19.59 29.95 -30.22
CA GLU A 43 -18.47 29.07 -29.94
C GLU A 43 -18.93 27.62 -29.83
N GLU A 44 -20.09 27.40 -29.18
CA GLU A 44 -20.62 26.06 -29.03
C GLU A 44 -21.36 25.69 -30.29
N ALA A 45 -21.84 26.70 -30.99
CA ALA A 45 -22.60 26.54 -32.24
C ALA A 45 -21.83 25.74 -33.28
N ARG A 46 -20.52 26.00 -33.37
CA ARG A 46 -19.67 25.30 -34.33
C ARG A 46 -19.56 23.83 -33.92
N LYS A 47 -18.36 23.43 -33.49
CA LYS A 47 -18.12 22.04 -33.10
C LYS A 47 -18.58 21.07 -34.18
N PRO A 48 -19.83 20.55 -34.12
CA PRO A 48 -20.15 19.63 -35.22
C PRO A 48 -20.58 20.36 -36.49
N MET A 49 -19.86 21.43 -36.83
CA MET A 49 -20.19 22.22 -38.01
C MET A 49 -20.34 21.37 -39.28
N PRO A 50 -19.27 20.68 -39.70
CA PRO A 50 -19.44 19.86 -40.90
C PRO A 50 -20.59 18.90 -40.58
N LEU A 51 -21.29 18.40 -41.58
CA LEU A 51 -22.41 17.48 -41.32
C LEU A 51 -23.45 18.27 -40.52
N LEU A 52 -24.27 19.04 -41.23
CA LEU A 52 -25.29 19.89 -40.62
C LEU A 52 -26.67 19.28 -40.42
N LYS A 53 -26.81 17.99 -40.67
CA LYS A 53 -28.12 17.37 -40.51
C LYS A 53 -28.65 17.45 -39.08
N ILE A 54 -29.74 16.73 -38.79
CA ILE A 54 -30.34 16.75 -37.47
C ILE A 54 -29.34 16.50 -36.34
N ASP A 55 -28.48 15.49 -36.51
CA ASP A 55 -27.50 15.20 -35.47
C ASP A 55 -26.51 16.35 -35.44
N HIS A 56 -26.75 17.28 -34.53
CA HIS A 56 -25.94 18.47 -34.37
C HIS A 56 -26.86 19.27 -33.47
N VAL A 57 -28.16 19.03 -33.66
CA VAL A 57 -29.22 19.64 -32.89
C VAL A 57 -29.50 18.62 -31.80
N ARG A 58 -28.73 17.53 -31.82
CA ARG A 58 -28.86 16.45 -30.87
C ARG A 58 -27.56 16.37 -30.08
N ALA A 59 -26.50 16.82 -30.72
CA ALA A 59 -25.19 16.83 -30.10
C ALA A 59 -25.06 18.15 -29.36
N LEU A 60 -25.89 19.09 -29.77
CA LEU A 60 -25.88 20.41 -29.17
C LEU A 60 -26.90 20.39 -28.03
N THR A 61 -27.74 19.37 -28.04
CA THR A 61 -28.78 19.18 -27.03
C THR A 61 -28.28 18.27 -25.92
N GLU A 62 -27.18 17.57 -26.21
CA GLU A 62 -26.59 16.65 -25.25
C GLU A 62 -25.39 17.30 -24.61
N MET A 63 -25.12 18.53 -25.01
CA MET A 63 -24.01 19.27 -24.46
C MET A 63 -24.31 19.63 -23.02
N PRO A 64 -23.29 19.61 -22.16
CA PRO A 64 -23.43 19.93 -20.73
C PRO A 64 -24.25 21.21 -20.46
N ARG A 65 -23.59 22.34 -20.35
CA ARG A 65 -24.24 23.62 -20.09
C ARG A 65 -25.56 23.83 -20.87
N ILE A 66 -25.70 23.14 -22.00
CA ILE A 66 -26.92 23.28 -22.82
C ILE A 66 -28.07 22.48 -22.22
N ALA A 67 -27.86 21.19 -21.96
CA ALA A 67 -28.92 20.37 -21.38
C ALA A 67 -29.39 21.04 -20.10
N SER A 68 -28.45 21.64 -19.35
CA SER A 68 -28.73 22.34 -18.10
C SER A 68 -29.77 23.44 -18.32
N GLU A 69 -29.36 24.54 -18.94
CA GLU A 69 -30.26 25.65 -19.21
C GLU A 69 -31.65 25.18 -19.66
N TRP A 70 -31.66 24.35 -20.69
CA TRP A 70 -32.91 23.84 -21.25
C TRP A 70 -33.80 23.22 -20.17
N ASN A 71 -33.21 22.41 -19.31
CA ASN A 71 -33.97 21.74 -18.24
C ASN A 71 -34.40 22.74 -17.18
N ARG A 72 -33.83 23.93 -17.18
CA ARG A 72 -34.19 24.94 -16.18
C ARG A 72 -35.29 25.86 -16.64
N VAL A 73 -35.50 25.92 -17.96
CA VAL A 73 -36.51 26.81 -18.47
C VAL A 73 -37.81 26.06 -18.76
N PHE A 74 -37.68 24.79 -19.08
CA PHE A 74 -38.87 24.00 -19.38
C PHE A 74 -39.12 22.97 -18.29
N ARG A 75 -38.25 22.96 -17.27
CA ARG A 75 -38.40 22.02 -16.19
C ARG A 75 -38.48 20.60 -16.73
N GLN A 76 -37.51 20.25 -17.58
CA GLN A 76 -37.44 18.92 -18.17
C GLN A 76 -36.33 18.89 -19.22
N LEU A 77 -35.95 17.69 -19.66
CA LEU A 77 -34.91 17.55 -20.68
C LEU A 77 -35.49 17.41 -22.07
N PRO A 78 -34.75 17.86 -23.11
CA PRO A 78 -35.18 17.80 -24.50
C PRO A 78 -35.80 16.47 -24.91
N THR A 79 -36.97 16.53 -25.54
CA THR A 79 -37.67 15.34 -26.01
C THR A 79 -37.16 14.91 -27.37
N GLU A 80 -37.72 13.83 -27.90
CA GLU A 80 -37.33 13.34 -29.20
C GLU A 80 -37.92 14.27 -30.25
N ALA A 81 -39.11 14.79 -29.96
CA ALA A 81 -39.77 15.71 -30.86
C ALA A 81 -39.26 17.12 -30.57
N ASP A 82 -38.24 17.19 -29.73
CA ASP A 82 -37.65 18.47 -29.38
C ASP A 82 -36.51 18.72 -30.36
N ILE A 83 -35.79 17.65 -30.68
CA ILE A 83 -34.69 17.74 -31.64
C ILE A 83 -35.42 17.99 -32.95
N GLN A 84 -36.51 17.27 -33.14
CA GLN A 84 -37.34 17.47 -34.32
C GLN A 84 -38.07 18.73 -33.91
N GLU A 85 -38.88 19.29 -34.80
CA GLU A 85 -39.61 20.51 -34.45
C GLU A 85 -38.57 21.56 -34.07
N MET A 86 -37.32 21.28 -34.41
CA MET A 86 -36.24 22.21 -34.14
C MET A 86 -35.36 22.13 -35.37
N TYR A 87 -35.16 20.92 -35.85
CA TYR A 87 -34.37 20.72 -37.05
C TYR A 87 -35.30 21.02 -38.22
N GLU A 88 -36.56 20.65 -38.05
CA GLU A 88 -37.56 20.90 -39.08
C GLU A 88 -37.55 22.39 -39.38
N GLU A 89 -37.19 23.19 -38.38
CA GLU A 89 -37.16 24.62 -38.57
C GLU A 89 -35.74 25.16 -38.65
N PHE A 90 -34.80 24.26 -38.90
CA PHE A 90 -33.40 24.62 -39.08
C PHE A 90 -33.30 24.84 -40.59
N GLU A 91 -33.61 23.77 -41.34
CA GLU A 91 -33.60 23.83 -42.79
C GLU A 91 -34.38 25.05 -43.21
N GLU A 92 -35.60 25.14 -42.70
CA GLU A 92 -36.49 26.25 -43.01
C GLU A 92 -35.82 27.61 -42.84
N ILE A 93 -35.48 27.97 -41.60
CA ILE A 93 -34.86 29.27 -41.33
C ILE A 93 -33.55 29.50 -42.06
N LEU A 94 -32.81 28.43 -42.29
CA LEU A 94 -31.53 28.50 -42.98
C LEU A 94 -31.70 28.83 -44.47
N PHE A 95 -32.47 28.01 -45.21
CA PHE A 95 -32.69 28.29 -46.63
C PHE A 95 -33.17 29.72 -46.82
N ALA A 96 -33.74 30.29 -45.77
CA ALA A 96 -34.26 31.65 -45.85
C ALA A 96 -33.29 32.69 -45.30
N ILE A 97 -32.16 32.24 -44.77
CA ILE A 97 -31.17 33.15 -44.22
C ILE A 97 -29.85 33.10 -45.02
N LEU A 98 -29.59 31.96 -45.67
CA LEU A 98 -28.37 31.79 -46.46
C LEU A 98 -28.09 32.99 -47.39
N PRO A 99 -29.10 33.46 -48.13
CA PRO A 99 -28.84 34.61 -49.01
C PRO A 99 -28.36 35.86 -48.28
N ARG A 100 -28.51 35.88 -46.96
CA ARG A 100 -28.08 37.04 -46.18
C ARG A 100 -26.57 37.10 -46.11
N TYR A 101 -25.95 35.93 -46.21
CA TYR A 101 -24.50 35.78 -46.15
C TYR A 101 -24.00 35.13 -47.45
N ALA A 102 -24.29 35.77 -48.58
CA ALA A 102 -23.88 35.25 -49.89
C ALA A 102 -23.11 36.30 -50.67
N SER A 103 -22.79 37.41 -50.03
CA SER A 103 -22.04 38.47 -50.68
C SER A 103 -20.58 38.07 -50.79
N PRO A 104 -19.98 38.22 -51.98
CA PRO A 104 -18.57 37.86 -52.15
C PRO A 104 -17.76 38.62 -51.11
N ILE A 105 -16.94 37.90 -50.37
CA ILE A 105 -16.12 38.51 -49.34
C ILE A 105 -15.31 39.65 -49.91
N ASN A 106 -15.43 40.82 -49.29
CA ASN A 106 -14.73 42.03 -49.72
C ASN A 106 -13.38 41.70 -50.36
N ALA A 107 -13.12 42.34 -51.51
CA ALA A 107 -11.89 42.19 -52.27
C ALA A 107 -11.77 40.89 -53.09
N VAL A 108 -12.52 39.87 -52.72
CA VAL A 108 -12.51 38.60 -53.44
C VAL A 108 -12.84 38.90 -54.90
N LYS A 109 -13.60 39.97 -55.09
CA LYS A 109 -14.01 40.43 -56.40
C LYS A 109 -12.83 40.45 -57.36
N GLU A 110 -12.04 41.51 -57.25
CA GLU A 110 -10.85 41.77 -58.04
C GLU A 110 -9.98 40.53 -58.27
N VAL A 111 -9.84 39.72 -57.23
CA VAL A 111 -9.04 38.52 -57.33
C VAL A 111 -9.56 37.60 -58.42
N ILE A 112 -10.85 37.32 -58.39
CA ILE A 112 -11.44 36.44 -59.39
C ILE A 112 -11.36 37.04 -60.78
N ALA A 113 -11.83 38.28 -60.91
CA ALA A 113 -11.79 38.94 -62.20
C ALA A 113 -10.40 38.78 -62.76
N SER A 114 -9.41 39.27 -61.99
CA SER A 114 -8.00 39.21 -62.38
C SER A 114 -7.56 37.82 -62.83
N LEU A 115 -7.72 36.84 -61.95
CA LEU A 115 -7.31 35.48 -62.27
C LEU A 115 -7.89 34.91 -63.54
N ARG A 116 -9.00 35.47 -64.00
CA ARG A 116 -9.64 35.00 -65.23
C ARG A 116 -8.94 35.64 -66.42
N GLU A 117 -8.70 36.93 -66.32
CA GLU A 117 -8.04 37.64 -67.39
C GLU A 117 -6.69 37.00 -67.69
N ARG A 118 -6.13 36.27 -66.70
CA ARG A 118 -4.85 35.62 -66.89
C ARG A 118 -5.03 34.18 -67.32
N GLY A 119 -6.23 33.86 -67.80
CA GLY A 119 -6.49 32.52 -68.28
C GLY A 119 -6.58 31.41 -67.27
N ILE A 120 -7.15 31.69 -66.10
CA ILE A 120 -7.31 30.69 -65.06
C ILE A 120 -8.78 30.28 -64.91
N LYS A 121 -9.03 28.99 -64.83
CA LYS A 121 -10.40 28.50 -64.67
C LYS A 121 -10.75 28.46 -63.20
N ILE A 122 -12.02 28.72 -62.89
CA ILE A 122 -12.48 28.75 -61.51
C ILE A 122 -13.60 27.77 -61.14
N GLY A 123 -13.27 26.82 -60.27
CA GLY A 123 -14.24 25.82 -59.83
C GLY A 123 -14.47 25.90 -58.33
N SER A 124 -15.13 24.89 -57.74
CA SER A 124 -15.40 24.93 -56.30
C SER A 124 -16.02 23.66 -55.71
N THR A 125 -15.84 23.51 -54.40
CA THR A 125 -16.40 22.38 -53.62
C THR A 125 -17.02 22.97 -52.36
N THR A 126 -17.86 22.19 -51.69
CA THR A 126 -18.51 22.70 -50.47
C THR A 126 -19.04 21.63 -49.55
N GLY A 127 -19.34 22.07 -48.33
CA GLY A 127 -19.89 21.17 -47.34
C GLY A 127 -21.40 21.12 -47.49
N TYR A 128 -21.99 22.27 -47.83
CA TYR A 128 -23.42 22.40 -48.01
C TYR A 128 -24.01 21.36 -48.96
N THR A 129 -25.27 21.52 -49.32
CA THR A 129 -25.91 20.56 -50.22
C THR A 129 -26.45 21.22 -51.47
N ARG A 130 -27.01 20.43 -52.39
CA ARG A 130 -27.58 21.02 -53.58
C ARG A 130 -28.59 22.06 -53.15
N GLU A 131 -29.61 21.62 -52.43
CA GLU A 131 -30.67 22.50 -51.96
C GLU A 131 -30.12 23.70 -51.20
N MET A 132 -29.03 23.48 -50.46
CA MET A 132 -28.42 24.57 -49.72
C MET A 132 -27.67 25.48 -50.66
N MET A 133 -27.07 24.88 -51.69
CA MET A 133 -26.32 25.66 -52.66
C MET A 133 -27.20 26.36 -53.68
N ASP A 134 -28.30 25.72 -54.07
CA ASP A 134 -29.25 26.32 -55.02
C ASP A 134 -29.75 27.66 -54.48
N ILE A 135 -29.45 27.95 -53.23
CA ILE A 135 -29.86 29.20 -52.62
C ILE A 135 -28.66 30.12 -52.53
N VAL A 136 -27.55 29.56 -52.09
CA VAL A 136 -26.30 30.30 -51.93
C VAL A 136 -25.79 30.87 -53.24
N ALA A 137 -25.55 29.98 -54.19
CA ALA A 137 -25.05 30.39 -55.50
C ALA A 137 -25.92 31.52 -56.05
N LYS A 138 -27.17 31.20 -56.34
CA LYS A 138 -28.14 32.14 -56.91
C LYS A 138 -27.95 33.57 -56.44
N GLU A 139 -27.80 33.76 -55.15
CA GLU A 139 -27.63 35.10 -54.60
C GLU A 139 -26.26 35.68 -54.97
N ALA A 140 -25.23 34.82 -54.89
CA ALA A 140 -23.85 35.18 -55.21
C ALA A 140 -23.77 35.77 -56.61
N ALA A 141 -24.28 35.00 -57.58
CA ALA A 141 -24.28 35.45 -58.96
C ALA A 141 -24.93 36.83 -59.06
N LEU A 142 -26.17 36.95 -58.62
CA LEU A 142 -26.83 38.25 -58.67
C LEU A 142 -25.99 39.29 -57.94
N GLN A 143 -25.00 38.83 -57.19
CA GLN A 143 -24.15 39.72 -56.42
C GLN A 143 -22.71 39.86 -56.94
N GLY A 144 -22.43 39.25 -58.08
CA GLY A 144 -21.10 39.39 -58.67
C GLY A 144 -20.19 38.18 -58.70
N TYR A 145 -20.56 37.10 -58.04
CA TYR A 145 -19.68 35.94 -58.05
C TYR A 145 -20.37 34.72 -58.64
N LYS A 146 -19.66 34.01 -59.51
CA LYS A 146 -20.20 32.80 -60.10
C LYS A 146 -19.08 32.01 -60.79
N PRO A 147 -18.51 31.03 -60.09
CA PRO A 147 -17.43 30.25 -60.70
C PRO A 147 -17.90 29.55 -61.98
N ASP A 148 -16.96 28.96 -62.70
CA ASP A 148 -17.27 28.26 -63.95
C ASP A 148 -17.98 26.95 -63.67
N PHE A 149 -17.78 26.42 -62.47
CA PHE A 149 -18.44 25.18 -62.10
C PHE A 149 -18.53 25.05 -60.59
N LEU A 150 -19.43 24.16 -60.14
CA LEU A 150 -19.64 23.94 -58.73
C LEU A 150 -20.00 22.49 -58.46
N VAL A 151 -19.62 22.02 -57.28
CA VAL A 151 -19.91 20.65 -56.89
C VAL A 151 -20.21 20.59 -55.41
N THR A 152 -21.21 19.81 -55.05
CA THR A 152 -21.62 19.64 -53.67
C THR A 152 -21.50 18.15 -53.34
N PRO A 153 -21.46 17.83 -52.04
CA PRO A 153 -21.33 16.43 -51.61
C PRO A 153 -22.36 15.50 -52.24
N ASP A 154 -23.46 16.08 -52.71
CA ASP A 154 -24.51 15.29 -53.34
C ASP A 154 -24.05 14.69 -54.67
N ASP A 155 -23.11 15.34 -55.35
CA ASP A 155 -22.64 14.84 -56.63
C ASP A 155 -21.69 13.66 -56.55
N VAL A 156 -21.00 13.53 -55.43
CA VAL A 156 -20.07 12.41 -55.30
C VAL A 156 -20.50 11.41 -54.23
N PRO A 157 -19.77 10.30 -54.11
CA PRO A 157 -20.09 9.27 -53.12
C PRO A 157 -19.67 9.56 -51.68
N ALA A 158 -18.96 10.67 -51.46
CA ALA A 158 -18.53 11.04 -50.13
C ALA A 158 -18.29 12.54 -50.01
N GLY A 159 -18.13 12.99 -48.77
CA GLY A 159 -17.93 14.40 -48.49
C GLY A 159 -16.51 14.94 -48.43
N ARG A 160 -16.44 16.18 -47.92
CA ARG A 160 -15.22 16.99 -47.83
C ARG A 160 -13.84 16.43 -47.60
N PRO A 161 -13.65 15.44 -46.73
CA PRO A 161 -12.25 15.00 -46.61
C PRO A 161 -11.73 14.42 -47.94
N TYR A 162 -12.51 13.52 -48.55
CA TYR A 162 -12.13 12.90 -49.80
C TYR A 162 -11.93 13.93 -50.94
N PRO A 163 -11.22 13.54 -52.02
CA PRO A 163 -10.90 14.35 -53.19
C PRO A 163 -11.94 14.32 -54.32
N TRP A 164 -12.87 13.36 -54.22
CA TRP A 164 -13.95 13.17 -55.20
C TRP A 164 -14.55 14.48 -55.74
N MET A 165 -15.10 15.33 -54.88
CA MET A 165 -15.66 16.57 -55.41
C MET A 165 -14.67 17.31 -56.31
N CYS A 166 -13.39 17.29 -55.92
CA CYS A 166 -12.32 17.95 -56.67
C CYS A 166 -12.03 17.25 -58.00
N TYR A 167 -12.16 15.92 -58.04
CA TYR A 167 -11.93 15.22 -59.28
C TYR A 167 -13.00 15.51 -60.31
N LYS A 168 -14.05 16.27 -59.96
CA LYS A 168 -15.07 16.57 -60.95
C LYS A 168 -14.94 17.99 -61.46
N ASN A 169 -14.45 18.91 -60.62
CA ASN A 169 -14.27 20.26 -61.10
C ASN A 169 -13.24 20.16 -62.23
N ALA A 170 -12.38 19.14 -62.10
CA ALA A 170 -11.33 18.83 -63.06
C ALA A 170 -11.98 18.45 -64.38
N MET A 171 -12.68 17.31 -64.39
CA MET A 171 -13.36 16.83 -65.59
C MET A 171 -14.07 17.97 -66.30
N GLU A 172 -14.92 18.69 -65.58
CA GLU A 172 -15.62 19.78 -66.20
C GLU A 172 -14.66 20.79 -66.78
N LEU A 173 -14.00 21.54 -65.92
CA LEU A 173 -13.06 22.55 -66.37
C LEU A 173 -12.07 21.98 -67.40
N GLY A 174 -11.80 20.68 -67.31
CA GLY A 174 -10.85 20.04 -68.22
C GLY A 174 -9.44 20.50 -67.93
N VAL A 175 -8.74 19.78 -67.04
CA VAL A 175 -7.38 20.14 -66.66
C VAL A 175 -6.67 18.85 -66.27
N TYR A 176 -5.70 18.42 -67.07
CA TYR A 176 -4.99 17.17 -66.84
C TYR A 176 -4.35 16.89 -65.47
N PRO A 177 -3.04 17.16 -65.28
CA PRO A 177 -2.63 16.81 -63.91
C PRO A 177 -3.33 17.59 -62.82
N MET A 178 -3.37 17.03 -61.62
CA MET A 178 -3.99 17.72 -60.51
C MET A 178 -3.10 18.87 -60.06
N ASN A 179 -1.77 18.72 -60.18
CA ASN A 179 -0.85 19.79 -59.78
C ASN A 179 -1.14 21.09 -60.50
N HIS A 180 -2.02 21.04 -61.48
CA HIS A 180 -2.33 22.23 -62.22
C HIS A 180 -3.48 23.03 -61.61
N MET A 181 -3.93 22.63 -60.42
CA MET A 181 -5.03 23.31 -59.72
C MET A 181 -4.70 23.69 -58.25
N ILE A 182 -5.34 24.74 -57.77
CA ILE A 182 -5.08 25.18 -56.42
C ILE A 182 -6.35 25.08 -55.60
N LYS A 183 -6.21 24.53 -54.38
CA LYS A 183 -7.32 24.40 -53.46
C LYS A 183 -7.26 25.51 -52.44
N VAL A 184 -8.38 26.16 -52.19
CA VAL A 184 -8.40 27.25 -51.23
C VAL A 184 -9.57 27.08 -50.27
N GLY A 185 -9.27 27.14 -48.98
CA GLY A 185 -10.31 26.98 -47.98
C GLY A 185 -10.08 27.78 -46.70
N ASP A 186 -10.80 27.38 -45.66
CA ASP A 186 -10.73 28.04 -44.38
C ASP A 186 -10.88 27.07 -43.23
N THR A 187 -10.71 25.78 -43.51
CA THR A 187 -10.83 24.77 -42.49
C THR A 187 -9.92 23.58 -42.70
N VAL A 188 -9.45 23.03 -41.59
CA VAL A 188 -8.60 21.87 -41.62
C VAL A 188 -9.13 20.80 -42.55
N SER A 189 -10.44 20.76 -42.73
CA SER A 189 -11.05 19.75 -43.60
C SER A 189 -10.66 20.05 -45.03
N ASP A 190 -10.63 21.34 -45.37
CA ASP A 190 -10.27 21.79 -46.70
C ASP A 190 -8.85 21.40 -47.06
N MET A 191 -7.92 21.64 -46.14
CA MET A 191 -6.54 21.29 -46.39
C MET A 191 -6.47 19.80 -46.59
N LYS A 192 -7.23 19.04 -45.83
CA LYS A 192 -7.20 17.59 -46.00
C LYS A 192 -7.75 17.17 -47.36
N GLU A 193 -8.58 18.03 -47.95
CA GLU A 193 -9.19 17.77 -49.27
C GLU A 193 -8.13 17.97 -50.36
N GLY A 194 -7.55 19.17 -50.40
CA GLY A 194 -6.53 19.47 -51.39
C GLY A 194 -5.37 18.50 -51.26
N ARG A 195 -4.82 18.35 -50.06
CA ARG A 195 -3.70 17.44 -49.87
C ARG A 195 -4.21 16.01 -49.85
N ASN A 196 -5.09 15.69 -50.79
CA ASN A 196 -5.66 14.36 -50.91
C ASN A 196 -5.88 14.13 -52.38
N ALA A 197 -6.38 15.17 -53.04
CA ALA A 197 -6.63 15.18 -54.47
C ALA A 197 -5.26 15.07 -55.14
N GLY A 198 -4.36 15.94 -54.70
CA GLY A 198 -3.00 15.98 -55.21
C GLY A 198 -2.78 17.39 -55.72
N MET A 199 -3.60 18.30 -55.20
CA MET A 199 -3.58 19.70 -55.57
C MET A 199 -2.71 20.56 -54.67
N TRP A 200 -2.62 21.83 -54.99
CA TRP A 200 -1.84 22.75 -54.15
C TRP A 200 -2.81 23.34 -53.13
N THR A 201 -2.61 22.99 -51.87
CA THR A 201 -3.50 23.44 -50.81
C THR A 201 -3.07 24.73 -50.12
N VAL A 202 -3.98 25.71 -50.07
CA VAL A 202 -3.69 26.99 -49.43
C VAL A 202 -4.82 27.31 -48.46
N GLY A 203 -4.49 27.88 -47.30
CA GLY A 203 -5.55 28.21 -46.35
C GLY A 203 -5.72 29.69 -46.14
N VAL A 204 -6.96 30.16 -46.13
CA VAL A 204 -7.24 31.59 -45.91
C VAL A 204 -7.41 31.74 -44.39
N ILE A 205 -7.08 32.92 -43.82
CA ILE A 205 -7.22 33.10 -42.37
C ILE A 205 -8.26 34.16 -41.98
N LEU A 206 -7.95 35.41 -42.29
CA LEU A 206 -8.82 36.54 -41.98
C LEU A 206 -10.21 36.34 -42.59
N GLY A 207 -11.08 35.70 -41.82
CA GLY A 207 -12.45 35.42 -42.27
C GLY A 207 -12.73 33.93 -42.33
N SER A 208 -11.78 33.14 -41.85
CA SER A 208 -11.94 31.69 -41.86
C SER A 208 -12.79 31.20 -40.70
N SER A 209 -13.22 29.95 -40.81
CA SER A 209 -14.03 29.38 -39.75
C SER A 209 -13.13 29.22 -38.54
N GLU A 210 -11.93 28.69 -38.76
CA GLU A 210 -10.97 28.46 -37.68
C GLU A 210 -10.77 29.71 -36.85
N LEU A 211 -10.33 30.79 -37.48
CA LEU A 211 -10.13 32.03 -36.74
C LEU A 211 -11.47 32.54 -36.23
N GLY A 212 -12.55 31.93 -36.72
CA GLY A 212 -13.89 32.31 -36.32
C GLY A 212 -14.14 33.76 -35.94
N LEU A 213 -13.56 34.72 -36.65
CA LEU A 213 -13.77 36.12 -36.30
C LEU A 213 -14.74 36.85 -37.22
N THR A 214 -15.31 37.94 -36.73
CA THR A 214 -16.26 38.75 -37.48
C THR A 214 -15.55 39.85 -38.27
N GLU A 215 -16.12 40.22 -39.41
CA GLU A 215 -15.50 41.25 -40.24
C GLU A 215 -15.68 42.61 -39.59
N GLU A 216 -15.00 42.81 -38.45
CA GLU A 216 -15.06 44.04 -37.68
C GLU A 216 -14.45 43.70 -36.33
N GLU A 217 -14.85 42.53 -35.84
CA GLU A 217 -14.36 42.02 -34.56
C GLU A 217 -12.86 41.75 -34.73
N VAL A 218 -12.37 41.90 -35.96
CA VAL A 218 -10.97 41.69 -36.28
C VAL A 218 -10.23 43.03 -36.19
N GLU A 219 -10.98 44.12 -36.30
CA GLU A 219 -10.41 45.46 -36.20
C GLU A 219 -10.32 45.90 -34.75
N ASN A 220 -11.31 45.49 -33.95
CA ASN A 220 -11.35 45.82 -32.53
C ASN A 220 -10.31 44.97 -31.78
N MET A 221 -10.01 43.78 -32.31
CA MET A 221 -9.00 42.90 -31.72
C MET A 221 -7.72 43.72 -31.76
N ASP A 222 -6.91 43.69 -30.70
CA ASP A 222 -5.71 44.50 -30.69
C ASP A 222 -4.52 43.90 -31.43
N SER A 223 -3.82 44.79 -32.13
CA SER A 223 -2.65 44.46 -32.95
C SER A 223 -1.86 43.23 -32.52
N VAL A 224 -1.64 43.05 -31.23
CA VAL A 224 -0.86 41.92 -30.78
C VAL A 224 -1.65 40.63 -30.63
N GLU A 225 -2.92 40.73 -30.24
CA GLU A 225 -3.71 39.53 -30.05
C GLU A 225 -4.16 38.91 -31.35
N LEU A 226 -4.52 39.75 -32.32
CA LEU A 226 -4.97 39.24 -33.61
C LEU A 226 -3.92 38.34 -34.24
N ARG A 227 -2.76 38.94 -34.56
CA ARG A 227 -1.64 38.23 -35.17
C ARG A 227 -1.36 36.98 -34.35
N GLU A 228 -1.47 37.15 -33.04
CA GLU A 228 -1.25 36.07 -32.10
C GLU A 228 -2.18 34.89 -32.42
N LYS A 229 -3.42 35.23 -32.78
CA LYS A 229 -4.46 34.25 -33.10
C LYS A 229 -4.30 33.74 -34.53
N ILE A 230 -3.85 34.62 -35.41
CA ILE A 230 -3.65 34.26 -36.80
C ILE A 230 -2.66 33.10 -36.91
N GLU A 231 -1.54 33.21 -36.19
CA GLU A 231 -0.52 32.17 -36.22
C GLU A 231 -1.10 30.83 -35.78
N VAL A 232 -2.00 30.87 -34.81
CA VAL A 232 -2.61 29.64 -34.32
C VAL A 232 -3.32 28.94 -35.45
N VAL A 233 -4.03 29.72 -36.26
CA VAL A 233 -4.76 29.17 -37.39
C VAL A 233 -3.74 28.59 -38.35
N ARG A 234 -2.88 29.48 -38.84
CA ARG A 234 -1.80 29.15 -39.76
C ARG A 234 -1.14 27.82 -39.43
N ASN A 235 -0.64 27.71 -38.20
CA ASN A 235 0.02 26.50 -37.76
C ASN A 235 -0.88 25.29 -37.84
N ARG A 236 -2.15 25.48 -37.52
CA ARG A 236 -3.07 24.37 -37.56
C ARG A 236 -3.29 23.90 -39.01
N PHE A 237 -3.21 24.83 -39.97
CA PHE A 237 -3.37 24.49 -41.38
C PHE A 237 -2.18 23.69 -41.86
N VAL A 238 -1.01 24.31 -41.72
CA VAL A 238 0.23 23.71 -42.13
C VAL A 238 0.36 22.21 -41.88
N GLU A 239 0.16 21.76 -40.65
CA GLU A 239 0.31 20.34 -40.38
C GLU A 239 -0.75 19.44 -41.01
N ASN A 240 -1.95 19.96 -41.20
CA ASN A 240 -3.00 19.14 -41.80
C ASN A 240 -2.84 19.09 -43.31
N GLY A 241 -1.87 19.84 -43.81
CA GLY A 241 -1.60 19.88 -45.24
C GLY A 241 -0.96 21.19 -45.64
N ALA A 242 -1.79 22.11 -46.12
CA ALA A 242 -1.38 23.44 -46.54
C ALA A 242 0.06 23.59 -46.99
N HIS A 243 0.26 23.79 -48.29
CA HIS A 243 1.61 24.00 -48.81
C HIS A 243 1.91 25.47 -48.54
N PHE A 244 0.84 26.25 -48.45
CA PHE A 244 0.91 27.69 -48.20
C PHE A 244 -0.31 28.09 -47.36
N THR A 245 -0.26 29.27 -46.76
CA THR A 245 -1.39 29.79 -46.00
C THR A 245 -1.33 31.29 -46.16
N ILE A 246 -2.48 31.93 -46.25
CA ILE A 246 -2.53 33.38 -46.41
C ILE A 246 -3.59 33.99 -45.52
N GLU A 247 -3.39 35.26 -45.16
CA GLU A 247 -4.33 35.97 -44.31
C GLU A 247 -5.49 36.51 -45.14
N THR A 248 -5.15 37.34 -46.13
CA THR A 248 -6.18 37.90 -47.00
C THR A 248 -6.23 37.12 -48.30
N MET A 249 -6.95 37.66 -49.28
CA MET A 249 -7.08 36.99 -50.58
C MET A 249 -6.14 37.57 -51.62
N GLN A 250 -5.82 38.85 -51.50
CA GLN A 250 -4.92 39.51 -52.43
C GLN A 250 -3.61 38.74 -52.60
N GLU A 251 -3.27 37.92 -51.60
CA GLU A 251 -2.03 37.16 -51.59
C GLU A 251 -2.00 35.86 -52.40
N LEU A 252 -3.13 35.49 -52.99
CA LEU A 252 -3.20 34.26 -53.76
C LEU A 252 -2.52 34.36 -55.12
N GLU A 253 -2.78 35.43 -55.85
CA GLU A 253 -2.17 35.58 -57.15
C GLU A 253 -0.67 35.80 -56.94
N SER A 254 -0.23 35.73 -55.69
CA SER A 254 1.18 35.90 -55.36
C SER A 254 1.79 34.53 -55.11
N VAL A 255 0.89 33.60 -54.77
CA VAL A 255 1.25 32.23 -54.48
C VAL A 255 1.45 31.43 -55.77
N MET A 256 0.60 31.68 -56.76
CA MET A 256 0.68 31.00 -58.04
C MET A 256 2.09 31.08 -58.65
N GLU A 257 2.56 32.32 -58.82
CA GLU A 257 3.88 32.57 -59.38
C GLU A 257 4.89 31.74 -58.62
N HIS A 258 4.83 31.87 -57.29
CA HIS A 258 5.70 31.14 -56.37
C HIS A 258 5.67 29.67 -56.74
N ILE A 259 4.48 29.08 -56.79
CA ILE A 259 4.36 27.67 -57.14
C ILE A 259 5.19 27.35 -58.35
N GLU A 260 5.01 28.17 -59.39
CA GLU A 260 5.71 28.00 -60.65
C GLU A 260 7.22 28.25 -60.55
N LYS A 261 7.62 29.40 -60.00
CA LYS A 261 9.04 29.73 -59.84
C LYS A 261 9.71 28.70 -58.92
N GLN A 262 9.23 28.66 -57.69
CA GLN A 262 9.70 27.74 -56.65
C GLN A 262 10.22 26.40 -57.18
N GLU A 263 9.42 25.75 -58.01
CA GLU A 263 9.79 24.45 -58.59
C GLU A 263 9.94 23.30 -57.60
N LEU A 264 8.92 23.10 -56.76
CA LEU A 264 8.88 22.02 -55.80
C LEU A 264 7.78 21.05 -56.27
N ILE A 265 7.94 19.77 -55.97
CA ILE A 265 6.98 18.75 -56.39
C ILE A 265 6.07 18.24 -55.29
N ILE A 266 4.79 18.02 -55.65
CA ILE A 266 3.79 17.49 -54.71
C ILE A 266 3.85 15.97 -54.69
N SER A 267 4.17 15.42 -53.53
CA SER A 267 4.27 13.99 -53.35
C SER A 267 3.16 13.42 -52.49
N LYS B 5 8.93 -3.74 3.54
CA LYS B 5 8.44 -2.46 2.97
C LYS B 5 9.17 -1.28 3.62
N ILE B 6 9.81 -0.45 2.80
CA ILE B 6 10.58 0.72 3.23
C ILE B 6 11.54 0.47 4.42
N GLU B 7 12.63 -0.25 4.13
CA GLU B 7 13.64 -0.60 5.12
C GLU B 7 14.67 0.53 5.39
N ALA B 8 14.91 1.36 4.38
CA ALA B 8 15.87 2.46 4.53
C ALA B 8 15.46 3.73 3.80
N VAL B 9 15.95 4.86 4.30
CA VAL B 9 15.67 6.16 3.72
C VAL B 9 16.95 6.93 3.44
N ILE B 10 17.34 6.95 2.18
CA ILE B 10 18.55 7.64 1.72
C ILE B 10 18.32 9.14 1.58
N PHE B 11 18.86 9.91 2.53
CA PHE B 11 18.74 11.37 2.51
C PHE B 11 19.82 12.00 1.63
N ASP B 12 19.62 13.27 1.31
CA ASP B 12 20.56 14.05 0.52
C ASP B 12 21.16 14.98 1.59
N TRP B 13 22.02 15.92 1.21
CA TRP B 13 22.60 16.83 2.18
C TRP B 13 22.06 18.25 1.99
N ALA B 14 22.83 19.12 1.34
CA ALA B 14 22.40 20.50 1.13
C ALA B 14 20.97 20.60 0.59
N GLY B 15 20.15 21.43 1.22
CA GLY B 15 18.77 21.59 0.79
C GLY B 15 17.84 20.53 1.36
N THR B 16 18.43 19.44 1.83
CA THR B 16 17.68 18.34 2.38
C THR B 16 17.85 18.26 3.91
N THR B 17 19.01 17.78 4.34
CA THR B 17 19.33 17.65 5.76
C THR B 17 20.06 18.88 6.33
N VAL B 18 20.91 19.51 5.53
CA VAL B 18 21.63 20.66 6.03
C VAL B 18 21.78 21.79 5.01
N ASP B 19 22.02 23.00 5.50
CA ASP B 19 22.17 24.20 4.65
C ASP B 19 20.85 24.60 4.02
N TYR B 20 20.30 25.71 4.47
CA TYR B 20 19.02 26.18 3.98
C TYR B 20 19.15 26.95 2.68
N GLY B 21 18.60 26.40 1.60
CA GLY B 21 18.66 27.07 0.32
C GLY B 21 19.85 26.69 -0.56
N CYS B 22 20.82 25.99 0.00
CA CYS B 22 22.00 25.58 -0.76
C CYS B 22 22.75 26.78 -1.35
N PHE B 23 23.13 27.72 -0.48
CA PHE B 23 23.84 28.91 -0.92
C PHE B 23 25.35 28.74 -0.84
N ALA B 24 25.83 27.68 -0.20
CA ALA B 24 27.26 27.46 -0.12
C ALA B 24 27.89 27.43 -1.51
N PRO B 25 27.37 26.59 -2.42
CA PRO B 25 27.94 26.54 -3.78
C PRO B 25 27.67 27.84 -4.54
N LEU B 26 26.40 28.23 -4.53
CA LEU B 26 25.93 29.44 -5.18
C LEU B 26 26.75 30.68 -4.78
N GLU B 27 27.15 30.75 -3.52
CA GLU B 27 27.91 31.89 -3.01
C GLU B 27 29.34 31.92 -3.57
N VAL B 28 29.95 30.74 -3.69
CA VAL B 28 31.30 30.63 -4.23
C VAL B 28 31.18 30.94 -5.73
N PHE B 29 30.34 30.17 -6.45
CA PHE B 29 30.14 30.38 -7.88
C PHE B 29 29.96 31.85 -8.22
N MET B 30 29.09 32.53 -7.48
CA MET B 30 28.85 33.94 -7.72
C MET B 30 30.04 34.82 -7.37
N GLU B 31 31.03 34.20 -6.73
CA GLU B 31 32.24 34.90 -6.33
C GLU B 31 33.31 34.84 -7.40
N ILE B 32 33.75 33.63 -7.75
CA ILE B 32 34.79 33.41 -8.75
C ILE B 32 34.59 34.20 -10.05
N PHE B 33 33.37 34.19 -10.57
CA PHE B 33 33.07 34.90 -11.80
C PHE B 33 33.20 36.40 -11.61
N HIS B 34 32.72 36.91 -10.48
CA HIS B 34 32.84 38.34 -10.23
C HIS B 34 34.32 38.70 -10.09
N LYS B 35 35.11 37.71 -9.64
CA LYS B 35 36.54 37.87 -9.41
C LYS B 35 37.32 37.77 -10.73
N ARG B 36 36.71 37.14 -11.73
CA ARG B 36 37.35 36.98 -13.03
C ARG B 36 36.93 38.12 -13.97
N GLY B 37 35.96 38.91 -13.55
CA GLY B 37 35.49 40.03 -14.36
C GLY B 37 34.17 39.80 -15.07
N VAL B 38 33.23 39.14 -14.39
CA VAL B 38 31.92 38.86 -14.99
C VAL B 38 30.76 39.22 -14.06
N ALA B 39 30.62 38.50 -12.96
CA ALA B 39 29.52 38.74 -12.01
C ALA B 39 28.20 38.22 -12.56
N ILE B 40 27.82 37.05 -12.07
CA ILE B 40 26.58 36.41 -12.49
C ILE B 40 25.55 36.47 -11.37
N THR B 41 24.28 36.55 -11.73
CA THR B 41 23.20 36.62 -10.73
C THR B 41 22.91 35.25 -10.13
N ALA B 42 22.20 35.26 -9.00
CA ALA B 42 21.84 34.06 -8.27
C ALA B 42 21.19 32.96 -9.13
N GLU B 43 20.10 33.30 -9.83
CA GLU B 43 19.42 32.31 -10.66
C GLU B 43 20.34 31.67 -11.68
N GLU B 44 21.27 32.45 -12.21
CA GLU B 44 22.21 31.93 -13.21
C GLU B 44 23.15 30.85 -12.71
N ALA B 45 23.51 30.90 -11.42
CA ALA B 45 24.41 29.92 -10.83
C ALA B 45 23.64 28.71 -10.32
N ARG B 46 22.32 28.83 -10.33
CA ARG B 46 21.46 27.78 -9.83
C ARG B 46 21.15 26.58 -10.75
N LYS B 47 20.61 26.84 -11.95
CA LYS B 47 20.19 25.78 -12.87
C LYS B 47 20.84 24.40 -12.85
N PRO B 48 22.14 24.32 -12.75
CA PRO B 48 22.79 22.98 -12.59
C PRO B 48 22.67 22.42 -11.15
N MET B 49 23.54 22.97 -10.31
CA MET B 49 23.66 22.68 -8.88
C MET B 49 24.30 21.32 -8.58
N PRO B 50 23.49 20.28 -8.48
CA PRO B 50 24.05 18.96 -8.16
C PRO B 50 25.26 18.56 -9.01
N LEU B 51 25.62 19.38 -10.01
CA LEU B 51 26.80 19.10 -10.83
C LEU B 51 28.01 19.63 -10.06
N LEU B 52 28.12 20.95 -10.06
CA LEU B 52 29.20 21.68 -9.38
C LEU B 52 30.64 21.22 -9.63
N LYS B 53 30.89 20.62 -10.79
CA LYS B 53 32.22 20.20 -11.15
C LYS B 53 32.67 21.15 -12.27
N ILE B 54 33.71 20.82 -13.02
CA ILE B 54 34.14 21.69 -14.12
C ILE B 54 33.05 21.81 -15.18
N ASP B 55 32.16 20.82 -15.19
CA ASP B 55 31.04 20.81 -16.14
C ASP B 55 30.15 22.00 -15.80
N HIS B 56 29.96 22.25 -14.52
CA HIS B 56 29.14 23.35 -14.03
C HIS B 56 29.90 24.67 -14.27
N VAL B 57 31.22 24.62 -14.22
CA VAL B 57 32.02 25.82 -14.46
C VAL B 57 32.37 25.87 -15.95
N ARG B 58 31.35 25.68 -16.78
CA ARG B 58 31.46 25.69 -18.23
C ARG B 58 30.03 26.01 -18.63
N ALA B 59 29.14 25.08 -18.31
CA ALA B 59 27.72 25.26 -18.59
C ALA B 59 27.30 26.57 -17.95
N LEU B 60 28.13 27.13 -17.08
CA LEU B 60 27.76 28.39 -16.45
C LEU B 60 27.73 29.47 -17.50
N THR B 61 28.87 30.09 -17.75
CA THR B 61 28.93 31.14 -18.75
C THR B 61 30.02 30.79 -19.76
N GLU B 62 29.87 29.65 -20.39
CA GLU B 62 30.82 29.18 -21.41
C GLU B 62 29.98 28.70 -22.59
N MET B 63 28.66 28.68 -22.39
CA MET B 63 27.70 28.27 -23.40
C MET B 63 26.39 29.08 -23.36
N PRO B 64 25.84 29.35 -22.16
CA PRO B 64 24.60 30.12 -22.03
C PRO B 64 24.72 31.57 -22.46
N ARG B 65 23.61 32.29 -22.36
CA ARG B 65 23.58 33.70 -22.73
C ARG B 65 24.56 34.46 -21.85
N ILE B 66 24.40 35.77 -21.78
CA ILE B 66 25.25 36.60 -20.93
C ILE B 66 26.68 36.05 -20.91
N ALA B 67 27.16 35.62 -22.08
CA ALA B 67 28.51 35.10 -22.23
C ALA B 67 29.10 36.09 -23.19
N SER B 68 28.25 37.05 -23.55
CA SER B 68 28.60 38.13 -24.47
C SER B 68 28.98 39.33 -23.64
N GLU B 69 29.23 39.10 -22.35
CA GLU B 69 29.63 40.12 -21.41
C GLU B 69 31.08 39.81 -21.07
N TRP B 70 31.52 38.63 -21.52
CA TRP B 70 32.88 38.19 -21.34
C TRP B 70 33.61 38.51 -22.63
N ASN B 71 33.04 38.06 -23.75
CA ASN B 71 33.61 38.28 -25.07
C ASN B 71 33.30 39.68 -25.60
N ARG B 72 33.82 40.67 -24.90
CA ARG B 72 33.65 42.07 -25.24
C ARG B 72 34.49 42.81 -24.22
N VAL B 73 34.54 42.25 -23.03
CA VAL B 73 35.32 42.80 -21.92
C VAL B 73 36.74 42.24 -22.00
N PHE B 74 36.86 40.98 -22.39
CA PHE B 74 38.19 40.36 -22.48
C PHE B 74 38.67 40.16 -23.92
N ARG B 75 37.74 39.98 -24.84
CA ARG B 75 38.09 39.77 -26.25
C ARG B 75 38.94 38.51 -26.47
N GLN B 76 39.39 37.88 -25.40
CA GLN B 76 40.17 36.66 -25.53
C GLN B 76 39.38 35.52 -24.90
N LEU B 77 38.42 35.02 -25.68
CA LEU B 77 37.51 33.93 -25.30
C LEU B 77 37.97 32.89 -24.26
N PRO B 78 37.03 32.36 -23.45
CA PRO B 78 37.28 31.35 -22.41
C PRO B 78 38.11 30.20 -22.99
N THR B 79 39.42 30.28 -22.76
CA THR B 79 40.42 29.33 -23.27
C THR B 79 40.40 27.83 -22.97
N GLU B 80 39.30 27.29 -22.44
CA GLU B 80 39.24 25.86 -22.12
C GLU B 80 40.24 25.61 -20.99
N ALA B 81 40.99 26.65 -20.63
CA ALA B 81 41.97 26.58 -19.58
C ALA B 81 41.67 27.64 -18.52
N ASP B 82 40.70 28.50 -18.81
CA ASP B 82 40.29 29.53 -17.85
C ASP B 82 39.43 28.82 -16.82
N ILE B 83 39.04 27.61 -17.19
CA ILE B 83 38.25 26.74 -16.33
C ILE B 83 39.37 25.87 -15.77
N GLN B 84 39.09 25.03 -14.79
CA GLN B 84 40.15 24.21 -14.20
C GLN B 84 41.23 25.18 -13.75
N GLU B 85 40.76 26.33 -13.30
CA GLU B 85 41.60 27.42 -12.80
C GLU B 85 40.55 28.21 -12.06
N MET B 86 39.59 28.72 -12.82
CA MET B 86 38.48 29.45 -12.26
C MET B 86 37.54 28.34 -11.83
N TYR B 87 38.10 27.40 -11.08
CA TYR B 87 37.36 26.26 -10.57
C TYR B 87 38.11 25.82 -9.34
N GLU B 88 39.43 25.83 -9.44
CA GLU B 88 40.27 25.48 -8.32
C GLU B 88 39.91 26.49 -7.25
N GLU B 89 39.74 27.74 -7.68
CA GLU B 89 39.38 28.83 -6.77
C GLU B 89 38.00 28.56 -6.18
N PHE B 90 37.25 27.67 -6.82
CA PHE B 90 35.94 27.31 -6.34
C PHE B 90 36.12 26.40 -5.13
N GLU B 91 36.87 25.32 -5.34
CA GLU B 91 37.14 24.34 -4.30
C GLU B 91 37.93 24.95 -3.14
N GLU B 92 38.81 25.89 -3.46
CA GLU B 92 39.62 26.54 -2.44
C GLU B 92 38.73 27.41 -1.56
N ILE B 93 37.90 28.23 -2.18
CA ILE B 93 36.98 29.12 -1.48
C ILE B 93 35.85 28.33 -0.80
N LEU B 94 35.41 27.25 -1.43
CA LEU B 94 34.35 26.44 -0.85
C LEU B 94 34.78 25.81 0.47
N PHE B 95 35.85 25.02 0.44
CA PHE B 95 36.38 24.33 1.63
C PHE B 95 36.38 25.20 2.88
N ALA B 96 36.75 26.46 2.68
CA ALA B 96 36.84 27.43 3.75
C ALA B 96 35.54 28.11 4.15
N ILE B 97 34.41 27.58 3.70
CA ILE B 97 33.14 28.20 4.08
C ILE B 97 32.13 27.11 4.46
N LEU B 98 32.38 25.89 3.98
CA LEU B 98 31.53 24.73 4.26
C LEU B 98 31.28 24.56 5.76
N PRO B 99 32.32 24.79 6.57
CA PRO B 99 32.16 24.65 8.02
C PRO B 99 30.99 25.46 8.54
N ARG B 100 30.68 26.57 7.86
CA ARG B 100 29.55 27.36 8.31
C ARG B 100 28.27 27.06 7.54
N TYR B 101 28.22 25.90 6.89
CA TYR B 101 27.05 25.44 6.13
C TYR B 101 26.85 23.95 6.41
N ALA B 102 26.80 23.57 7.69
CA ALA B 102 26.61 22.16 8.03
C ALA B 102 25.63 21.98 9.18
N SER B 103 24.96 23.06 9.56
CA SER B 103 24.00 22.98 10.64
C SER B 103 22.72 22.32 10.13
N PRO B 104 22.31 21.20 10.74
CA PRO B 104 21.10 20.48 10.31
C PRO B 104 19.88 21.38 10.12
N ILE B 105 18.96 20.93 9.28
CA ILE B 105 17.75 21.68 9.00
C ILE B 105 16.63 21.26 9.95
N ASN B 106 15.76 22.21 10.26
CA ASN B 106 14.63 22.00 11.15
C ASN B 106 13.90 20.67 10.96
N ALA B 107 13.68 19.98 12.07
CA ALA B 107 12.98 18.70 12.11
C ALA B 107 13.80 17.51 11.65
N VAL B 108 15.04 17.73 11.22
CA VAL B 108 15.86 16.63 10.76
C VAL B 108 16.20 15.59 11.84
N LYS B 109 17.01 15.98 12.82
CA LYS B 109 17.40 15.07 13.92
C LYS B 109 16.09 14.68 14.62
N GLU B 110 15.19 15.65 14.65
CA GLU B 110 13.88 15.54 15.26
C GLU B 110 13.05 14.40 14.63
N VAL B 111 13.42 13.97 13.42
CA VAL B 111 12.72 12.91 12.67
C VAL B 111 13.67 11.73 12.41
N ILE B 112 14.96 12.02 12.42
CA ILE B 112 15.96 10.99 12.20
C ILE B 112 15.87 9.91 13.27
N ALA B 113 15.84 10.33 14.54
CA ALA B 113 15.76 9.42 15.69
C ALA B 113 14.45 8.65 15.67
N SER B 114 13.36 9.34 15.31
CA SER B 114 12.04 8.75 15.21
C SER B 114 12.13 7.60 14.24
N LEU B 115 12.85 7.81 13.13
CA LEU B 115 13.02 6.78 12.12
C LEU B 115 13.94 5.67 12.63
N ARG B 116 15.05 6.06 13.24
CA ARG B 116 16.04 5.12 13.75
C ARG B 116 15.44 4.17 14.78
N GLU B 117 14.44 4.66 15.51
CA GLU B 117 13.80 3.84 16.52
C GLU B 117 12.99 2.72 15.87
N ARG B 118 12.60 2.90 14.61
CA ARG B 118 11.82 1.89 13.90
C ARG B 118 12.70 0.85 13.21
N GLY B 119 14.02 1.05 13.30
CA GLY B 119 14.92 0.12 12.67
C GLY B 119 15.05 0.48 11.19
N ILE B 120 14.96 1.78 10.91
CA ILE B 120 15.05 2.29 9.55
C ILE B 120 16.42 2.94 9.40
N LYS B 121 17.26 2.38 8.54
CA LYS B 121 18.59 2.90 8.31
C LYS B 121 18.60 4.27 7.68
N ILE B 122 19.79 4.87 7.59
CA ILE B 122 19.91 6.18 6.98
C ILE B 122 21.14 6.24 6.06
N GLY B 123 20.91 6.27 4.76
CA GLY B 123 22.00 6.35 3.81
C GLY B 123 22.04 7.76 3.24
N SER B 124 23.06 8.09 2.48
CA SER B 124 23.11 9.43 1.88
C SER B 124 23.97 9.48 0.61
N THR B 125 23.66 10.45 -0.23
CA THR B 125 24.37 10.67 -1.49
C THR B 125 24.46 12.19 -1.68
N THR B 126 25.54 12.64 -2.28
CA THR B 126 25.73 14.07 -2.48
C THR B 126 26.38 14.35 -3.81
N GLY B 127 26.45 15.65 -4.08
CA GLY B 127 27.09 16.17 -5.28
C GLY B 127 28.29 16.96 -4.78
N TYR B 128 29.02 16.31 -3.87
CA TYR B 128 30.22 16.89 -3.26
C TYR B 128 31.32 15.86 -3.33
N THR B 129 32.56 16.33 -3.22
CA THR B 129 33.74 15.48 -3.27
C THR B 129 33.90 14.73 -1.96
N ARG B 130 34.84 13.80 -1.92
CA ARG B 130 35.07 13.05 -0.70
C ARG B 130 35.71 14.03 0.29
N GLU B 131 36.60 14.86 -0.23
CA GLU B 131 37.30 15.86 0.57
C GLU B 131 36.37 16.99 0.91
N MET B 132 35.45 17.26 -0.02
CA MET B 132 34.49 18.34 0.13
C MET B 132 33.53 18.02 1.28
N MET B 133 33.09 16.77 1.35
CA MET B 133 32.17 16.36 2.41
C MET B 133 32.87 16.20 3.75
N ASP B 134 34.19 15.96 3.72
CA ASP B 134 34.94 15.81 4.95
C ASP B 134 34.75 17.03 5.84
N ILE B 135 34.78 18.20 5.22
CA ILE B 135 34.62 19.45 5.95
C ILE B 135 33.15 19.79 6.07
N VAL B 136 32.30 18.76 6.14
CA VAL B 136 30.86 18.94 6.27
C VAL B 136 30.29 17.92 7.24
N ALA B 137 30.56 16.64 6.95
CA ALA B 137 30.06 15.54 7.77
C ALA B 137 30.57 15.63 9.20
N LYS B 138 31.75 16.23 9.34
CA LYS B 138 32.40 16.38 10.65
C LYS B 138 31.64 17.36 11.52
N GLU B 139 31.31 18.54 10.99
CA GLU B 139 30.58 19.50 11.80
C GLU B 139 29.07 19.39 11.71
N ALA B 140 28.60 18.26 11.18
CA ALA B 140 27.17 18.02 11.07
C ALA B 140 26.84 17.10 12.23
N ALA B 141 27.70 16.09 12.40
CA ALA B 141 27.58 15.10 13.46
C ALA B 141 27.59 15.84 14.79
N LEU B 142 28.51 16.80 14.89
CA LEU B 142 28.65 17.63 16.08
C LEU B 142 27.36 18.37 16.38
N GLN B 143 26.58 18.66 15.35
CA GLN B 143 25.33 19.38 15.55
C GLN B 143 24.07 18.51 15.53
N GLY B 144 24.27 17.20 15.63
CA GLY B 144 23.12 16.31 15.67
C GLY B 144 22.79 15.48 14.43
N TYR B 145 23.63 15.57 13.39
CA TYR B 145 23.36 14.78 12.21
C TYR B 145 24.50 13.88 11.79
N LYS B 146 24.24 12.60 11.66
CA LYS B 146 25.25 11.65 11.24
C LYS B 146 24.59 10.37 10.77
N PRO B 147 24.49 10.18 9.43
CA PRO B 147 23.88 9.00 8.82
C PRO B 147 24.70 7.71 8.90
N ASP B 148 24.01 6.59 8.71
CA ASP B 148 24.64 5.28 8.77
C ASP B 148 25.69 5.12 7.70
N PHE B 149 25.59 5.91 6.63
CA PHE B 149 26.56 5.82 5.55
C PHE B 149 26.63 7.09 4.72
N LEU B 150 27.76 7.27 4.03
CA LEU B 150 28.00 8.45 3.18
C LEU B 150 28.55 7.95 1.85
N VAL B 151 28.04 8.50 0.74
CA VAL B 151 28.50 8.09 -0.58
C VAL B 151 28.69 9.33 -1.44
N THR B 152 29.89 9.50 -1.98
CA THR B 152 30.15 10.66 -2.83
C THR B 152 30.49 10.22 -4.24
N PRO B 153 30.40 11.14 -5.21
CA PRO B 153 30.70 10.77 -6.60
C PRO B 153 32.06 10.09 -6.78
N ASP B 154 33.02 10.44 -5.92
CA ASP B 154 34.36 9.88 -5.98
C ASP B 154 34.34 8.36 -5.82
N ASP B 155 33.25 7.83 -5.28
CA ASP B 155 33.14 6.39 -5.06
C ASP B 155 32.61 5.63 -6.26
N VAL B 156 32.08 6.37 -7.23
CA VAL B 156 31.51 5.76 -8.43
C VAL B 156 31.87 6.48 -9.73
N PRO B 157 31.71 5.78 -10.87
CA PRO B 157 32.02 6.35 -12.18
C PRO B 157 31.35 7.69 -12.43
N ALA B 158 30.06 7.67 -12.76
CA ALA B 158 29.32 8.88 -13.05
C ALA B 158 28.68 9.53 -11.83
N GLY B 159 28.10 10.71 -12.03
CA GLY B 159 27.48 11.44 -10.94
C GLY B 159 25.97 11.40 -10.79
N ARG B 160 25.47 12.35 -10.00
CA ARG B 160 24.06 12.48 -9.67
C ARG B 160 23.04 11.85 -10.57
N PRO B 161 22.91 12.33 -11.82
CA PRO B 161 21.91 11.70 -12.68
C PRO B 161 21.93 10.17 -12.54
N TYR B 162 23.04 9.55 -12.90
CA TYR B 162 23.17 8.11 -12.79
C TYR B 162 22.82 7.71 -11.35
N PRO B 163 22.34 6.47 -11.15
CA PRO B 163 21.95 5.95 -9.83
C PRO B 163 23.09 5.20 -9.11
N TRP B 164 24.32 5.38 -9.57
CA TRP B 164 25.49 4.71 -9.01
C TRP B 164 25.71 4.88 -7.51
N MET B 165 25.73 6.11 -7.04
CA MET B 165 25.92 6.37 -5.62
C MET B 165 24.85 5.65 -4.81
N CYS B 166 23.58 5.85 -5.15
CA CYS B 166 22.51 5.19 -4.44
C CYS B 166 22.71 3.66 -4.38
N TYR B 167 23.18 3.03 -5.45
CA TYR B 167 23.36 1.58 -5.39
C TYR B 167 24.36 1.16 -4.32
N LYS B 168 25.29 2.06 -3.99
CA LYS B 168 26.28 1.74 -2.97
C LYS B 168 25.63 1.69 -1.60
N ASN B 169 24.76 2.66 -1.30
CA ASN B 169 24.05 2.70 -0.03
C ASN B 169 23.36 1.39 0.31
N ALA B 170 22.55 0.87 -0.61
CA ALA B 170 21.83 -0.39 -0.38
C ALA B 170 22.79 -1.56 -0.15
N MET B 171 23.89 -1.57 -0.88
CA MET B 171 24.88 -2.63 -0.75
C MET B 171 25.49 -2.60 0.64
N GLU B 172 25.56 -1.40 1.23
CA GLU B 172 26.10 -1.17 2.57
C GLU B 172 25.08 -1.39 3.68
N LEU B 173 23.90 -0.80 3.53
CA LEU B 173 22.84 -0.92 4.53
C LEU B 173 22.17 -2.30 4.48
N GLY B 174 22.42 -3.06 3.42
CA GLY B 174 21.82 -4.38 3.30
C GLY B 174 20.32 -4.40 3.00
N VAL B 175 19.76 -3.30 2.52
CA VAL B 175 18.33 -3.19 2.18
C VAL B 175 18.10 -3.76 0.79
N TYR B 176 17.16 -4.70 0.66
CA TYR B 176 16.92 -5.33 -0.63
C TYR B 176 16.39 -4.54 -1.81
N PRO B 177 15.20 -4.88 -2.34
CA PRO B 177 14.78 -4.07 -3.49
C PRO B 177 14.87 -2.57 -3.28
N MET B 178 15.30 -1.85 -4.31
CA MET B 178 15.34 -0.41 -4.16
C MET B 178 13.93 0.06 -3.75
N ASN B 179 12.93 -0.81 -3.92
CA ASN B 179 11.54 -0.51 -3.55
C ASN B 179 11.46 -0.12 -2.09
N HIS B 180 12.27 -0.79 -1.27
CA HIS B 180 12.31 -0.53 0.15
C HIS B 180 13.27 0.60 0.47
N MET B 181 13.15 1.71 -0.25
CA MET B 181 14.03 2.85 -0.02
C MET B 181 13.42 4.13 -0.58
N ILE B 182 13.45 5.21 0.20
CA ILE B 182 12.93 6.48 -0.27
C ILE B 182 14.14 7.39 -0.44
N LYS B 183 14.07 8.31 -1.40
CA LYS B 183 15.14 9.26 -1.64
C LYS B 183 14.53 10.62 -1.36
N VAL B 184 15.28 11.51 -0.73
CA VAL B 184 14.73 12.83 -0.45
C VAL B 184 15.76 13.82 -0.92
N GLY B 185 15.31 14.82 -1.68
CA GLY B 185 16.20 15.84 -2.19
C GLY B 185 15.51 17.17 -2.37
N ASP B 186 16.28 18.18 -2.76
CA ASP B 186 15.76 19.53 -2.99
C ASP B 186 15.95 19.98 -4.44
N THR B 187 16.34 19.02 -5.30
CA THR B 187 16.56 19.34 -6.72
C THR B 187 15.92 18.31 -7.64
N VAL B 188 15.53 18.75 -8.83
CA VAL B 188 14.93 17.85 -9.80
C VAL B 188 15.90 16.71 -10.06
N SER B 189 17.20 17.03 -10.01
CA SER B 189 18.20 16.02 -10.23
C SER B 189 18.01 14.90 -9.22
N ASP B 190 17.72 15.29 -7.97
CA ASP B 190 17.51 14.30 -6.93
C ASP B 190 16.38 13.38 -7.35
N MET B 191 15.33 13.95 -7.92
CA MET B 191 14.20 13.14 -8.39
C MET B 191 14.73 12.20 -9.49
N LYS B 192 15.46 12.76 -10.46
CA LYS B 192 15.98 11.93 -11.53
C LYS B 192 16.86 10.84 -10.97
N GLU B 193 17.59 11.12 -9.89
CA GLU B 193 18.45 10.12 -9.29
C GLU B 193 17.61 8.95 -8.79
N GLY B 194 16.69 9.23 -7.86
CA GLY B 194 15.83 8.18 -7.32
C GLY B 194 15.12 7.48 -8.45
N ARG B 195 14.73 8.28 -9.44
CA ARG B 195 14.06 7.81 -10.65
C ARG B 195 14.84 6.68 -11.31
N ASN B 196 16.11 6.91 -11.62
CA ASN B 196 16.90 5.87 -12.26
C ASN B 196 17.42 4.87 -11.23
N ALA B 197 17.22 5.22 -9.96
CA ALA B 197 17.64 4.37 -8.86
C ALA B 197 16.57 3.27 -8.69
N GLY B 198 15.32 3.63 -8.90
CA GLY B 198 14.23 2.67 -8.78
C GLY B 198 13.71 2.65 -7.37
N MET B 199 13.72 3.82 -6.74
CA MET B 199 13.30 3.95 -5.37
C MET B 199 12.33 5.10 -5.19
N TRP B 200 11.46 5.00 -4.18
CA TRP B 200 10.49 6.06 -3.94
C TRP B 200 11.19 7.40 -3.80
N THR B 201 10.62 8.44 -4.39
CA THR B 201 11.26 9.75 -4.33
C THR B 201 10.39 10.87 -3.77
N VAL B 202 10.98 11.65 -2.87
CA VAL B 202 10.29 12.75 -2.23
C VAL B 202 11.16 13.97 -2.35
N GLY B 203 10.56 15.14 -2.55
CA GLY B 203 11.36 16.33 -2.64
C GLY B 203 10.73 17.35 -1.71
N VAL B 204 11.48 17.76 -0.70
CA VAL B 204 11.00 18.76 0.26
C VAL B 204 11.00 20.11 -0.43
N ILE B 205 10.18 21.04 0.06
CA ILE B 205 10.08 22.36 -0.54
C ILE B 205 10.82 23.48 0.16
N LEU B 206 10.54 23.70 1.45
CA LEU B 206 11.17 24.77 2.22
C LEU B 206 12.65 24.51 2.49
N GLY B 207 13.50 25.49 2.15
CA GLY B 207 14.93 25.33 2.34
C GLY B 207 15.52 24.47 1.23
N SER B 208 14.85 24.46 0.08
CA SER B 208 15.29 23.67 -1.07
C SER B 208 16.00 24.52 -2.11
N SER B 209 16.96 23.92 -2.80
CA SER B 209 17.68 24.64 -3.85
C SER B 209 16.68 25.25 -4.81
N GLU B 210 15.67 24.45 -5.15
CA GLU B 210 14.61 24.88 -6.05
C GLU B 210 13.95 26.14 -5.52
N LEU B 211 13.21 25.99 -4.43
CA LEU B 211 12.52 27.11 -3.82
C LEU B 211 13.44 28.32 -3.76
N GLY B 212 14.72 28.06 -3.50
CA GLY B 212 15.74 29.09 -3.43
C GLY B 212 15.46 30.25 -2.49
N LEU B 213 15.48 29.99 -1.18
CA LEU B 213 15.23 31.03 -0.19
C LEU B 213 15.92 30.70 1.13
N THR B 214 16.33 31.73 1.86
CA THR B 214 16.95 31.52 3.15
C THR B 214 15.83 31.57 4.15
N GLU B 215 16.04 30.97 5.32
CA GLU B 215 15.01 30.95 6.34
C GLU B 215 14.45 32.32 6.66
N GLU B 216 15.30 33.34 6.61
CA GLU B 216 14.89 34.71 6.90
C GLU B 216 13.80 35.17 5.92
N GLU B 217 14.09 35.06 4.62
CA GLU B 217 13.14 35.45 3.58
C GLU B 217 11.78 34.81 3.80
N VAL B 218 11.75 33.49 3.79
CA VAL B 218 10.51 32.76 3.98
C VAL B 218 9.67 33.25 5.16
N GLU B 219 10.33 33.54 6.27
CA GLU B 219 9.63 33.99 7.47
C GLU B 219 9.24 35.47 7.43
N ASN B 220 9.59 36.17 6.36
CA ASN B 220 9.26 37.58 6.27
C ASN B 220 8.68 37.95 4.90
N MET B 221 8.07 36.98 4.23
CA MET B 221 7.47 37.18 2.91
C MET B 221 5.93 37.15 2.92
N ASP B 222 5.36 36.54 3.96
CA ASP B 222 3.90 36.45 4.09
C ASP B 222 3.23 35.54 3.07
N SER B 223 2.06 35.05 3.46
CA SER B 223 1.26 34.16 2.64
C SER B 223 1.11 34.58 1.19
N VAL B 224 0.56 33.65 0.42
CA VAL B 224 0.29 33.83 -1.01
C VAL B 224 1.56 33.85 -1.84
N GLU B 225 2.27 34.97 -1.82
CA GLU B 225 3.52 35.08 -2.58
C GLU B 225 4.40 33.89 -2.25
N LEU B 226 4.39 33.53 -0.97
CA LEU B 226 5.17 32.41 -0.47
C LEU B 226 4.56 31.09 -0.93
N ARG B 227 3.24 31.01 -0.86
CA ARG B 227 2.53 29.80 -1.24
C ARG B 227 2.68 29.52 -2.72
N GLU B 228 2.69 30.59 -3.52
CA GLU B 228 2.84 30.47 -4.97
C GLU B 228 4.20 29.88 -5.29
N LYS B 229 5.25 30.50 -4.77
CA LYS B 229 6.62 30.02 -4.96
C LYS B 229 6.70 28.55 -4.63
N ILE B 230 5.98 28.15 -3.59
CA ILE B 230 5.99 26.76 -3.16
C ILE B 230 5.32 25.83 -4.17
N GLU B 231 4.19 26.25 -4.71
CA GLU B 231 3.50 25.42 -5.68
C GLU B 231 4.33 25.30 -6.95
N VAL B 232 5.01 26.39 -7.30
CA VAL B 232 5.87 26.38 -8.49
C VAL B 232 6.82 25.22 -8.34
N VAL B 233 7.55 25.21 -7.21
CA VAL B 233 8.51 24.17 -6.92
C VAL B 233 7.81 22.82 -6.77
N ARG B 234 6.65 22.81 -6.12
CA ARG B 234 5.92 21.57 -5.94
C ARG B 234 5.63 20.97 -7.32
N ASN B 235 5.16 21.82 -8.23
CA ASN B 235 4.88 21.39 -9.59
C ASN B 235 6.12 20.80 -10.20
N ARG B 236 7.10 21.66 -10.43
CA ARG B 236 8.38 21.27 -11.00
C ARG B 236 8.76 19.85 -10.57
N PHE B 237 8.88 19.64 -9.26
CA PHE B 237 9.23 18.32 -8.73
C PHE B 237 8.38 17.27 -9.41
N VAL B 238 7.07 17.45 -9.31
CA VAL B 238 6.10 16.52 -9.87
C VAL B 238 6.34 16.30 -11.35
N GLU B 239 6.50 17.39 -12.09
CA GLU B 239 6.68 17.31 -13.53
C GLU B 239 7.93 16.51 -13.86
N ASN B 240 8.71 16.15 -12.84
CA ASN B 240 9.90 15.36 -13.11
C ASN B 240 9.81 13.99 -12.47
N GLY B 241 8.59 13.48 -12.32
CA GLY B 241 8.37 12.15 -11.76
C GLY B 241 8.56 11.96 -10.28
N ALA B 242 8.24 12.99 -9.51
CA ALA B 242 8.36 12.96 -8.06
C ALA B 242 7.18 12.22 -7.44
N HIS B 243 7.40 11.03 -6.91
CA HIS B 243 6.30 10.28 -6.29
C HIS B 243 5.62 11.07 -5.17
N PHE B 244 6.39 11.88 -4.45
CA PHE B 244 5.83 12.69 -3.38
C PHE B 244 6.47 14.07 -3.33
N THR B 245 6.04 14.86 -2.36
CA THR B 245 6.48 16.23 -2.16
C THR B 245 6.05 16.66 -0.78
N ILE B 246 6.95 17.33 -0.05
CA ILE B 246 6.63 17.79 1.28
C ILE B 246 7.17 19.19 1.51
N GLU B 247 6.48 19.94 2.37
CA GLU B 247 6.89 21.29 2.72
C GLU B 247 8.03 21.31 3.74
N THR B 248 8.07 20.29 4.60
CA THR B 248 9.10 20.14 5.63
C THR B 248 9.24 18.66 5.93
N MET B 249 10.39 18.28 6.48
CA MET B 249 10.69 16.87 6.77
C MET B 249 9.75 16.21 7.80
N GLN B 250 8.95 17.03 8.46
CA GLN B 250 7.98 16.54 9.44
C GLN B 250 7.02 15.55 8.76
N GLU B 251 6.68 15.82 7.51
CA GLU B 251 5.73 14.99 6.74
C GLU B 251 6.29 13.72 6.14
N LEU B 252 7.59 13.50 6.28
CA LEU B 252 8.19 12.31 5.72
C LEU B 252 7.70 11.00 6.31
N GLU B 253 7.51 10.96 7.62
CA GLU B 253 7.11 9.71 8.27
C GLU B 253 5.69 9.31 7.89
N SER B 254 4.86 10.30 7.59
CA SER B 254 3.50 10.03 7.20
C SER B 254 3.55 9.46 5.79
N VAL B 255 4.32 10.13 4.92
CA VAL B 255 4.49 9.70 3.54
C VAL B 255 5.07 8.32 3.51
N MET B 256 6.03 8.09 4.39
CA MET B 256 6.70 6.82 4.46
C MET B 256 5.67 5.73 4.73
N GLU B 257 4.62 6.10 5.45
CA GLU B 257 3.56 5.19 5.82
C GLU B 257 2.56 5.04 4.67
N HIS B 258 2.21 6.15 4.05
CA HIS B 258 1.28 6.16 2.94
C HIS B 258 1.68 5.07 1.95
N ILE B 259 2.94 5.14 1.51
CA ILE B 259 3.49 4.16 0.57
C ILE B 259 3.18 2.73 0.99
N GLU B 260 2.94 2.54 2.29
CA GLU B 260 2.65 1.20 2.79
C GLU B 260 1.21 0.78 2.61
N LYS B 261 0.29 1.70 2.87
CA LYS B 261 -1.13 1.40 2.72
C LYS B 261 -1.53 1.53 1.26
N GLN B 262 -1.10 2.63 0.64
CA GLN B 262 -1.35 2.95 -0.78
C GLN B 262 -0.62 1.96 -1.70
N GLU B 263 -1.26 0.83 -1.96
CA GLU B 263 -0.63 -0.20 -2.80
C GLU B 263 -0.42 0.23 -4.25
N LEU B 264 0.69 0.94 -4.48
CA LEU B 264 1.03 1.40 -5.82
C LEU B 264 2.40 0.91 -6.24
N ILE B 265 2.47 0.23 -7.39
CA ILE B 265 3.72 -0.28 -7.91
C ILE B 265 4.50 0.87 -8.53
N ILE B 266 5.79 0.94 -8.25
CA ILE B 266 6.63 2.01 -8.76
C ILE B 266 7.50 1.58 -9.92
N SER B 267 7.27 2.20 -11.07
CA SER B 267 8.01 1.92 -12.29
C SER B 267 7.39 2.70 -13.46
N LYS C 5 -4.45 9.37 -19.73
CA LYS C 5 -4.63 8.19 -18.85
C LYS C 5 -5.94 8.32 -18.09
N ILE C 6 -6.17 9.48 -17.49
CA ILE C 6 -7.41 9.73 -16.75
C ILE C 6 -8.47 10.22 -17.71
N GLU C 7 -9.28 9.28 -18.21
CA GLU C 7 -10.35 9.55 -19.17
C GLU C 7 -11.67 9.97 -18.53
N ALA C 8 -11.98 9.44 -17.35
CA ALA C 8 -13.21 9.79 -16.66
C ALA C 8 -13.04 9.84 -15.15
N VAL C 9 -13.90 10.62 -14.50
CA VAL C 9 -13.91 10.77 -13.05
C VAL C 9 -15.28 10.37 -12.50
N ILE C 10 -15.28 9.44 -11.54
CA ILE C 10 -16.52 8.96 -10.93
C ILE C 10 -16.71 9.64 -9.57
N PHE C 11 -17.70 10.54 -9.48
CA PHE C 11 -17.93 11.25 -8.24
C PHE C 11 -18.98 10.57 -7.36
N ASP C 12 -18.87 10.87 -6.07
CA ASP C 12 -19.79 10.36 -5.05
C ASP C 12 -20.96 11.33 -5.10
N TRP C 13 -22.08 11.00 -4.46
CA TRP C 13 -23.23 11.90 -4.52
C TRP C 13 -23.65 12.71 -3.30
N ALA C 14 -23.27 12.30 -2.10
CA ALA C 14 -23.62 13.03 -0.87
C ALA C 14 -22.43 13.18 0.07
N GLY C 15 -21.69 14.26 -0.10
CA GLY C 15 -20.51 14.54 0.70
C GLY C 15 -19.43 15.15 -0.16
N THR C 16 -19.46 14.82 -1.45
CA THR C 16 -18.49 15.31 -2.43
C THR C 16 -19.05 16.37 -3.37
N THR C 17 -20.16 16.07 -4.03
CA THR C 17 -20.76 17.00 -4.97
C THR C 17 -21.71 17.98 -4.29
N VAL C 18 -22.74 17.45 -3.62
CA VAL C 18 -23.74 18.27 -2.91
C VAL C 18 -23.46 18.32 -1.39
N ASP C 19 -24.53 18.41 -0.59
CA ASP C 19 -24.44 18.46 0.88
C ASP C 19 -23.04 18.71 1.48
N TYR C 20 -22.72 19.97 1.79
CA TYR C 20 -21.43 20.25 2.39
C TYR C 20 -21.53 19.86 3.85
N GLY C 21 -21.21 18.61 4.14
CA GLY C 21 -21.29 18.12 5.51
C GLY C 21 -22.04 16.82 5.55
N CYS C 22 -22.93 16.62 4.58
CA CYS C 22 -23.75 15.42 4.49
C CYS C 22 -24.70 15.31 5.69
N PHE C 23 -25.58 16.30 5.84
CA PHE C 23 -26.54 16.33 6.95
C PHE C 23 -27.95 15.95 6.53
N ALA C 24 -28.16 15.68 5.26
CA ALA C 24 -29.49 15.29 4.78
C ALA C 24 -30.09 14.21 5.68
N PRO C 25 -29.43 13.04 5.81
CA PRO C 25 -30.03 12.02 6.68
C PRO C 25 -30.08 12.49 8.12
N LEU C 26 -28.96 13.04 8.59
CA LEU C 26 -28.84 13.51 9.97
C LEU C 26 -29.98 14.44 10.38
N GLU C 27 -30.07 15.57 9.71
CA GLU C 27 -31.11 16.54 10.01
C GLU C 27 -32.50 16.00 9.68
N VAL C 28 -32.69 14.70 9.84
CA VAL C 28 -33.98 14.06 9.58
C VAL C 28 -34.19 13.00 10.64
N PHE C 29 -33.07 12.43 11.09
CA PHE C 29 -33.06 11.42 12.13
C PHE C 29 -33.37 12.14 13.43
N MET C 30 -32.71 13.27 13.63
CA MET C 30 -32.88 14.07 14.83
C MET C 30 -34.17 14.87 14.82
N GLU C 31 -34.95 14.72 13.76
CA GLU C 31 -36.20 15.44 13.75
C GLU C 31 -37.28 14.47 14.17
N ILE C 32 -37.13 13.23 13.76
CA ILE C 32 -38.10 12.20 14.11
C ILE C 32 -38.08 11.96 15.62
N PHE C 33 -36.92 12.20 16.22
CA PHE C 33 -36.72 12.04 17.67
C PHE C 33 -37.07 13.33 18.40
N HIS C 34 -36.85 14.46 17.76
CA HIS C 34 -37.18 15.72 18.39
C HIS C 34 -38.66 15.99 18.32
N LYS C 35 -39.36 15.16 17.56
CA LYS C 35 -40.80 15.32 17.38
C LYS C 35 -41.55 14.43 18.36
N ARG C 36 -40.83 13.48 18.94
CA ARG C 36 -41.44 12.59 19.90
C ARG C 36 -41.03 12.93 21.32
N GLY C 37 -40.21 13.97 21.48
CA GLY C 37 -39.76 14.40 22.80
C GLY C 37 -38.27 14.22 23.16
N VAL C 38 -37.66 13.15 22.64
CA VAL C 38 -36.25 12.88 22.94
C VAL C 38 -35.30 13.47 21.91
N ALA C 39 -34.73 14.62 22.24
CA ALA C 39 -33.79 15.31 21.36
C ALA C 39 -32.44 14.61 21.29
N ILE C 40 -31.80 14.70 20.13
CA ILE C 40 -30.49 14.07 19.92
C ILE C 40 -29.62 14.97 19.06
N THR C 41 -28.30 14.77 19.15
CA THR C 41 -27.32 15.56 18.40
C THR C 41 -27.00 14.90 17.06
N ALA C 42 -26.62 15.72 16.10
CA ALA C 42 -26.27 15.23 14.78
C ALA C 42 -25.06 14.32 14.91
N GLU C 43 -24.28 14.52 15.97
CA GLU C 43 -23.10 13.71 16.23
C GLU C 43 -23.51 12.26 16.51
N GLU C 44 -24.59 12.09 17.25
CA GLU C 44 -25.11 10.77 17.61
C GLU C 44 -25.89 10.18 16.45
N ALA C 45 -26.49 11.09 15.68
CA ALA C 45 -27.30 10.72 14.53
C ALA C 45 -26.52 9.97 13.46
N ARG C 46 -25.21 10.18 13.41
CA ARG C 46 -24.41 9.52 12.40
C ARG C 46 -23.28 8.59 12.85
N LYS C 47 -23.58 7.58 13.67
CA LYS C 47 -22.50 6.65 14.03
C LYS C 47 -22.28 5.92 12.71
N PRO C 48 -23.02 4.82 12.43
CA PRO C 48 -22.71 4.26 11.10
C PRO C 48 -23.65 5.00 10.13
N MET C 49 -23.18 5.35 8.93
CA MET C 49 -24.02 6.10 7.98
C MET C 49 -24.46 5.39 6.69
N PRO C 50 -23.52 4.75 5.98
CA PRO C 50 -23.85 4.06 4.73
C PRO C 50 -25.00 3.05 4.89
N LEU C 51 -25.47 2.89 6.13
CA LEU C 51 -26.55 1.98 6.45
C LEU C 51 -27.78 2.78 6.88
N LEU C 52 -28.32 3.57 5.96
CA LEU C 52 -29.49 4.40 6.25
C LEU C 52 -30.74 3.56 6.44
N LYS C 53 -30.58 2.24 6.44
CA LYS C 53 -31.71 1.33 6.59
C LYS C 53 -32.41 1.47 7.95
N ILE C 54 -33.39 0.62 8.21
CA ILE C 54 -34.17 0.66 9.44
C ILE C 54 -33.38 0.49 10.74
N ASP C 55 -32.45 -0.46 10.74
CA ASP C 55 -31.67 -0.72 11.93
C ASP C 55 -30.68 0.36 12.32
N HIS C 56 -30.78 1.52 11.65
CA HIS C 56 -29.90 2.64 11.96
C HIS C 56 -30.66 3.41 13.04
N VAL C 57 -31.97 3.48 12.88
CA VAL C 57 -32.83 4.16 13.84
C VAL C 57 -32.87 3.29 15.08
N ARG C 58 -32.70 1.99 14.86
CA ARG C 58 -32.70 1.00 15.93
C ARG C 58 -31.42 1.07 16.76
N ALA C 59 -30.35 1.56 16.13
CA ALA C 59 -29.07 1.68 16.79
C ALA C 59 -29.02 2.95 17.63
N LEU C 60 -29.84 3.94 17.26
CA LEU C 60 -29.92 5.20 17.99
C LEU C 60 -30.94 4.96 19.10
N THR C 61 -31.61 3.81 19.00
CA THR C 61 -32.64 3.34 19.92
C THR C 61 -32.03 2.63 21.13
N GLU C 62 -31.13 1.69 20.87
CA GLU C 62 -30.45 0.94 21.93
C GLU C 62 -29.18 1.65 22.33
N MET C 63 -29.13 2.95 22.08
CA MET C 63 -27.96 3.73 22.44
C MET C 63 -28.19 4.32 23.82
N PRO C 64 -27.35 3.98 24.81
CA PRO C 64 -27.57 4.55 26.15
C PRO C 64 -27.76 6.06 26.04
N ARG C 65 -28.30 6.70 27.08
CA ARG C 65 -28.54 8.13 27.09
C ARG C 65 -29.78 8.42 26.26
N ILE C 66 -29.86 7.83 25.08
CA ILE C 66 -31.03 8.02 24.23
C ILE C 66 -32.05 6.97 24.66
N ALA C 67 -31.60 5.85 25.21
CA ALA C 67 -32.53 4.84 25.71
C ALA C 67 -33.13 5.55 26.91
N SER C 68 -32.25 6.21 27.69
CA SER C 68 -32.64 7.02 28.84
C SER C 68 -33.39 8.12 28.08
N GLU C 69 -34.19 8.94 28.74
CA GLU C 69 -34.96 9.92 27.97
C GLU C 69 -35.86 8.99 27.16
N TRP C 70 -36.97 9.48 26.63
CA TRP C 70 -37.86 8.59 25.89
C TRP C 70 -38.51 7.63 26.88
N ASN C 71 -37.71 7.05 27.77
CA ASN C 71 -38.25 6.16 28.79
C ASN C 71 -38.79 7.11 29.85
N ARG C 72 -38.14 8.27 29.95
CA ARG C 72 -38.51 9.32 30.91
C ARG C 72 -39.47 10.32 30.29
N VAL C 73 -40.05 9.93 29.16
CA VAL C 73 -41.01 10.75 28.42
C VAL C 73 -42.21 9.89 28.07
N PHE C 74 -41.94 8.70 27.52
CA PHE C 74 -42.98 7.75 27.16
C PHE C 74 -43.13 6.73 28.29
N ARG C 75 -42.41 6.95 29.39
CA ARG C 75 -42.44 6.08 30.55
C ARG C 75 -42.28 4.64 30.11
N GLN C 76 -41.43 4.43 29.13
CA GLN C 76 -41.21 3.10 28.62
C GLN C 76 -40.14 3.17 27.54
N LEU C 77 -39.50 2.04 27.24
CA LEU C 77 -38.46 2.01 26.22
C LEU C 77 -39.06 1.74 24.83
N PRO C 78 -38.35 2.13 23.77
CA PRO C 78 -38.84 1.91 22.40
C PRO C 78 -39.33 0.48 22.17
N THR C 79 -40.13 0.31 21.13
CA THR C 79 -40.67 -0.99 20.77
C THR C 79 -40.42 -1.25 19.28
N GLU C 80 -40.70 -2.48 18.82
CA GLU C 80 -40.48 -2.80 17.42
C GLU C 80 -41.38 -1.92 16.54
N ALA C 81 -42.45 -1.44 17.12
CA ALA C 81 -43.41 -0.60 16.40
C ALA C 81 -43.04 0.86 16.40
N ASP C 82 -42.38 1.30 17.45
CA ASP C 82 -41.98 2.69 17.55
C ASP C 82 -40.92 3.00 16.51
N ILE C 83 -40.11 1.98 16.20
CA ILE C 83 -39.01 2.07 15.23
C ILE C 83 -39.53 1.99 13.80
N GLN C 84 -40.20 0.89 13.46
CA GLN C 84 -40.72 0.74 12.11
C GLN C 84 -41.80 1.78 11.79
N GLU C 85 -41.84 2.85 12.58
CA GLU C 85 -42.80 3.93 12.37
C GLU C 85 -42.00 5.21 12.24
N MET C 86 -40.79 5.19 12.79
CA MET C 86 -39.91 6.34 12.72
C MET C 86 -39.12 6.22 11.41
N TYR C 87 -38.96 5.00 10.94
CA TYR C 87 -38.25 4.76 9.69
C TYR C 87 -39.26 4.90 8.56
N GLU C 88 -40.44 4.35 8.78
CA GLU C 88 -41.53 4.43 7.80
C GLU C 88 -41.98 5.86 7.68
N GLU C 89 -41.12 6.80 8.07
CA GLU C 89 -41.43 8.21 7.99
C GLU C 89 -40.12 8.99 7.81
N PHE C 90 -39.02 8.30 8.08
CA PHE C 90 -37.67 8.84 7.96
C PHE C 90 -37.46 9.20 6.49
N GLU C 91 -37.73 8.22 5.63
CA GLU C 91 -37.59 8.42 4.20
C GLU C 91 -38.67 9.31 3.63
N GLU C 92 -39.83 9.34 4.26
CA GLU C 92 -40.89 10.19 3.76
C GLU C 92 -40.59 11.67 3.97
N ILE C 93 -39.84 11.98 5.03
CA ILE C 93 -39.45 13.35 5.32
C ILE C 93 -38.13 13.63 4.62
N LEU C 94 -37.48 12.55 4.21
CA LEU C 94 -36.21 12.62 3.49
C LEU C 94 -36.62 13.11 2.10
N PHE C 95 -37.55 12.41 1.45
CA PHE C 95 -38.02 12.85 0.13
C PHE C 95 -38.89 14.10 0.36
N ALA C 96 -38.25 15.24 0.54
CA ALA C 96 -38.98 16.48 0.76
C ALA C 96 -37.95 17.44 1.30
N ILE C 97 -36.89 16.85 1.85
CA ILE C 97 -35.80 17.61 2.40
C ILE C 97 -34.57 17.43 1.48
N LEU C 98 -34.42 16.23 0.89
CA LEU C 98 -33.30 15.92 -0.02
C LEU C 98 -33.13 17.00 -1.08
N PRO C 99 -34.24 17.55 -1.60
CA PRO C 99 -34.12 18.60 -2.60
C PRO C 99 -33.47 19.82 -1.96
N ARG C 100 -33.66 20.00 -0.65
CA ARG C 100 -33.08 21.13 0.06
C ARG C 100 -31.55 20.96 0.19
N TYR C 101 -31.11 19.73 0.04
CA TYR C 101 -29.69 19.37 0.10
C TYR C 101 -29.33 18.64 -1.19
N ALA C 102 -29.28 19.35 -2.30
CA ALA C 102 -28.95 18.73 -3.57
C ALA C 102 -28.31 19.73 -4.53
N SER C 103 -27.64 20.73 -3.98
CA SER C 103 -27.00 21.74 -4.79
C SER C 103 -25.50 21.61 -4.62
N PRO C 104 -24.71 21.90 -5.67
CA PRO C 104 -23.25 21.84 -5.73
C PRO C 104 -22.50 22.57 -4.60
N ILE C 105 -21.21 22.26 -4.49
CA ILE C 105 -20.38 22.88 -3.46
C ILE C 105 -19.43 23.90 -4.09
N ASN C 106 -20.01 24.80 -4.86
CA ASN C 106 -19.25 25.86 -5.52
C ASN C 106 -18.26 25.30 -6.54
N ALA C 107 -17.03 25.06 -6.08
CA ALA C 107 -15.94 24.55 -6.89
C ALA C 107 -16.36 23.44 -7.84
N VAL C 108 -17.24 22.57 -7.38
CA VAL C 108 -17.71 21.46 -8.18
C VAL C 108 -18.17 21.92 -9.56
N LYS C 109 -18.81 23.08 -9.62
CA LYS C 109 -19.29 23.60 -10.89
C LYS C 109 -18.12 23.96 -11.80
N GLU C 110 -17.32 24.93 -11.38
CA GLU C 110 -16.17 25.38 -12.14
C GLU C 110 -15.30 24.20 -12.59
N VAL C 111 -15.03 23.29 -11.66
CA VAL C 111 -14.22 22.11 -11.95
C VAL C 111 -14.87 21.21 -13.00
N ILE C 112 -16.11 20.79 -12.74
CA ILE C 112 -16.84 19.93 -13.67
C ILE C 112 -17.03 20.66 -15.00
N ALA C 113 -17.02 21.99 -14.91
CA ALA C 113 -17.14 22.87 -16.07
C ALA C 113 -15.89 22.54 -16.88
N SER C 114 -14.74 22.68 -16.24
CA SER C 114 -13.49 22.32 -16.86
C SER C 114 -13.59 20.80 -16.91
N LEU C 115 -12.49 20.06 -16.97
CA LEU C 115 -12.61 18.60 -17.05
C LEU C 115 -13.29 18.21 -18.36
N ARG C 116 -14.56 18.62 -18.48
CA ARG C 116 -15.34 18.37 -19.68
C ARG C 116 -14.74 19.24 -20.77
N GLU C 117 -14.03 20.26 -20.33
CA GLU C 117 -13.36 21.17 -21.24
C GLU C 117 -12.18 20.44 -21.88
N ARG C 118 -11.48 19.64 -21.08
CA ARG C 118 -10.33 18.86 -21.57
C ARG C 118 -10.89 17.54 -22.08
N GLY C 119 -12.21 17.47 -22.19
CA GLY C 119 -12.85 16.27 -22.70
C GLY C 119 -12.84 15.05 -21.77
N ILE C 120 -13.07 15.26 -20.49
CA ILE C 120 -13.07 14.17 -19.53
C ILE C 120 -14.49 13.82 -19.13
N LYS C 121 -14.82 12.52 -19.19
CA LYS C 121 -16.16 12.07 -18.83
C LYS C 121 -16.43 12.19 -17.34
N ILE C 122 -17.72 12.20 -16.98
CA ILE C 122 -18.12 12.36 -15.59
C ILE C 122 -19.26 11.45 -15.17
N GLY C 123 -18.95 10.42 -14.40
CA GLY C 123 -19.98 9.49 -13.93
C GLY C 123 -20.19 9.56 -12.42
N SER C 124 -20.82 8.56 -11.82
CA SER C 124 -21.03 8.61 -10.38
C SER C 124 -21.55 7.33 -9.79
N THR C 125 -21.52 7.29 -8.47
CA THR C 125 -22.02 6.16 -7.69
C THR C 125 -22.55 6.72 -6.36
N THR C 126 -23.31 5.90 -5.64
CA THR C 126 -23.88 6.32 -4.36
C THR C 126 -24.40 5.25 -3.44
N GLY C 127 -24.63 5.64 -2.18
CA GLY C 127 -25.17 4.75 -1.18
C GLY C 127 -26.67 4.95 -1.16
N TYR C 128 -27.09 6.17 -1.46
CA TYR C 128 -28.49 6.52 -1.52
C TYR C 128 -29.11 5.48 -2.44
N THR C 129 -30.43 5.40 -2.45
CA THR C 129 -31.10 4.42 -3.31
C THR C 129 -31.64 5.04 -4.59
N ARG C 130 -32.23 4.20 -5.43
CA ARG C 130 -32.78 4.67 -6.69
C ARG C 130 -33.73 5.83 -6.45
N GLU C 131 -34.75 5.60 -5.63
CA GLU C 131 -35.75 6.61 -5.31
C GLU C 131 -35.15 7.83 -4.61
N MET C 132 -34.20 7.57 -3.72
CA MET C 132 -33.53 8.64 -3.02
C MET C 132 -32.71 9.46 -3.99
N MET C 133 -31.93 8.77 -4.83
CA MET C 133 -31.08 9.42 -5.81
C MET C 133 -31.97 10.25 -6.74
N ASP C 134 -33.16 9.73 -7.03
CA ASP C 134 -34.10 10.50 -7.84
C ASP C 134 -34.38 11.73 -6.97
N ILE C 135 -35.05 12.73 -7.52
CA ILE C 135 -35.33 13.92 -6.74
C ILE C 135 -34.03 14.69 -6.54
N VAL C 136 -33.04 14.02 -5.94
CA VAL C 136 -31.75 14.64 -5.70
C VAL C 136 -31.18 15.07 -7.05
N ALA C 137 -31.10 14.11 -7.97
CA ALA C 137 -30.60 14.35 -9.31
C ALA C 137 -31.38 15.50 -9.95
N LYS C 138 -32.70 15.34 -9.98
CA LYS C 138 -33.55 16.36 -10.57
C LYS C 138 -33.27 17.75 -10.02
N GLU C 139 -33.10 17.87 -8.72
CA GLU C 139 -32.85 19.17 -8.14
C GLU C 139 -31.43 19.65 -8.41
N ALA C 140 -30.52 18.69 -8.56
CA ALA C 140 -29.11 18.98 -8.82
C ALA C 140 -28.97 19.58 -10.22
N ALA C 141 -29.80 19.07 -11.14
CA ALA C 141 -29.81 19.56 -12.50
C ALA C 141 -30.25 21.02 -12.48
N LEU C 142 -31.44 21.28 -11.96
CA LEU C 142 -31.92 22.66 -11.92
C LEU C 142 -30.92 23.60 -11.24
N GLN C 143 -29.95 23.02 -10.54
CA GLN C 143 -28.98 23.82 -9.82
C GLN C 143 -27.65 24.04 -10.54
N GLY C 144 -27.22 23.05 -11.29
CA GLY C 144 -25.97 23.20 -12.02
C GLY C 144 -25.02 22.02 -11.93
N TYR C 145 -25.54 20.80 -12.07
CA TYR C 145 -24.70 19.62 -11.99
C TYR C 145 -25.46 18.44 -12.59
N LYS C 146 -25.05 18.01 -13.78
CA LYS C 146 -25.70 16.89 -14.46
C LYS C 146 -24.65 15.92 -14.99
N PRO C 147 -24.12 15.06 -14.11
CA PRO C 147 -23.11 14.10 -14.55
C PRO C 147 -23.61 13.30 -15.76
N ASP C 148 -22.69 12.69 -16.49
CA ASP C 148 -23.05 11.91 -17.67
C ASP C 148 -23.84 10.66 -17.34
N PHE C 149 -23.50 10.01 -16.24
CA PHE C 149 -24.25 8.82 -15.87
C PHE C 149 -24.36 8.70 -14.37
N LEU C 150 -25.36 7.94 -13.94
CA LEU C 150 -25.65 7.74 -12.53
C LEU C 150 -26.11 6.31 -12.20
N VAL C 151 -25.51 5.75 -11.16
CA VAL C 151 -25.82 4.40 -10.70
C VAL C 151 -26.09 4.38 -9.20
N THR C 152 -26.99 3.47 -8.81
CA THR C 152 -27.40 3.29 -7.41
C THR C 152 -27.38 1.81 -7.05
N PRO C 153 -27.36 1.50 -5.74
CA PRO C 153 -27.34 0.13 -5.24
C PRO C 153 -28.43 -0.75 -5.84
N ASP C 154 -29.41 -0.13 -6.49
CA ASP C 154 -30.49 -0.88 -7.10
C ASP C 154 -30.10 -1.45 -8.46
N ASP C 155 -29.10 -0.86 -9.12
CA ASP C 155 -28.70 -1.34 -10.44
C ASP C 155 -27.74 -2.53 -10.41
N VAL C 156 -27.07 -2.72 -9.27
CA VAL C 156 -26.09 -3.81 -9.11
C VAL C 156 -26.51 -4.77 -7.98
N PRO C 157 -25.88 -5.96 -7.92
CA PRO C 157 -26.19 -6.96 -6.89
C PRO C 157 -25.54 -6.70 -5.52
N ALA C 158 -25.18 -5.45 -5.25
CA ALA C 158 -24.56 -5.13 -3.98
C ALA C 158 -24.32 -3.64 -3.78
N GLY C 159 -23.65 -3.31 -2.68
CA GLY C 159 -23.38 -1.93 -2.38
C GLY C 159 -21.93 -1.53 -2.42
N ARG C 160 -21.72 -0.27 -2.07
CA ARG C 160 -20.43 0.39 -2.08
C ARG C 160 -19.16 -0.43 -1.81
N PRO C 161 -19.15 -1.29 -0.78
CA PRO C 161 -17.89 -2.02 -0.61
C PRO C 161 -17.42 -2.58 -1.97
N TYR C 162 -18.37 -3.10 -2.74
CA TYR C 162 -18.08 -3.70 -4.04
C TYR C 162 -17.97 -2.72 -5.20
N PRO C 163 -17.14 -3.09 -6.21
CA PRO C 163 -16.84 -2.33 -7.44
C PRO C 163 -18.05 -2.19 -8.34
N TRP C 164 -18.85 -3.24 -8.40
CA TRP C 164 -20.05 -3.25 -9.22
C TRP C 164 -20.51 -1.89 -9.81
N MET C 165 -20.98 -0.97 -8.97
CA MET C 165 -21.47 0.33 -9.47
C MET C 165 -20.47 1.07 -10.36
N CYS C 166 -19.18 0.94 -10.05
CA CYS C 166 -18.15 1.60 -10.84
C CYS C 166 -18.01 0.89 -12.20
N TYR C 167 -18.15 -0.42 -12.21
CA TYR C 167 -18.07 -1.13 -13.47
C TYR C 167 -19.18 -0.67 -14.39
N LYS C 168 -20.33 -0.33 -13.81
CA LYS C 168 -21.44 0.13 -14.64
C LYS C 168 -21.11 1.43 -15.36
N ASN C 169 -20.40 2.33 -14.68
CA ASN C 169 -20.05 3.61 -15.30
C ASN C 169 -19.15 3.41 -16.52
N ALA C 170 -18.25 2.44 -16.44
CA ALA C 170 -17.32 2.15 -17.50
C ALA C 170 -18.06 1.77 -18.77
N MET C 171 -18.97 0.82 -18.65
CA MET C 171 -19.74 0.39 -19.80
C MET C 171 -20.40 1.60 -20.39
N GLU C 172 -21.12 2.34 -19.56
CA GLU C 172 -21.82 3.52 -20.05
C GLU C 172 -20.94 4.59 -20.65
N LEU C 173 -19.92 5.01 -19.93
CA LEU C 173 -19.05 6.06 -20.43
C LEU C 173 -18.11 5.54 -21.52
N GLY C 174 -17.97 4.22 -21.58
CA GLY C 174 -17.10 3.60 -22.56
C GLY C 174 -15.63 3.93 -22.37
N VAL C 175 -15.14 3.71 -21.15
CA VAL C 175 -13.75 3.97 -20.80
C VAL C 175 -13.17 2.68 -20.24
N TYR C 176 -12.55 1.92 -21.11
CA TYR C 176 -12.02 0.63 -20.71
C TYR C 176 -10.51 0.52 -20.58
N PRO C 177 -10.04 0.21 -19.38
CA PRO C 177 -9.21 -0.13 -18.23
C PRO C 177 -9.67 0.67 -17.00
N MET C 178 -10.02 -0.04 -15.92
CA MET C 178 -10.45 0.64 -14.70
C MET C 178 -9.47 1.71 -14.29
N ASN C 179 -8.19 1.34 -14.32
CA ASN C 179 -7.12 2.23 -13.91
C ASN C 179 -6.97 3.52 -14.72
N HIS C 180 -7.91 3.75 -15.64
CA HIS C 180 -7.91 4.97 -16.45
C HIS C 180 -9.02 5.88 -15.93
N MET C 181 -9.47 5.61 -14.70
CA MET C 181 -10.54 6.38 -14.04
C MET C 181 -10.21 6.79 -12.58
N ILE C 182 -10.61 8.00 -12.21
CA ILE C 182 -10.41 8.50 -10.84
C ILE C 182 -11.68 8.27 -10.03
N LYS C 183 -11.53 8.00 -8.74
CA LYS C 183 -12.67 7.77 -7.86
C LYS C 183 -12.67 8.71 -6.66
N VAL C 184 -13.42 9.79 -6.75
CA VAL C 184 -13.49 10.76 -5.66
C VAL C 184 -14.58 10.38 -4.64
N GLY C 185 -14.30 10.58 -3.36
CA GLY C 185 -15.25 10.25 -2.32
C GLY C 185 -15.23 11.24 -1.16
N ASP C 186 -15.66 10.80 0.02
CA ASP C 186 -15.68 11.65 1.21
C ASP C 186 -15.67 10.84 2.51
N THR C 187 -15.72 9.51 2.39
CA THR C 187 -15.73 8.64 3.56
C THR C 187 -14.91 7.38 3.34
N VAL C 188 -14.69 6.65 4.44
CA VAL C 188 -13.92 5.42 4.39
C VAL C 188 -14.46 4.43 3.36
N SER C 189 -15.79 4.39 3.21
CA SER C 189 -16.42 3.48 2.25
C SER C 189 -16.09 3.84 0.80
N ASP C 190 -16.10 5.13 0.50
CA ASP C 190 -15.80 5.58 -0.84
C ASP C 190 -14.42 5.13 -1.28
N MET C 191 -13.52 4.96 -0.32
CA MET C 191 -12.17 4.53 -0.64
C MET C 191 -12.19 3.02 -0.84
N LYS C 192 -12.94 2.31 -0.01
CA LYS C 192 -13.00 0.85 -0.13
C LYS C 192 -13.46 0.48 -1.53
N GLU C 193 -14.45 1.24 -2.01
CA GLU C 193 -15.06 1.06 -3.32
C GLU C 193 -14.05 1.32 -4.46
N GLY C 194 -13.50 2.53 -4.50
CA GLY C 194 -12.53 2.87 -5.53
C GLY C 194 -11.35 1.90 -5.61
N ARG C 195 -10.83 1.49 -4.46
CA ARG C 195 -9.71 0.55 -4.44
C ARG C 195 -10.13 -0.81 -4.96
N ASN C 196 -11.31 -1.27 -4.54
CA ASN C 196 -11.80 -2.56 -5.00
C ASN C 196 -12.11 -2.51 -6.47
N ALA C 197 -12.61 -1.37 -6.93
CA ALA C 197 -12.93 -1.20 -8.33
C ALA C 197 -11.65 -1.39 -9.11
N GLY C 198 -10.56 -0.81 -8.60
CA GLY C 198 -9.27 -0.91 -9.24
C GLY C 198 -8.86 0.40 -9.89
N MET C 199 -9.50 1.48 -9.49
CA MET C 199 -9.21 2.79 -10.06
C MET C 199 -8.37 3.64 -9.11
N TRP C 200 -8.10 4.88 -9.52
CA TRP C 200 -7.31 5.77 -8.70
C TRP C 200 -8.20 6.46 -7.69
N THR C 201 -8.16 5.99 -6.46
CA THR C 201 -9.00 6.56 -5.41
C THR C 201 -8.48 7.87 -4.80
N VAL C 202 -9.41 8.79 -4.51
CA VAL C 202 -9.08 10.08 -3.92
C VAL C 202 -10.21 10.47 -2.94
N GLY C 203 -9.84 10.96 -1.77
CA GLY C 203 -10.83 11.36 -0.79
C GLY C 203 -10.74 12.85 -0.48
N VAL C 204 -11.90 13.52 -0.39
CA VAL C 204 -11.94 14.94 -0.08
C VAL C 204 -12.25 15.08 1.40
N ILE C 205 -11.91 16.21 1.99
CA ILE C 205 -12.14 16.40 3.41
C ILE C 205 -13.14 17.53 3.68
N LEU C 206 -12.70 18.76 3.48
CA LEU C 206 -13.56 19.92 3.71
C LEU C 206 -14.91 19.74 3.06
N GLY C 207 -15.93 19.56 3.90
CA GLY C 207 -17.29 19.36 3.45
C GLY C 207 -17.66 17.90 3.34
N SER C 208 -16.95 17.04 4.06
CA SER C 208 -17.22 15.60 4.01
C SER C 208 -17.89 15.07 5.28
N SER C 209 -18.30 13.81 5.24
CA SER C 209 -18.92 13.20 6.40
C SER C 209 -17.85 12.98 7.47
N GLU C 210 -16.71 12.41 7.08
CA GLU C 210 -15.62 12.16 8.02
C GLU C 210 -15.14 13.43 8.74
N LEU C 211 -15.69 14.58 8.37
CA LEU C 211 -15.28 15.81 9.03
C LEU C 211 -16.50 16.42 9.70
N GLY C 212 -17.67 15.85 9.40
CA GLY C 212 -18.92 16.31 9.97
C GLY C 212 -19.05 17.78 10.31
N LEU C 213 -18.36 18.65 9.58
CA LEU C 213 -18.41 20.08 9.84
C LEU C 213 -19.41 20.81 8.93
N THR C 214 -19.51 22.13 9.10
CA THR C 214 -20.43 22.93 8.29
C THR C 214 -19.69 24.06 7.60
N GLU C 215 -20.22 24.50 6.46
CA GLU C 215 -19.58 25.58 5.71
C GLU C 215 -19.80 26.90 6.44
N GLU C 216 -19.63 26.86 7.75
CA GLU C 216 -19.76 28.02 8.62
C GLU C 216 -18.96 27.68 9.86
N GLU C 217 -18.91 26.38 10.16
CA GLU C 217 -18.16 25.90 11.30
C GLU C 217 -16.69 25.87 10.92
N VAL C 218 -16.44 25.53 9.65
CA VAL C 218 -15.08 25.46 9.14
C VAL C 218 -14.53 26.86 8.96
N GLU C 219 -15.43 27.85 9.00
CA GLU C 219 -15.03 29.24 8.87
C GLU C 219 -15.01 29.92 10.22
N ASN C 220 -15.60 29.25 11.21
CA ASN C 220 -15.68 29.75 12.59
C ASN C 220 -14.89 28.81 13.51
N MET C 221 -13.84 28.20 12.98
CA MET C 221 -13.00 27.27 13.76
C MET C 221 -11.55 27.76 13.79
N ASP C 222 -10.86 27.50 14.90
CA ASP C 222 -9.47 27.92 15.02
C ASP C 222 -8.60 27.40 13.89
N SER C 223 -7.50 28.11 13.65
CA SER C 223 -6.55 27.76 12.61
C SER C 223 -5.86 26.44 12.93
N VAL C 224 -5.49 26.27 14.21
CA VAL C 224 -4.83 25.06 14.65
C VAL C 224 -5.83 23.92 14.82
N GLU C 225 -6.97 24.25 15.42
CA GLU C 225 -8.03 23.29 15.68
C GLU C 225 -8.43 22.54 14.43
N LEU C 226 -8.82 23.31 13.41
CA LEU C 226 -9.25 22.75 12.14
C LEU C 226 -8.16 21.87 11.53
N ARG C 227 -6.94 22.39 11.41
CA ARG C 227 -5.85 21.62 10.85
C ARG C 227 -5.77 20.26 11.51
N GLU C 228 -5.89 20.25 12.83
CA GLU C 228 -5.84 19.00 13.58
C GLU C 228 -6.94 18.07 13.12
N LYS C 229 -8.15 18.62 13.01
CA LYS C 229 -9.33 17.85 12.60
C LYS C 229 -9.16 17.20 11.25
N ILE C 230 -8.56 17.93 10.32
CA ILE C 230 -8.34 17.43 8.98
C ILE C 230 -7.40 16.23 8.97
N GLU C 231 -6.28 16.36 9.66
CA GLU C 231 -5.29 15.29 9.71
C GLU C 231 -5.91 13.97 10.14
N VAL C 232 -6.94 14.04 10.98
CA VAL C 232 -7.59 12.82 11.46
C VAL C 232 -8.31 12.17 10.29
N VAL C 233 -8.92 13.03 9.47
CA VAL C 233 -9.64 12.59 8.29
C VAL C 233 -8.62 12.02 7.30
N ARG C 234 -7.60 12.83 7.00
CA ARG C 234 -6.53 12.43 6.08
C ARG C 234 -5.97 11.06 6.42
N ASN C 235 -5.40 10.95 7.62
CA ASN C 235 -4.82 9.69 8.08
C ASN C 235 -5.87 8.58 7.92
N ARG C 236 -7.12 8.94 8.17
CA ARG C 236 -8.23 8.02 8.06
C ARG C 236 -8.28 7.47 6.64
N PHE C 237 -8.54 8.34 5.67
CA PHE C 237 -8.60 7.94 4.26
C PHE C 237 -7.41 7.08 3.82
N VAL C 238 -6.21 7.61 3.98
CA VAL C 238 -4.99 6.90 3.62
C VAL C 238 -4.96 5.48 4.20
N GLU C 239 -5.38 5.37 5.47
CA GLU C 239 -5.43 4.09 6.15
C GLU C 239 -6.35 3.11 5.45
N ASN C 240 -7.20 3.61 4.57
CA ASN C 240 -8.13 2.76 3.84
C ASN C 240 -7.83 2.59 2.35
N GLY C 241 -6.63 2.98 1.92
CA GLY C 241 -6.27 2.81 0.53
C GLY C 241 -6.35 4.04 -0.37
N ALA C 242 -6.80 5.17 0.18
CA ALA C 242 -6.90 6.38 -0.62
C ALA C 242 -5.54 6.72 -1.21
N HIS C 243 -5.40 6.53 -2.53
CA HIS C 243 -4.16 6.84 -3.25
C HIS C 243 -3.80 8.31 -3.10
N PHE C 244 -4.81 9.17 -2.92
CA PHE C 244 -4.55 10.60 -2.74
C PHE C 244 -5.56 11.19 -1.75
N THR C 245 -5.30 12.40 -1.27
CA THR C 245 -6.19 13.05 -0.32
C THR C 245 -6.25 14.54 -0.57
N ILE C 246 -7.33 14.98 -1.18
CA ILE C 246 -7.48 16.40 -1.45
C ILE C 246 -8.34 17.03 -0.38
N GLU C 247 -8.06 18.28 -0.11
CA GLU C 247 -8.76 19.06 0.90
C GLU C 247 -10.10 19.49 0.32
N THR C 248 -10.04 20.32 -0.71
CA THR C 248 -11.24 20.83 -1.39
C THR C 248 -11.41 20.23 -2.78
N MET C 249 -11.80 21.04 -3.77
CA MET C 249 -12.00 20.46 -5.10
C MET C 249 -11.07 20.89 -6.22
N GLN C 250 -10.60 22.12 -6.20
CA GLN C 250 -9.69 22.58 -7.25
C GLN C 250 -8.59 21.55 -7.53
N GLU C 251 -7.80 21.27 -6.50
CA GLU C 251 -6.68 20.34 -6.56
C GLU C 251 -6.97 18.93 -7.13
N LEU C 252 -8.21 18.67 -7.53
CA LEU C 252 -8.53 17.36 -8.10
C LEU C 252 -7.85 17.19 -9.44
N GLU C 253 -7.65 18.28 -10.15
CA GLU C 253 -7.01 18.22 -11.44
C GLU C 253 -5.49 18.08 -11.36
N SER C 254 -4.86 18.86 -10.48
CA SER C 254 -3.42 18.78 -10.31
C SER C 254 -3.08 17.30 -10.01
N VAL C 255 -4.02 16.61 -9.38
CA VAL C 255 -3.83 15.21 -9.02
C VAL C 255 -3.70 14.36 -10.27
N MET C 256 -4.45 14.75 -11.29
CA MET C 256 -4.43 14.06 -12.56
C MET C 256 -3.08 14.24 -13.24
N GLU C 257 -2.54 15.45 -13.21
CA GLU C 257 -1.23 15.69 -13.81
C GLU C 257 -0.23 14.82 -13.10
N HIS C 258 -0.26 14.89 -11.77
CA HIS C 258 0.61 14.12 -10.89
C HIS C 258 0.55 12.64 -11.29
N ILE C 259 -0.64 12.07 -11.24
CA ILE C 259 -0.82 10.65 -11.57
C ILE C 259 -0.31 10.30 -12.97
N GLU C 260 -0.53 11.19 -13.93
CA GLU C 260 -0.10 10.97 -15.30
C GLU C 260 1.41 11.09 -15.50
N LYS C 261 2.07 11.80 -14.59
CA LYS C 261 3.51 11.99 -14.68
C LYS C 261 4.35 11.13 -13.72
N GLN C 262 3.76 10.70 -12.61
CA GLN C 262 4.48 9.90 -11.61
C GLN C 262 4.61 8.43 -11.92
N GLU C 263 4.43 8.09 -13.18
CA GLU C 263 4.52 6.72 -13.67
C GLU C 263 4.40 5.66 -12.60
N LEU C 264 3.27 5.66 -11.88
CA LEU C 264 3.00 4.66 -10.85
C LEU C 264 1.90 3.71 -11.37
N ILE C 265 1.81 2.53 -10.78
CA ILE C 265 0.81 1.52 -11.16
C ILE C 265 -0.06 1.11 -9.97
N ILE C 266 -1.33 0.79 -10.23
CA ILE C 266 -2.24 0.39 -9.19
C ILE C 266 -2.24 -1.10 -8.95
N SER C 267 -2.42 -1.44 -7.68
CA SER C 267 -2.46 -2.82 -7.23
C SER C 267 -1.12 -3.47 -7.49
N LYS D 5 14.33 -0.74 -24.04
CA LYS D 5 13.81 -1.62 -22.96
C LYS D 5 14.58 -2.96 -23.00
N ILE D 6 15.45 -3.16 -22.02
CA ILE D 6 16.32 -4.34 -21.88
C ILE D 6 17.62 -4.07 -22.59
N GLU D 7 18.20 -2.93 -22.22
CA GLU D 7 19.46 -2.46 -22.75
C GLU D 7 20.61 -3.43 -22.51
N ALA D 8 20.42 -4.39 -21.62
CA ALA D 8 21.48 -5.34 -21.33
C ALA D 8 20.94 -6.66 -20.81
N VAL D 9 21.85 -7.62 -20.65
CA VAL D 9 21.48 -8.94 -20.15
C VAL D 9 22.70 -9.53 -19.44
N ILE D 10 22.58 -9.72 -18.12
CA ILE D 10 23.64 -10.28 -17.31
C ILE D 10 23.48 -11.81 -17.30
N PHE D 11 24.44 -12.49 -17.90
CA PHE D 11 24.43 -13.95 -17.96
C PHE D 11 25.26 -14.48 -16.81
N ASP D 12 25.04 -15.75 -16.50
CA ASP D 12 25.77 -16.40 -15.42
C ASP D 12 26.72 -17.34 -16.12
N TRP D 13 27.81 -17.67 -15.47
CA TRP D 13 28.77 -18.58 -16.06
C TRP D 13 28.29 -20.03 -16.01
N ALA D 14 28.95 -20.88 -15.24
CA ALA D 14 28.59 -22.30 -15.20
C ALA D 14 27.10 -22.63 -15.41
N GLY D 15 26.86 -23.66 -16.22
CA GLY D 15 25.51 -24.10 -16.51
C GLY D 15 24.65 -23.14 -17.30
N THR D 16 25.11 -21.91 -17.45
CA THR D 16 24.37 -20.91 -18.19
C THR D 16 25.02 -20.56 -19.52
N THR D 17 26.33 -20.35 -19.50
CA THR D 17 27.07 -20.00 -20.71
C THR D 17 28.25 -20.94 -20.93
N VAL D 18 28.66 -21.61 -19.86
CA VAL D 18 29.79 -22.53 -19.94
C VAL D 18 29.48 -23.69 -19.03
N ASP D 19 30.03 -24.86 -19.35
CA ASP D 19 29.85 -26.08 -18.56
C ASP D 19 28.44 -26.64 -18.69
N TYR D 20 28.27 -27.62 -19.55
CA TYR D 20 26.96 -28.21 -19.75
C TYR D 20 26.65 -29.23 -18.66
N GLY D 21 25.91 -28.79 -17.66
CA GLY D 21 25.57 -29.68 -16.57
C GLY D 21 26.30 -29.25 -15.31
N CYS D 22 27.08 -28.17 -15.43
CA CYS D 22 27.84 -27.63 -14.31
C CYS D 22 28.42 -28.77 -13.46
N PHE D 23 29.25 -29.62 -14.09
CA PHE D 23 29.85 -30.75 -13.39
C PHE D 23 31.17 -30.43 -12.69
N ALA D 24 31.78 -29.30 -13.05
CA ALA D 24 33.04 -28.90 -12.45
C ALA D 24 33.02 -29.07 -10.93
N PRO D 25 32.15 -28.33 -10.21
CA PRO D 25 32.14 -28.51 -8.76
C PRO D 25 31.75 -29.93 -8.35
N LEU D 26 30.68 -30.45 -8.95
CA LEU D 26 30.21 -31.80 -8.64
C LEU D 26 31.33 -32.87 -8.68
N GLU D 27 32.30 -32.68 -9.57
CA GLU D 27 33.41 -33.62 -9.72
C GLU D 27 34.30 -33.66 -8.48
N VAL D 28 34.76 -32.47 -8.08
CA VAL D 28 35.64 -32.31 -6.92
C VAL D 28 34.96 -32.77 -5.63
N PHE D 29 33.71 -32.36 -5.41
CA PHE D 29 32.97 -32.77 -4.21
C PHE D 29 32.86 -34.27 -4.14
N MET D 30 32.49 -34.91 -5.25
CA MET D 30 32.38 -36.36 -5.24
C MET D 30 33.70 -37.09 -5.09
N GLU D 31 34.79 -36.45 -5.50
CA GLU D 31 36.10 -37.07 -5.39
C GLU D 31 36.61 -36.95 -3.95
N ILE D 32 36.50 -35.73 -3.41
CA ILE D 32 36.94 -35.42 -2.05
C ILE D 32 36.22 -36.26 -1.00
N PHE D 33 34.99 -36.67 -1.29
CA PHE D 33 34.29 -37.49 -0.32
C PHE D 33 34.46 -38.97 -0.56
N HIS D 34 34.80 -39.34 -1.78
CA HIS D 34 34.97 -40.76 -2.08
C HIS D 34 36.30 -41.27 -1.49
N LYS D 35 37.30 -40.39 -1.40
CA LYS D 35 38.61 -40.73 -0.86
C LYS D 35 38.58 -40.89 0.68
N ARG D 36 37.72 -40.11 1.33
CA ARG D 36 37.55 -40.13 2.79
C ARG D 36 36.73 -41.34 3.25
N GLY D 37 36.17 -42.10 2.32
CA GLY D 37 35.40 -43.27 2.69
C GLY D 37 33.88 -43.16 2.66
N VAL D 38 33.36 -42.17 1.95
CA VAL D 38 31.91 -41.97 1.85
C VAL D 38 31.46 -41.65 0.42
N ALA D 39 30.73 -42.57 -0.20
CA ALA D 39 30.24 -42.40 -1.57
C ALA D 39 29.01 -41.51 -1.70
N ILE D 40 29.24 -40.19 -1.79
CA ILE D 40 28.16 -39.24 -1.95
C ILE D 40 27.59 -39.38 -3.38
N THR D 41 26.28 -39.26 -3.52
CA THR D 41 25.62 -39.37 -4.83
C THR D 41 25.81 -38.04 -5.57
N ALA D 42 25.33 -37.94 -6.80
CA ALA D 42 25.46 -36.71 -7.57
C ALA D 42 24.40 -35.70 -7.13
N GLU D 43 23.20 -36.20 -6.87
CA GLU D 43 22.06 -35.39 -6.42
C GLU D 43 22.44 -34.67 -5.12
N GLU D 44 23.03 -35.42 -4.18
CA GLU D 44 23.48 -34.90 -2.89
C GLU D 44 24.39 -33.70 -3.08
N ALA D 45 25.49 -33.95 -3.77
CA ALA D 45 26.49 -32.92 -4.04
C ALA D 45 25.92 -31.76 -4.86
N ARG D 46 25.13 -32.12 -5.87
CA ARG D 46 24.51 -31.16 -6.77
C ARG D 46 23.52 -30.22 -6.11
N LYS D 47 22.77 -30.74 -5.14
CA LYS D 47 21.74 -29.97 -4.45
C LYS D 47 22.09 -28.55 -3.96
N PRO D 48 22.89 -28.41 -2.87
CA PRO D 48 23.21 -27.06 -2.40
C PRO D 48 24.13 -26.29 -3.30
N MET D 49 24.28 -26.76 -4.55
CA MET D 49 25.16 -26.16 -5.55
C MET D 49 25.47 -24.69 -5.29
N PRO D 50 24.52 -23.78 -5.55
CA PRO D 50 24.90 -22.40 -5.27
C PRO D 50 25.36 -22.21 -3.81
N LEU D 51 26.65 -21.88 -3.68
CA LEU D 51 27.34 -21.64 -2.41
C LEU D 51 28.79 -21.73 -2.81
N LEU D 52 29.31 -22.96 -2.81
CA LEU D 52 30.69 -23.22 -3.24
C LEU D 52 31.77 -22.52 -2.38
N LYS D 53 31.73 -22.78 -1.08
CA LYS D 53 32.68 -22.19 -0.14
C LYS D 53 32.80 -23.23 0.97
N ILE D 54 33.22 -22.82 2.17
CA ILE D 54 33.30 -23.78 3.28
C ILE D 54 31.87 -24.22 3.54
N ASP D 55 30.94 -23.36 3.12
CA ASP D 55 29.50 -23.54 3.24
C ASP D 55 29.04 -24.85 2.60
N HIS D 56 29.24 -24.94 1.29
CA HIS D 56 28.84 -26.10 0.49
C HIS D 56 29.40 -27.45 1.01
N VAL D 57 30.36 -27.39 1.93
CA VAL D 57 30.96 -28.61 2.49
C VAL D 57 30.22 -29.03 3.77
N ARG D 58 30.07 -28.09 4.70
CA ARG D 58 29.35 -28.37 5.94
C ARG D 58 27.95 -28.86 5.58
N ALA D 59 27.37 -28.25 4.54
CA ALA D 59 26.03 -28.58 4.06
C ALA D 59 25.91 -30.06 3.70
N LEU D 60 27.00 -30.64 3.20
CA LEU D 60 27.03 -32.05 2.86
C LEU D 60 27.21 -32.86 4.13
N THR D 61 27.80 -32.19 5.14
CA THR D 61 28.09 -32.77 6.45
C THR D 61 26.80 -32.92 7.27
N GLU D 62 26.12 -31.78 7.46
CA GLU D 62 24.88 -31.72 8.21
C GLU D 62 23.84 -32.67 7.64
N MET D 63 23.83 -32.79 6.30
CA MET D 63 22.89 -33.67 5.62
C MET D 63 22.83 -35.07 6.23
N PRO D 64 21.61 -35.55 6.53
CA PRO D 64 21.46 -36.88 7.11
C PRO D 64 22.02 -37.92 6.15
N ARG D 65 22.10 -39.17 6.58
CA ARG D 65 22.64 -40.24 5.73
C ARG D 65 24.14 -40.05 5.50
N ILE D 66 24.52 -38.85 5.06
CA ILE D 66 25.93 -38.54 4.82
C ILE D 66 26.65 -38.49 6.17
N ALA D 67 26.14 -37.64 7.08
CA ALA D 67 26.72 -37.50 8.41
C ALA D 67 26.63 -38.84 9.14
N SER D 68 25.81 -39.74 8.58
CA SER D 68 25.64 -41.07 9.12
C SER D 68 26.85 -41.93 8.77
N GLU D 69 27.12 -42.03 7.48
CA GLU D 69 28.25 -42.80 6.98
C GLU D 69 29.56 -42.33 7.61
N TRP D 70 29.66 -41.04 7.85
CA TRP D 70 30.87 -40.51 8.45
C TRP D 70 30.99 -41.05 9.86
N ASN D 71 29.84 -41.31 10.47
CA ASN D 71 29.79 -41.84 11.81
C ASN D 71 29.83 -43.36 11.80
N ARG D 72 29.41 -43.95 10.67
CA ARG D 72 29.40 -45.39 10.49
C ARG D 72 30.81 -45.87 10.17
N VAL D 73 31.68 -44.92 9.87
CA VAL D 73 33.06 -45.22 9.53
C VAL D 73 34.06 -44.71 10.57
N PHE D 74 34.07 -43.40 10.78
CA PHE D 74 35.01 -42.79 11.73
C PHE D 74 34.56 -42.73 13.18
N ARG D 75 33.45 -43.39 13.50
CA ARG D 75 32.91 -43.40 14.86
C ARG D 75 33.00 -42.03 15.53
N GLN D 76 32.97 -40.99 14.72
CA GLN D 76 33.05 -39.65 15.26
C GLN D 76 32.11 -38.82 14.42
N LEU D 77 32.40 -37.53 14.30
CA LEU D 77 31.54 -36.68 13.50
C LEU D 77 32.41 -35.58 12.90
N PRO D 78 32.15 -35.24 11.64
CA PRO D 78 32.94 -34.19 10.99
C PRO D 78 33.19 -32.98 11.90
N THR D 79 34.45 -32.61 12.05
CA THR D 79 34.87 -31.47 12.87
C THR D 79 35.29 -30.32 11.97
N GLU D 80 35.55 -29.14 12.54
CA GLU D 80 36.00 -28.03 11.71
C GLU D 80 37.37 -28.41 11.17
N ALA D 81 37.93 -29.43 11.79
CA ALA D 81 39.23 -29.97 11.42
C ALA D 81 39.06 -30.91 10.23
N ASP D 82 37.86 -30.98 9.70
CA ASP D 82 37.56 -31.86 8.58
C ASP D 82 36.92 -31.07 7.45
N ILE D 83 35.88 -30.33 7.78
CA ILE D 83 35.17 -29.54 6.78
C ILE D 83 35.95 -28.35 6.26
N GLN D 84 36.79 -27.75 7.09
CA GLN D 84 37.59 -26.60 6.67
C GLN D 84 38.85 -27.14 5.99
N GLU D 85 39.00 -28.45 6.10
CA GLU D 85 40.13 -29.18 5.53
C GLU D 85 39.75 -29.69 4.16
N MET D 86 38.52 -30.16 4.01
CA MET D 86 38.08 -30.65 2.73
C MET D 86 37.94 -29.47 1.78
N TYR D 87 37.73 -28.29 2.33
CA TYR D 87 37.67 -27.12 1.48
C TYR D 87 39.16 -26.92 1.29
N GLU D 88 39.56 -26.20 0.27
CA GLU D 88 40.99 -26.01 -0.01
C GLU D 88 41.42 -27.32 -0.70
N GLU D 89 40.97 -28.45 -0.17
CA GLU D 89 41.26 -29.74 -0.79
C GLU D 89 40.32 -29.72 -1.99
N PHE D 90 39.36 -28.79 -1.94
CA PHE D 90 38.40 -28.58 -2.99
C PHE D 90 38.95 -27.53 -3.93
N GLU D 91 39.61 -26.52 -3.36
CA GLU D 91 40.22 -25.46 -4.13
C GLU D 91 41.42 -25.93 -4.95
N GLU D 92 41.94 -27.10 -4.60
CA GLU D 92 43.10 -27.65 -5.31
C GLU D 92 42.65 -28.47 -6.49
N ILE D 93 41.84 -29.48 -6.21
CA ILE D 93 41.37 -30.34 -7.27
C ILE D 93 40.59 -29.63 -8.37
N LEU D 94 39.82 -28.60 -8.00
CA LEU D 94 39.02 -27.88 -8.99
C LEU D 94 39.91 -27.08 -9.93
N PHE D 95 40.72 -26.18 -9.34
CA PHE D 95 41.64 -25.35 -10.12
C PHE D 95 42.24 -26.15 -11.27
N ALA D 96 42.77 -27.33 -10.93
CA ALA D 96 43.42 -28.20 -11.88
C ALA D 96 42.55 -28.78 -12.97
N ILE D 97 41.23 -28.74 -12.78
CA ILE D 97 40.35 -29.31 -13.78
C ILE D 97 39.56 -28.23 -14.46
N LEU D 98 39.29 -27.16 -13.72
CA LEU D 98 38.51 -26.04 -14.21
C LEU D 98 38.85 -25.62 -15.64
N PRO D 99 40.14 -25.63 -16.02
CA PRO D 99 40.51 -25.23 -17.38
C PRO D 99 39.76 -26.02 -18.47
N ARG D 100 39.36 -27.25 -18.14
CA ARG D 100 38.63 -28.11 -19.05
C ARG D 100 37.12 -27.89 -19.01
N TYR D 101 36.70 -26.78 -18.42
CA TYR D 101 35.28 -26.46 -18.34
C TYR D 101 35.10 -24.98 -18.61
N ALA D 102 35.35 -24.55 -19.83
CA ALA D 102 35.20 -23.15 -20.17
C ALA D 102 34.57 -23.02 -21.54
N SER D 103 34.39 -24.16 -22.19
CA SER D 103 33.81 -24.23 -23.52
C SER D 103 32.35 -23.83 -23.51
N PRO D 104 32.02 -22.67 -24.12
CA PRO D 104 30.66 -22.15 -24.21
C PRO D 104 29.63 -23.19 -24.61
N ILE D 105 28.52 -23.22 -23.88
CA ILE D 105 27.46 -24.17 -24.16
C ILE D 105 26.98 -24.02 -25.60
N ASN D 106 26.94 -25.15 -26.31
CA ASN D 106 26.53 -25.20 -27.70
C ASN D 106 25.46 -24.19 -28.11
N ALA D 107 25.79 -23.41 -29.12
CA ALA D 107 24.92 -22.40 -29.66
C ALA D 107 24.65 -21.30 -28.64
N VAL D 108 25.71 -20.63 -28.21
CA VAL D 108 25.57 -19.54 -27.25
C VAL D 108 26.27 -18.32 -27.78
N LYS D 109 27.26 -18.52 -28.65
CA LYS D 109 27.98 -17.40 -29.21
C LYS D 109 27.06 -16.65 -30.18
N GLU D 110 26.14 -17.37 -30.81
CA GLU D 110 25.20 -16.78 -31.76
C GLU D 110 24.30 -15.76 -31.08
N VAL D 111 23.67 -16.16 -29.97
CA VAL D 111 22.79 -15.28 -29.23
C VAL D 111 23.54 -14.02 -28.80
N ILE D 112 24.75 -14.20 -28.29
CA ILE D 112 25.55 -13.08 -27.84
C ILE D 112 25.73 -12.11 -28.99
N ALA D 113 26.05 -12.69 -30.16
CA ALA D 113 26.24 -11.96 -31.40
C ALA D 113 24.98 -11.18 -31.72
N SER D 114 23.85 -11.89 -31.78
CA SER D 114 22.57 -11.25 -32.05
C SER D 114 22.40 -10.13 -31.04
N LEU D 115 22.48 -10.47 -29.77
CA LEU D 115 22.32 -9.47 -28.73
C LEU D 115 23.26 -8.29 -28.97
N ARG D 116 24.50 -8.60 -29.34
CA ARG D 116 25.48 -7.56 -29.57
C ARG D 116 25.13 -6.71 -30.79
N GLU D 117 24.59 -7.37 -31.81
CA GLU D 117 24.17 -6.71 -33.05
C GLU D 117 23.21 -5.58 -32.72
N ARG D 118 22.17 -5.89 -31.93
CA ARG D 118 21.17 -4.89 -31.55
C ARG D 118 21.67 -3.88 -30.53
N GLY D 119 22.97 -3.93 -30.23
CA GLY D 119 23.55 -2.99 -29.28
C GLY D 119 23.05 -3.18 -27.85
N ILE D 120 23.09 -4.43 -27.38
CA ILE D 120 22.65 -4.79 -26.03
C ILE D 120 23.86 -5.33 -25.25
N LYS D 121 24.23 -4.67 -24.16
CA LYS D 121 25.38 -5.09 -23.37
C LYS D 121 25.31 -6.44 -22.70
N ILE D 122 26.48 -6.98 -22.39
CA ILE D 122 26.61 -8.29 -21.75
C ILE D 122 27.18 -8.16 -20.32
N GLY D 123 26.70 -8.98 -19.40
CA GLY D 123 27.20 -8.91 -18.03
C GLY D 123 27.25 -10.30 -17.42
N SER D 124 27.96 -10.48 -16.33
CA SER D 124 27.99 -11.81 -15.75
C SER D 124 28.25 -11.79 -14.25
N THR D 125 27.74 -12.79 -13.55
CA THR D 125 27.90 -12.93 -12.10
C THR D 125 27.93 -14.42 -11.79
N THR D 126 28.90 -14.85 -11.00
CA THR D 126 29.01 -16.27 -10.67
C THR D 126 29.41 -16.49 -9.21
N GLY D 127 29.32 -17.76 -8.77
CA GLY D 127 29.69 -18.14 -7.42
C GLY D 127 31.08 -18.77 -7.44
N TYR D 128 31.92 -18.16 -8.28
CA TYR D 128 33.30 -18.58 -8.49
C TYR D 128 34.19 -17.42 -8.03
N THR D 129 35.29 -17.74 -7.36
CA THR D 129 36.22 -16.71 -6.87
C THR D 129 37.10 -16.14 -7.97
N ARG D 130 37.75 -15.02 -7.70
CA ARG D 130 38.66 -14.40 -8.66
C ARG D 130 39.70 -15.42 -9.12
N GLU D 131 40.29 -16.14 -8.18
CA GLU D 131 41.30 -17.14 -8.49
C GLU D 131 40.62 -18.36 -9.09
N MET D 132 39.49 -18.14 -9.74
CA MET D 132 38.77 -19.23 -10.36
C MET D 132 38.32 -18.77 -11.73
N MET D 133 38.16 -17.46 -11.90
CA MET D 133 37.74 -16.89 -13.17
C MET D 133 38.91 -16.64 -14.10
N ASP D 134 40.05 -16.24 -13.54
CA ASP D 134 41.24 -15.99 -14.33
C ASP D 134 41.56 -17.26 -15.11
N ILE D 135 41.06 -18.39 -14.63
CA ILE D 135 41.28 -19.67 -15.27
C ILE D 135 40.13 -20.05 -16.19
N VAL D 136 38.95 -19.48 -15.94
CA VAL D 136 37.80 -19.78 -16.77
C VAL D 136 37.55 -18.62 -17.75
N ALA D 137 37.45 -17.42 -17.20
CA ALA D 137 37.23 -16.24 -18.01
C ALA D 137 38.34 -16.07 -19.03
N LYS D 138 39.40 -16.86 -18.88
CA LYS D 138 40.53 -16.79 -19.80
C LYS D 138 40.40 -17.81 -20.92
N GLU D 139 40.44 -19.11 -20.57
CA GLU D 139 40.32 -20.12 -21.60
C GLU D 139 38.87 -20.28 -22.05
N ALA D 140 38.19 -19.14 -22.09
CA ALA D 140 36.79 -19.03 -22.52
C ALA D 140 36.84 -17.87 -23.49
N ALA D 141 37.76 -16.95 -23.20
CA ALA D 141 37.99 -15.78 -24.03
C ALA D 141 38.73 -16.30 -25.26
N LEU D 142 39.54 -17.33 -25.04
CA LEU D 142 40.28 -17.97 -26.13
C LEU D 142 39.20 -18.54 -27.02
N GLN D 143 38.24 -19.20 -26.40
CA GLN D 143 37.13 -19.77 -27.16
C GLN D 143 36.13 -18.67 -27.50
N GLY D 144 34.98 -19.06 -28.02
CA GLY D 144 34.01 -18.06 -28.43
C GLY D 144 33.27 -17.22 -27.41
N TYR D 145 33.91 -16.80 -26.32
CA TYR D 145 33.18 -16.02 -25.34
C TYR D 145 33.98 -15.19 -24.37
N LYS D 146 33.53 -13.96 -24.17
CA LYS D 146 34.15 -13.02 -23.25
C LYS D 146 33.19 -11.85 -23.13
N PRO D 147 32.36 -11.85 -22.08
CA PRO D 147 31.36 -10.81 -21.82
C PRO D 147 31.87 -9.39 -21.58
N ASP D 148 30.95 -8.44 -21.73
CA ASP D 148 31.24 -7.03 -21.55
C ASP D 148 31.85 -6.71 -20.18
N PHE D 149 31.51 -7.52 -19.17
CA PHE D 149 32.02 -7.32 -17.81
C PHE D 149 31.79 -8.55 -16.92
N LEU D 150 32.53 -8.61 -15.81
CA LEU D 150 32.42 -9.72 -14.86
C LEU D 150 32.51 -9.14 -13.45
N VAL D 151 31.75 -9.73 -12.53
CA VAL D 151 31.73 -9.27 -11.15
C VAL D 151 31.59 -10.51 -10.29
N THR D 152 32.68 -10.93 -9.65
CA THR D 152 32.68 -12.12 -8.77
C THR D 152 32.40 -11.69 -7.33
N PRO D 153 32.15 -12.66 -6.42
CA PRO D 153 31.87 -12.35 -5.02
C PRO D 153 32.92 -11.40 -4.41
N ASP D 154 34.19 -11.64 -4.73
CA ASP D 154 35.27 -10.81 -4.21
C ASP D 154 35.10 -9.35 -4.53
N ASP D 155 34.04 -8.98 -5.22
CA ASP D 155 33.84 -7.58 -5.55
C ASP D 155 32.66 -6.99 -4.81
N VAL D 156 31.99 -7.83 -4.01
CA VAL D 156 30.84 -7.39 -3.23
C VAL D 156 30.91 -7.91 -1.79
N PRO D 157 30.32 -7.16 -0.84
CA PRO D 157 30.34 -7.57 0.57
C PRO D 157 29.62 -8.88 0.84
N ALA D 158 29.01 -9.45 -0.20
CA ALA D 158 28.30 -10.73 -0.08
C ALA D 158 27.80 -11.22 -1.42
N GLY D 159 28.13 -12.45 -1.77
CA GLY D 159 27.69 -13.00 -3.03
C GLY D 159 26.18 -13.13 -3.10
N ARG D 160 25.71 -13.95 -4.02
CA ARG D 160 24.29 -14.16 -4.15
C ARG D 160 23.88 -15.02 -2.96
N PRO D 161 22.60 -15.04 -2.62
CA PRO D 161 21.46 -14.35 -3.24
C PRO D 161 21.46 -12.84 -3.14
N TYR D 162 22.29 -12.29 -2.28
CA TYR D 162 22.32 -10.84 -2.16
C TYR D 162 22.70 -10.31 -3.53
N PRO D 163 21.90 -9.39 -4.09
CA PRO D 163 22.23 -8.85 -5.42
C PRO D 163 23.69 -8.40 -5.45
N TRP D 164 23.91 -7.11 -5.17
CA TRP D 164 25.28 -6.57 -5.13
C TRP D 164 26.04 -6.76 -6.43
N MET D 165 26.37 -8.02 -6.75
CA MET D 165 27.07 -8.32 -7.98
C MET D 165 26.25 -7.77 -9.15
N CYS D 166 24.95 -8.04 -9.19
CA CYS D 166 24.11 -7.51 -10.28
C CYS D 166 24.13 -5.99 -10.29
N TYR D 167 24.29 -5.38 -9.12
CA TYR D 167 24.32 -3.93 -9.07
C TYR D 167 25.63 -3.40 -9.63
N LYS D 168 26.70 -4.19 -9.54
CA LYS D 168 27.99 -3.77 -10.06
C LYS D 168 27.98 -3.70 -11.58
N ASN D 169 27.48 -4.78 -12.21
CA ASN D 169 27.36 -4.85 -13.65
C ASN D 169 26.62 -3.65 -14.22
N ALA D 170 25.43 -3.37 -13.70
CA ALA D 170 24.69 -2.22 -14.21
C ALA D 170 25.47 -0.92 -14.09
N MET D 171 26.36 -0.84 -13.12
CA MET D 171 27.13 0.36 -12.90
C MET D 171 28.18 0.56 -13.99
N GLU D 172 28.60 -0.55 -14.59
CA GLU D 172 29.60 -0.54 -15.66
C GLU D 172 28.92 -0.29 -17.00
N LEU D 173 28.06 -1.22 -17.41
CA LEU D 173 27.36 -1.15 -18.70
C LEU D 173 26.45 0.09 -18.79
N GLY D 174 26.59 0.98 -17.81
CA GLY D 174 25.81 2.20 -17.77
C GLY D 174 24.30 2.11 -18.04
N VAL D 175 23.68 0.97 -17.72
CA VAL D 175 22.24 0.74 -17.92
C VAL D 175 21.40 1.17 -16.70
N TYR D 176 20.78 2.35 -16.80
CA TYR D 176 19.97 2.92 -15.72
C TYR D 176 19.07 2.00 -14.90
N PRO D 177 17.78 1.83 -15.29
CA PRO D 177 16.94 0.96 -14.46
C PRO D 177 17.42 -0.49 -14.31
N MET D 178 16.81 -1.21 -13.38
CA MET D 178 17.18 -2.60 -13.15
C MET D 178 16.20 -3.48 -13.90
N ASN D 179 15.02 -2.92 -14.16
CA ASN D 179 13.98 -3.64 -14.88
C ASN D 179 14.29 -3.61 -16.40
N HIS D 180 15.27 -2.80 -16.80
CA HIS D 180 15.72 -2.74 -18.21
C HIS D 180 16.92 -3.68 -18.35
N MET D 181 16.89 -4.81 -17.66
CA MET D 181 17.98 -5.79 -17.71
C MET D 181 17.43 -7.19 -17.58
N ILE D 182 18.28 -8.19 -17.69
CA ILE D 182 17.82 -9.56 -17.55
C ILE D 182 18.93 -10.36 -16.88
N LYS D 183 18.54 -11.32 -16.06
CA LYS D 183 19.50 -12.17 -15.38
C LYS D 183 19.23 -13.59 -15.88
N VAL D 184 20.26 -14.28 -16.35
CA VAL D 184 20.03 -15.63 -16.85
C VAL D 184 20.91 -16.54 -16.04
N GLY D 185 20.36 -17.68 -15.61
CA GLY D 185 21.13 -18.62 -14.81
C GLY D 185 20.49 -19.98 -14.90
N ASP D 186 21.01 -20.94 -14.13
CA ASP D 186 20.48 -22.30 -14.15
C ASP D 186 20.23 -22.92 -12.76
N THR D 187 20.02 -22.07 -11.76
CA THR D 187 19.79 -22.55 -10.40
C THR D 187 18.77 -21.66 -9.68
N VAL D 188 18.16 -22.22 -8.62
CA VAL D 188 17.19 -21.50 -7.79
C VAL D 188 17.83 -20.20 -7.26
N SER D 189 19.11 -20.29 -6.89
CA SER D 189 19.78 -19.13 -6.38
C SER D 189 19.84 -18.02 -7.41
N ASP D 190 20.05 -18.46 -8.66
CA ASP D 190 20.12 -17.57 -9.80
C ASP D 190 18.84 -16.80 -9.90
N MET D 191 17.74 -17.50 -9.69
CA MET D 191 16.44 -16.87 -9.72
C MET D 191 16.42 -15.83 -8.60
N LYS D 192 16.92 -16.21 -7.43
CA LYS D 192 16.93 -15.29 -6.30
C LYS D 192 17.79 -14.06 -6.53
N GLU D 193 19.05 -14.26 -6.93
CA GLU D 193 19.92 -13.13 -7.19
C GLU D 193 19.20 -12.09 -8.06
N GLY D 194 18.54 -12.54 -9.13
CA GLY D 194 17.85 -11.59 -9.99
C GLY D 194 16.68 -10.92 -9.30
N ARG D 195 15.77 -11.73 -8.77
CA ARG D 195 14.59 -11.22 -8.10
C ARG D 195 14.91 -10.16 -7.04
N ASN D 196 15.97 -10.39 -6.25
CA ASN D 196 16.35 -9.41 -5.23
C ASN D 196 16.88 -8.15 -5.91
N ALA D 197 17.45 -8.33 -7.10
CA ALA D 197 18.01 -7.23 -7.87
C ALA D 197 16.90 -6.38 -8.51
N GLY D 198 15.86 -7.05 -8.99
CA GLY D 198 14.75 -6.35 -9.61
C GLY D 198 14.76 -6.48 -11.11
N MET D 199 15.61 -7.37 -11.60
CA MET D 199 15.78 -7.62 -13.02
C MET D 199 14.83 -8.71 -13.52
N TRP D 200 14.69 -8.85 -14.84
CA TRP D 200 13.83 -9.90 -15.33
C TRP D 200 14.63 -11.19 -15.16
N THR D 201 14.03 -12.19 -14.54
CA THR D 201 14.74 -13.42 -14.32
C THR D 201 14.30 -14.57 -15.22
N VAL D 202 15.26 -15.20 -15.88
CA VAL D 202 15.01 -16.32 -16.78
C VAL D 202 15.98 -17.43 -16.44
N GLY D 203 15.51 -18.67 -16.45
CA GLY D 203 16.37 -19.79 -16.16
C GLY D 203 16.37 -20.79 -17.31
N VAL D 204 17.53 -21.38 -17.59
CA VAL D 204 17.64 -22.36 -18.67
C VAL D 204 17.45 -23.73 -18.07
N ILE D 205 16.98 -24.69 -18.86
CA ILE D 205 16.74 -26.04 -18.38
C ILE D 205 17.76 -27.05 -18.89
N LEU D 206 18.36 -26.78 -20.03
CA LEU D 206 19.33 -27.74 -20.56
C LEU D 206 20.75 -27.34 -20.16
N GLY D 207 21.51 -28.29 -19.60
CA GLY D 207 22.87 -28.01 -19.17
C GLY D 207 22.81 -27.19 -17.89
N SER D 208 21.77 -27.45 -17.12
CA SER D 208 21.56 -26.72 -15.88
C SER D 208 21.92 -27.59 -14.69
N SER D 209 22.16 -26.93 -13.57
CA SER D 209 22.50 -27.57 -12.32
C SER D 209 21.22 -28.07 -11.66
N GLU D 210 20.10 -27.91 -12.34
CA GLU D 210 18.81 -28.36 -11.80
C GLU D 210 18.38 -29.62 -12.52
N LEU D 211 18.85 -29.76 -13.75
CA LEU D 211 18.55 -30.92 -14.58
C LEU D 211 19.65 -31.94 -14.24
N GLY D 212 20.89 -31.51 -14.38
CA GLY D 212 22.01 -32.37 -14.07
C GLY D 212 22.37 -33.42 -15.11
N LEU D 213 22.19 -33.08 -16.37
CA LEU D 213 22.53 -34.02 -17.43
C LEU D 213 23.53 -33.42 -18.39
N THR D 214 24.33 -34.28 -19.02
CA THR D 214 25.35 -33.83 -19.97
C THR D 214 24.70 -33.50 -21.32
N GLU D 215 25.44 -33.67 -22.41
CA GLU D 215 24.90 -33.38 -23.72
C GLU D 215 24.93 -34.66 -24.54
N GLU D 216 24.84 -35.79 -23.84
CA GLU D 216 24.87 -37.10 -24.45
C GLU D 216 23.65 -37.84 -23.89
N GLU D 217 23.48 -37.75 -22.58
CA GLU D 217 22.35 -38.36 -21.90
C GLU D 217 21.14 -37.60 -22.45
N VAL D 218 21.23 -36.27 -22.41
CA VAL D 218 20.16 -35.42 -22.91
C VAL D 218 19.91 -35.73 -24.38
N GLU D 219 20.93 -36.27 -25.04
CA GLU D 219 20.81 -36.62 -26.45
C GLU D 219 20.13 -37.96 -26.62
N ASN D 220 20.70 -38.99 -26.01
CA ASN D 220 20.16 -40.34 -26.09
C ASN D 220 18.95 -40.62 -25.23
N MET D 221 18.53 -39.64 -24.43
CA MET D 221 17.39 -39.82 -23.56
C MET D 221 16.08 -39.79 -24.32
N ASP D 222 15.15 -40.66 -23.91
CA ASP D 222 13.85 -40.77 -24.54
C ASP D 222 13.05 -39.50 -24.32
N SER D 223 12.41 -39.03 -25.38
CA SER D 223 11.63 -37.80 -25.30
C SER D 223 10.54 -37.80 -24.22
N VAL D 224 10.22 -38.96 -23.66
CA VAL D 224 9.19 -39.02 -22.60
C VAL D 224 9.85 -38.73 -21.26
N GLU D 225 10.97 -39.42 -21.02
CA GLU D 225 11.73 -39.27 -19.78
C GLU D 225 12.29 -37.87 -19.64
N LEU D 226 12.78 -37.31 -20.74
CA LEU D 226 13.35 -35.98 -20.74
C LEU D 226 12.23 -34.93 -20.61
N ARG D 227 11.08 -35.20 -21.23
CA ARG D 227 9.95 -34.28 -21.18
C ARG D 227 9.63 -34.02 -19.71
N GLU D 228 9.49 -35.12 -18.96
CA GLU D 228 9.17 -35.07 -17.54
C GLU D 228 10.29 -34.41 -16.74
N LYS D 229 11.50 -34.94 -16.89
CA LYS D 229 12.65 -34.40 -16.18
C LYS D 229 12.78 -32.89 -16.38
N ILE D 230 12.29 -32.41 -17.51
CA ILE D 230 12.37 -30.99 -17.81
C ILE D 230 11.26 -30.22 -17.11
N GLU D 231 10.12 -30.87 -16.88
CA GLU D 231 9.00 -30.22 -16.22
C GLU D 231 9.33 -29.96 -14.74
N VAL D 232 10.00 -30.92 -14.11
CA VAL D 232 10.38 -30.77 -12.72
C VAL D 232 11.26 -29.54 -12.56
N VAL D 233 12.23 -29.43 -13.45
CA VAL D 233 13.16 -28.31 -13.45
C VAL D 233 12.38 -27.04 -13.76
N ARG D 234 11.52 -27.10 -14.78
CA ARG D 234 10.72 -25.95 -15.18
C ARG D 234 9.86 -25.49 -14.02
N ASN D 235 9.39 -26.44 -13.24
CA ASN D 235 8.54 -26.18 -12.08
C ASN D 235 9.34 -25.45 -11.00
N ARG D 236 10.41 -26.07 -10.54
CA ARG D 236 11.26 -25.50 -9.50
C ARG D 236 11.52 -24.01 -9.74
N PHE D 237 12.06 -23.66 -10.91
CA PHE D 237 12.34 -22.27 -11.25
C PHE D 237 11.12 -21.38 -11.00
N VAL D 238 9.94 -21.90 -11.35
CA VAL D 238 8.68 -21.17 -11.19
C VAL D 238 8.37 -20.95 -9.71
N GLU D 239 8.43 -22.04 -8.95
CA GLU D 239 8.21 -22.02 -7.50
C GLU D 239 9.13 -20.98 -6.90
N ASN D 240 10.31 -20.83 -7.48
CA ASN D 240 11.25 -19.86 -6.96
C ASN D 240 11.18 -18.47 -7.57
N GLY D 241 9.99 -18.07 -8.00
CA GLY D 241 9.78 -16.72 -8.53
C GLY D 241 10.41 -16.32 -9.84
N ALA D 242 10.54 -17.29 -10.74
CA ALA D 242 11.12 -17.05 -12.04
C ALA D 242 10.07 -16.39 -12.92
N HIS D 243 10.51 -15.45 -13.75
CA HIS D 243 9.61 -14.77 -14.66
C HIS D 243 9.41 -15.59 -15.94
N PHE D 244 10.46 -16.23 -16.43
CA PHE D 244 10.39 -17.03 -17.64
C PHE D 244 11.28 -18.25 -17.49
N THR D 245 11.11 -19.22 -18.38
CA THR D 245 11.92 -20.42 -18.35
C THR D 245 12.14 -20.90 -19.77
N ILE D 246 13.38 -20.83 -20.26
CA ILE D 246 13.69 -21.25 -21.61
C ILE D 246 14.54 -22.51 -21.70
N GLU D 247 14.02 -23.53 -22.37
CA GLU D 247 14.75 -24.79 -22.54
C GLU D 247 16.18 -24.58 -23.03
N THR D 248 16.38 -23.66 -23.95
CA THR D 248 17.71 -23.38 -24.47
C THR D 248 17.83 -21.93 -24.88
N MET D 249 19.04 -21.40 -24.76
CA MET D 249 19.29 -19.99 -25.06
C MET D 249 18.70 -19.40 -26.34
N GLN D 250 18.20 -20.21 -27.27
CA GLN D 250 17.63 -19.66 -28.50
C GLN D 250 16.40 -18.81 -28.22
N GLU D 251 15.57 -19.29 -27.30
CA GLU D 251 14.32 -18.63 -26.90
C GLU D 251 14.49 -17.27 -26.21
N LEU D 252 15.62 -17.08 -25.53
CA LEU D 252 15.87 -15.83 -24.80
C LEU D 252 15.55 -14.59 -25.61
N GLU D 253 15.84 -14.64 -26.90
CA GLU D 253 15.62 -13.51 -27.81
C GLU D 253 14.15 -13.11 -27.85
N SER D 254 13.27 -14.09 -28.00
CA SER D 254 11.83 -13.81 -28.05
C SER D 254 11.29 -13.51 -26.68
N VAL D 255 11.88 -14.12 -25.66
CA VAL D 255 11.47 -13.87 -24.28
C VAL D 255 11.59 -12.38 -24.07
N MET D 256 12.67 -11.81 -24.57
CA MET D 256 12.87 -10.38 -24.43
C MET D 256 11.76 -9.59 -25.08
N GLU D 257 11.43 -9.94 -26.32
CA GLU D 257 10.39 -9.23 -27.05
C GLU D 257 8.99 -9.42 -26.45
N HIS D 258 8.83 -10.49 -25.69
CA HIS D 258 7.56 -10.76 -25.05
C HIS D 258 7.46 -9.76 -23.91
N ILE D 259 8.68 -9.50 -23.42
CA ILE D 259 8.83 -8.49 -22.39
C ILE D 259 8.68 -7.11 -23.02
N GLU D 260 8.75 -6.86 -24.31
CA GLU D 260 8.39 -5.46 -24.60
C GLU D 260 6.89 -5.45 -24.96
N LYS D 261 6.38 -6.53 -25.57
CA LYS D 261 4.97 -6.59 -25.94
C LYS D 261 4.12 -6.57 -24.66
N GLN D 262 4.07 -7.72 -23.99
CA GLN D 262 3.34 -7.85 -22.74
C GLN D 262 3.76 -6.69 -21.85
N GLU D 263 2.78 -5.91 -21.39
CA GLU D 263 3.08 -4.76 -20.54
C GLU D 263 2.93 -5.10 -19.07
N LEU D 264 3.88 -5.87 -18.53
CA LEU D 264 3.87 -6.28 -17.13
C LEU D 264 4.97 -5.57 -16.34
N ILE D 265 4.66 -5.22 -15.09
CA ILE D 265 5.60 -4.55 -14.20
C ILE D 265 6.16 -5.48 -13.13
N ILE D 266 7.47 -5.39 -12.90
CA ILE D 266 8.13 -6.22 -11.89
C ILE D 266 7.81 -5.77 -10.48
N SER D 267 7.77 -6.73 -9.57
CA SER D 267 7.47 -6.46 -8.16
C SER D 267 5.98 -6.22 -7.97
N LYS E 5 -0.26 -18.90 50.97
CA LYS E 5 0.88 -19.82 50.77
C LYS E 5 2.20 -19.05 50.54
N ILE E 6 2.13 -17.72 50.65
CA ILE E 6 3.29 -16.83 50.48
C ILE E 6 4.39 -17.12 51.49
N GLU E 7 5.43 -17.85 51.07
CA GLU E 7 6.52 -18.18 51.97
C GLU E 7 7.54 -17.06 52.15
N ALA E 8 7.65 -16.16 51.18
CA ALA E 8 8.63 -15.08 51.28
C ALA E 8 8.10 -13.80 50.65
N VAL E 9 8.84 -12.71 50.82
CA VAL E 9 8.44 -11.44 50.24
C VAL E 9 9.73 -10.67 49.91
N ILE E 10 9.93 -10.38 48.63
CA ILE E 10 11.13 -9.67 48.21
C ILE E 10 10.78 -8.19 48.08
N PHE E 11 11.50 -7.35 48.85
CA PHE E 11 11.27 -5.90 48.85
C PHE E 11 12.27 -5.12 48.02
N ASP E 12 11.81 -4.01 47.43
CA ASP E 12 12.68 -3.13 46.68
C ASP E 12 13.35 -2.34 47.81
N TRP E 13 14.09 -1.28 47.49
CA TRP E 13 14.72 -0.45 48.51
C TRP E 13 14.24 1.00 48.43
N ALA E 14 14.91 1.85 47.66
CA ALA E 14 14.49 3.24 47.58
C ALA E 14 13.01 3.34 47.23
N GLY E 15 12.33 4.31 47.84
CA GLY E 15 10.91 4.51 47.60
C GLY E 15 10.00 3.43 48.16
N THR E 16 10.57 2.26 48.47
CA THR E 16 9.81 1.14 48.98
C THR E 16 10.01 0.87 50.46
N THR E 17 11.20 0.38 50.77
CA THR E 17 11.55 0.01 52.13
C THR E 17 12.38 1.11 52.80
N VAL E 18 12.75 2.13 52.04
CA VAL E 18 13.56 3.22 52.60
C VAL E 18 13.61 4.41 51.66
N ASP E 19 13.81 5.61 52.21
CA ASP E 19 13.89 6.82 51.40
C ASP E 19 12.52 7.17 50.83
N TYR E 20 11.79 7.99 51.57
CA TYR E 20 10.44 8.42 51.20
C TYR E 20 10.47 9.43 50.06
N GLY E 21 10.10 8.97 48.85
CA GLY E 21 10.09 9.84 47.70
C GLY E 21 11.19 9.50 46.72
N CYS E 22 12.14 8.68 47.17
CA CYS E 22 13.28 8.24 46.37
C CYS E 22 14.01 9.45 45.78
N PHE E 23 14.31 10.43 46.64
CA PHE E 23 14.99 11.64 46.19
C PHE E 23 16.51 11.49 46.05
N ALA E 24 17.08 10.47 46.67
CA ALA E 24 18.52 10.26 46.60
C ALA E 24 19.09 10.36 45.18
N PRO E 25 18.62 9.51 44.25
CA PRO E 25 19.11 9.54 42.87
C PRO E 25 18.80 10.87 42.20
N LEU E 26 17.51 11.13 42.07
CA LEU E 26 17.02 12.35 41.44
C LEU E 26 17.71 13.62 41.92
N GLU E 27 18.26 13.57 43.14
CA GLU E 27 18.95 14.73 43.69
C GLU E 27 20.27 14.95 42.96
N VAL E 28 21.03 13.88 42.80
CA VAL E 28 22.31 13.97 42.11
C VAL E 28 22.09 14.55 40.71
N PHE E 29 21.34 13.84 39.87
CA PHE E 29 21.06 14.28 38.50
C PHE E 29 20.69 15.77 38.41
N MET E 30 19.91 16.24 39.39
CA MET E 30 19.50 17.64 39.42
C MET E 30 20.69 18.60 39.42
N GLU E 31 21.62 18.37 40.34
CA GLU E 31 22.78 19.26 40.44
C GLU E 31 23.91 18.91 39.49
N ILE E 32 23.97 17.66 39.06
CA ILE E 32 25.00 17.24 38.12
C ILE E 32 24.72 17.90 36.76
N PHE E 33 23.47 18.28 36.52
CA PHE E 33 23.08 18.95 35.28
C PHE E 33 22.96 20.44 35.52
N HIS E 34 23.04 20.81 36.80
CA HIS E 34 22.94 22.20 37.19
C HIS E 34 24.32 22.88 37.07
N LYS E 35 25.36 22.20 37.53
CA LYS E 35 26.70 22.77 37.46
C LYS E 35 27.23 22.68 36.02
N ARG E 36 26.35 22.76 35.03
CA ARG E 36 26.75 22.71 33.64
C ARG E 36 25.98 23.71 32.80
N GLY E 37 25.03 24.41 33.40
CA GLY E 37 24.28 25.41 32.66
C GLY E 37 22.90 25.02 32.20
N VAL E 38 22.67 23.72 32.04
CA VAL E 38 21.38 23.19 31.59
C VAL E 38 20.36 23.09 32.73
N ALA E 39 20.58 22.18 33.66
CA ALA E 39 19.66 22.04 34.79
C ALA E 39 18.31 21.53 34.33
N ILE E 40 18.05 20.26 34.62
CA ILE E 40 16.79 19.62 34.26
C ILE E 40 15.67 19.98 35.24
N THR E 41 14.42 19.90 34.79
CA THR E 41 13.27 20.21 35.67
C THR E 41 13.26 19.11 36.70
N ALA E 42 12.59 19.35 37.82
CA ALA E 42 12.52 18.36 38.88
C ALA E 42 11.66 17.15 38.52
N GLU E 43 11.30 17.01 37.24
CA GLU E 43 10.44 15.93 36.77
C GLU E 43 11.11 15.00 35.76
N GLU E 44 11.79 15.61 34.80
CA GLU E 44 12.46 14.89 33.73
C GLU E 44 13.48 13.89 34.27
N ALA E 45 14.09 14.23 35.40
CA ALA E 45 15.09 13.36 36.00
C ALA E 45 14.50 11.98 36.30
N ARG E 46 13.24 11.96 36.74
CA ARG E 46 12.56 10.72 37.08
C ARG E 46 12.03 9.94 35.88
N LYS E 47 12.33 10.36 34.66
CA LYS E 47 11.79 9.63 33.52
C LYS E 47 12.26 8.18 33.52
N PRO E 48 13.57 7.94 33.34
CA PRO E 48 14.01 6.54 33.34
C PRO E 48 14.07 6.00 34.76
N MET E 49 13.51 6.80 35.69
CA MET E 49 13.45 6.51 37.13
C MET E 49 14.47 5.47 37.61
N PRO E 50 14.21 4.17 37.38
CA PRO E 50 15.20 3.20 37.85
C PRO E 50 16.49 3.26 37.02
N LEU E 51 16.97 2.10 36.57
CA LEU E 51 18.20 2.08 35.79
C LEU E 51 19.37 2.57 36.65
N LEU E 52 19.69 3.86 36.52
CA LEU E 52 20.78 4.49 37.28
C LEU E 52 22.16 3.95 36.89
N LYS E 53 22.62 4.36 35.71
CA LYS E 53 23.91 3.95 35.17
C LYS E 53 24.30 5.03 34.17
N ILE E 54 25.10 4.68 33.16
CA ILE E 54 25.49 5.63 32.14
C ILE E 54 24.21 5.91 31.34
N ASP E 55 23.34 4.90 31.38
CA ASP E 55 22.05 4.91 30.69
C ASP E 55 21.07 5.99 31.14
N HIS E 56 21.13 6.35 32.42
CA HIS E 56 20.22 7.35 32.96
C HIS E 56 20.55 8.77 32.48
N VAL E 57 21.82 9.01 32.13
CA VAL E 57 22.24 10.33 31.67
C VAL E 57 21.82 10.58 30.21
N ARG E 58 22.01 9.56 29.37
CA ARG E 58 21.63 9.65 27.95
C ARG E 58 20.14 9.95 27.81
N ALA E 59 19.33 9.25 28.61
CA ALA E 59 17.88 9.42 28.59
C ALA E 59 17.48 10.88 28.80
N LEU E 60 18.24 11.60 29.62
CA LEU E 60 17.97 13.00 29.90
C LEU E 60 18.57 13.84 28.78
N THR E 61 19.61 13.28 28.16
CA THR E 61 20.32 13.92 27.06
C THR E 61 19.41 13.93 25.84
N GLU E 62 18.90 12.75 25.50
CA GLU E 62 18.02 12.59 24.36
C GLU E 62 16.60 12.95 24.78
N MET E 63 16.41 14.19 25.17
CA MET E 63 15.10 14.66 25.61
C MET E 63 14.83 16.02 24.98
N PRO E 64 13.57 16.46 24.99
CA PRO E 64 13.16 17.74 24.43
C PRO E 64 13.88 18.96 24.98
N ARG E 65 13.33 19.51 26.06
CA ARG E 65 13.88 20.71 26.70
C ARG E 65 15.20 20.42 27.42
N ILE E 66 16.02 19.56 26.82
CA ILE E 66 17.32 19.22 27.40
C ILE E 66 18.34 19.31 26.28
N ALA E 67 18.35 18.32 25.39
CA ALA E 67 19.30 18.34 24.29
C ALA E 67 19.25 19.70 23.61
N SER E 68 18.14 20.41 23.77
CA SER E 68 18.02 21.73 23.17
C SER E 68 18.92 22.67 23.94
N GLU E 69 18.54 22.92 25.20
CA GLU E 69 19.29 23.80 26.09
C GLU E 69 20.77 23.51 26.04
N TRP E 70 21.12 22.24 25.95
CA TRP E 70 22.52 21.88 25.91
C TRP E 70 23.26 22.55 24.76
N ASN E 71 22.56 22.80 23.65
CA ASN E 71 23.19 23.43 22.50
C ASN E 71 23.01 24.94 22.50
N ARG E 72 22.06 25.43 23.30
CA ARG E 72 21.81 26.86 23.42
C ARG E 72 22.90 27.38 24.35
N VAL E 73 23.77 26.48 24.77
CA VAL E 73 24.85 26.83 25.66
C VAL E 73 26.18 26.30 25.11
N PHE E 74 26.21 25.01 24.82
CA PHE E 74 27.43 24.38 24.31
C PHE E 74 27.57 24.31 22.79
N ARG E 75 26.58 24.84 22.08
CA ARG E 75 26.59 24.86 20.61
C ARG E 75 27.04 23.52 20.02
N GLN E 76 26.39 22.45 20.45
CA GLN E 76 26.71 21.11 19.97
C GLN E 76 25.58 20.15 20.27
N LEU E 77 25.85 19.27 21.22
CA LEU E 77 24.92 18.26 21.66
C LEU E 77 25.81 17.40 22.54
N PRO E 78 25.28 16.86 23.62
CA PRO E 78 26.09 16.03 24.51
C PRO E 78 27.08 15.12 23.77
N THR E 79 28.36 15.27 24.10
CA THR E 79 29.43 14.48 23.50
C THR E 79 29.51 13.14 24.22
N GLU E 80 29.96 12.09 23.54
CA GLU E 80 30.06 10.80 24.21
C GLU E 80 30.89 10.97 25.48
N ALA E 81 31.77 11.98 25.45
CA ALA E 81 32.63 12.28 26.58
C ALA E 81 31.78 12.83 27.74
N ASP E 82 31.03 13.88 27.44
CA ASP E 82 30.14 14.53 28.41
C ASP E 82 29.21 13.56 29.12
N ILE E 83 28.93 12.42 28.50
CA ILE E 83 28.06 11.43 29.11
C ILE E 83 28.82 10.66 30.19
N GLN E 84 29.79 9.84 29.79
CA GLN E 84 30.58 9.06 30.73
C GLN E 84 31.24 9.96 31.76
N GLU E 85 31.41 11.23 31.40
CA GLU E 85 32.03 12.19 32.30
C GLU E 85 31.08 12.52 33.44
N MET E 86 29.80 12.69 33.12
CA MET E 86 28.80 13.01 34.13
C MET E 86 28.46 11.81 35.02
N TYR E 87 28.22 10.64 34.41
CA TYR E 87 27.91 9.47 35.21
C TYR E 87 28.97 9.32 36.29
N GLU E 88 30.19 9.72 35.96
CA GLU E 88 31.27 9.65 36.92
C GLU E 88 30.96 10.57 38.08
N GLU E 89 30.83 11.86 37.77
CA GLU E 89 30.52 12.89 38.77
C GLU E 89 29.20 12.54 39.46
N PHE E 90 28.50 11.55 38.95
CA PHE E 90 27.24 11.12 39.52
C PHE E 90 27.47 10.14 40.64
N GLU E 91 28.05 9.01 40.28
CA GLU E 91 28.33 7.96 41.24
C GLU E 91 29.25 8.47 42.34
N GLU E 92 29.74 9.70 42.22
CA GLU E 92 30.63 10.22 43.25
C GLU E 92 29.87 10.99 44.32
N ILE E 93 29.13 12.02 43.91
CA ILE E 93 28.38 12.81 44.87
C ILE E 93 27.15 12.06 45.40
N LEU E 94 26.80 10.94 44.76
CA LEU E 94 25.68 10.14 45.23
C LEU E 94 26.19 9.24 46.36
N PHE E 95 27.47 8.89 46.27
CA PHE E 95 28.11 8.08 47.28
C PHE E 95 28.09 8.82 48.61
N ALA E 96 28.42 10.10 48.53
CA ALA E 96 28.48 10.95 49.72
C ALA E 96 27.15 11.08 50.47
N ILE E 97 26.09 11.47 49.76
CA ILE E 97 24.77 11.68 50.38
C ILE E 97 23.95 10.43 50.72
N LEU E 98 24.40 9.26 50.32
CA LEU E 98 23.65 8.04 50.58
C LEU E 98 23.27 7.77 52.05
N PRO E 99 24.22 7.93 53.00
CA PRO E 99 23.92 7.69 54.42
C PRO E 99 22.80 8.60 54.92
N ARG E 100 22.62 9.73 54.26
CA ARG E 100 21.58 10.67 54.65
C ARG E 100 20.24 10.25 54.02
N TYR E 101 20.23 9.13 53.30
CA TYR E 101 19.00 8.63 52.66
C TYR E 101 18.82 7.13 52.87
N ALA E 102 18.86 6.67 54.11
CA ALA E 102 18.70 5.23 54.39
C ALA E 102 17.76 4.92 55.55
N SER E 103 16.97 5.92 55.95
CA SER E 103 15.99 5.79 57.04
C SER E 103 14.71 5.09 56.63
N PRO E 104 14.39 3.92 57.21
CA PRO E 104 13.17 3.14 56.89
C PRO E 104 11.93 4.01 56.68
N ILE E 105 11.08 3.60 55.75
CA ILE E 105 9.89 4.38 55.44
C ILE E 105 8.96 4.55 56.65
N ASN E 106 7.90 3.74 56.68
CA ASN E 106 6.92 3.77 57.75
C ASN E 106 6.25 2.42 57.83
N ALA E 107 6.06 1.94 59.05
CA ALA E 107 5.43 0.64 59.26
C ALA E 107 6.30 -0.45 58.67
N VAL E 108 7.40 -0.06 58.05
CA VAL E 108 8.27 -1.06 57.48
C VAL E 108 8.81 -1.96 58.59
N LYS E 109 9.57 -1.36 59.51
CA LYS E 109 10.18 -2.09 60.63
C LYS E 109 9.05 -2.82 61.39
N GLU E 110 7.93 -2.12 61.50
CA GLU E 110 6.77 -2.62 62.21
C GLU E 110 6.19 -3.86 61.50
N VAL E 111 5.72 -3.69 60.27
CA VAL E 111 5.14 -4.81 59.52
C VAL E 111 6.13 -5.93 59.18
N ILE E 112 7.41 -5.59 59.11
CA ILE E 112 8.45 -6.58 58.81
C ILE E 112 8.57 -7.61 59.91
N ALA E 113 8.50 -7.13 61.15
CA ALA E 113 8.60 -8.01 62.31
C ALA E 113 7.46 -9.00 62.30
N SER E 114 6.24 -8.49 62.25
CA SER E 114 5.08 -9.37 62.24
C SER E 114 5.19 -10.37 61.11
N LEU E 115 5.58 -9.87 59.94
CA LEU E 115 5.72 -10.69 58.76
C LEU E 115 6.67 -11.85 59.03
N ARG E 116 7.68 -11.59 59.85
CA ARG E 116 8.67 -12.59 60.23
C ARG E 116 8.09 -13.56 61.25
N GLU E 117 7.19 -13.05 62.08
CA GLU E 117 6.56 -13.86 63.11
C GLU E 117 5.85 -15.06 62.51
N ARG E 118 5.10 -14.83 61.42
CA ARG E 118 4.38 -15.91 60.75
C ARG E 118 5.36 -16.92 60.19
N GLY E 119 6.64 -16.54 60.11
CA GLY E 119 7.63 -17.47 59.60
C GLY E 119 7.93 -17.23 58.13
N ILE E 120 7.88 -15.96 57.74
CA ILE E 120 8.11 -15.56 56.37
C ILE E 120 9.51 -14.98 56.21
N LYS E 121 10.17 -15.34 55.12
CA LYS E 121 11.51 -14.87 54.80
C LYS E 121 11.50 -13.45 54.25
N ILE E 122 12.64 -12.77 54.25
CA ILE E 122 12.72 -11.41 53.72
C ILE E 122 13.74 -11.32 52.59
N GLY E 123 13.37 -10.70 51.47
CA GLY E 123 14.30 -10.61 50.37
C GLY E 123 14.49 -9.18 49.90
N SER E 124 15.47 -8.97 49.04
CA SER E 124 15.74 -7.63 48.53
C SER E 124 16.45 -7.62 47.17
N THR E 125 16.12 -6.60 46.36
CA THR E 125 16.75 -6.38 45.06
C THR E 125 16.74 -4.87 44.87
N THR E 126 17.83 -4.33 44.36
CA THR E 126 17.90 -2.88 44.16
C THR E 126 18.47 -2.53 42.81
N GLY E 127 18.68 -1.24 42.63
CA GLY E 127 19.29 -0.73 41.41
C GLY E 127 20.69 -0.31 41.82
N TYR E 128 20.77 0.19 43.05
CA TYR E 128 22.00 0.62 43.67
C TYR E 128 23.10 -0.43 43.50
N THR E 129 24.32 0.05 43.29
CA THR E 129 25.46 -0.83 43.08
C THR E 129 25.89 -1.51 44.36
N ARG E 130 26.68 -2.57 44.23
CA ARG E 130 27.15 -3.29 45.40
C ARG E 130 27.94 -2.34 46.30
N GLU E 131 28.68 -1.42 45.67
CA GLU E 131 29.51 -0.44 46.39
C GLU E 131 28.61 0.62 47.02
N MET E 132 27.33 0.56 46.68
CA MET E 132 26.34 1.51 47.20
C MET E 132 25.55 0.91 48.36
N MET E 133 25.24 -0.38 48.27
CA MET E 133 24.47 -1.03 49.32
C MET E 133 25.17 -1.06 50.66
N ASP E 134 26.50 -1.08 50.64
CA ASP E 134 27.28 -1.07 51.88
C ASP E 134 26.91 0.23 52.57
N ILE E 135 26.96 1.29 51.77
CA ILE E 135 26.66 2.62 52.21
C ILE E 135 25.17 2.84 52.28
N VAL E 136 24.40 1.76 52.16
CA VAL E 136 22.94 1.89 52.23
C VAL E 136 22.35 0.91 53.21
N ALA E 137 22.75 -0.35 53.09
CA ALA E 137 22.23 -1.37 53.97
C ALA E 137 22.70 -1.19 55.40
N LYS E 138 24.01 -0.97 55.56
CA LYS E 138 24.61 -0.81 56.89
C LYS E 138 23.96 0.26 57.75
N GLU E 139 24.09 1.51 57.34
CA GLU E 139 23.51 2.57 58.14
C GLU E 139 22.00 2.56 57.98
N ALA E 140 21.43 1.37 57.91
CA ALA E 140 19.99 1.17 57.79
C ALA E 140 19.66 0.10 58.80
N ALA E 141 20.50 -0.93 58.81
CA ALA E 141 20.34 -2.03 59.74
C ALA E 141 20.43 -1.45 61.14
N LEU E 142 21.08 -0.29 61.23
CA LEU E 142 21.24 0.41 62.51
C LEU E 142 19.98 1.19 62.81
N GLN E 143 19.19 1.44 61.78
CA GLN E 143 17.96 2.19 61.93
C GLN E 143 16.70 1.33 62.06
N GLY E 144 16.90 0.02 62.21
CA GLY E 144 15.76 -0.86 62.41
C GLY E 144 15.31 -1.77 61.29
N TYR E 145 16.15 -1.94 60.28
CA TYR E 145 15.80 -2.80 59.14
C TYR E 145 16.96 -3.49 58.46
N LYS E 146 16.91 -4.82 58.41
CA LYS E 146 17.97 -5.60 57.76
C LYS E 146 17.37 -6.88 57.18
N PRO E 147 17.17 -6.91 55.86
CA PRO E 147 16.60 -8.04 55.13
C PRO E 147 17.36 -9.34 55.32
N ASP E 148 16.64 -10.47 55.30
CA ASP E 148 17.31 -11.75 55.45
C ASP E 148 18.35 -11.88 54.34
N PHE E 149 18.12 -11.22 53.22
CA PHE E 149 19.06 -11.29 52.10
C PHE E 149 19.05 -10.03 51.23
N LEU E 150 20.17 -9.79 50.55
CA LEU E 150 20.32 -8.62 49.68
C LEU E 150 21.04 -9.02 48.39
N VAL E 151 20.47 -8.64 47.25
CA VAL E 151 21.08 -8.96 45.97
C VAL E 151 21.08 -7.70 45.12
N THR E 152 22.20 -7.41 44.46
CA THR E 152 22.28 -6.22 43.59
C THR E 152 22.55 -6.66 42.17
N PRO E 153 22.53 -5.71 41.23
CA PRO E 153 22.80 -6.09 39.85
C PRO E 153 24.18 -6.72 39.69
N ASP E 154 25.13 -6.30 40.53
CA ASP E 154 26.49 -6.81 40.49
C ASP E 154 26.58 -8.28 40.85
N ASP E 155 25.46 -8.98 40.83
CA ASP E 155 25.45 -10.40 41.17
C ASP E 155 24.76 -11.21 40.08
N VAL E 156 24.13 -10.49 39.15
CA VAL E 156 23.42 -11.10 38.05
C VAL E 156 23.83 -10.48 36.70
N PRO E 157 23.92 -11.32 35.65
CA PRO E 157 24.29 -10.84 34.32
C PRO E 157 23.52 -9.62 33.82
N ALA E 158 22.25 -9.50 34.18
CA ALA E 158 21.48 -8.35 33.71
C ALA E 158 20.82 -7.54 34.81
N GLY E 159 20.56 -6.27 34.52
CA GLY E 159 19.94 -5.38 35.48
C GLY E 159 18.50 -5.71 35.86
N ARG E 160 17.90 -4.78 36.59
CA ARG E 160 16.53 -4.88 37.11
C ARG E 160 15.45 -5.30 36.14
N PRO E 161 15.49 -4.80 34.90
CA PRO E 161 14.42 -5.23 34.00
C PRO E 161 14.27 -6.76 33.97
N TYR E 162 15.38 -7.47 34.14
CA TYR E 162 15.40 -8.94 34.14
C TYR E 162 15.05 -9.54 35.50
N PRO E 163 14.70 -10.83 35.52
CA PRO E 163 14.33 -11.48 36.78
C PRO E 163 15.44 -12.31 37.44
N TRP E 164 16.68 -12.10 37.04
CA TRP E 164 17.78 -12.88 37.58
C TRP E 164 17.96 -12.69 39.10
N MET E 165 17.87 -11.44 39.57
CA MET E 165 18.01 -11.15 41.00
C MET E 165 17.04 -11.96 41.86
N CYS E 166 15.74 -11.83 41.59
CA CYS E 166 14.72 -12.58 42.32
C CYS E 166 14.92 -14.09 42.27
N TYR E 167 15.61 -14.59 41.26
CA TYR E 167 15.87 -16.04 41.21
C TYR E 167 16.98 -16.34 42.22
N LYS E 168 17.77 -15.32 42.54
CA LYS E 168 18.87 -15.45 43.48
C LYS E 168 18.29 -15.49 44.90
N ASN E 169 17.35 -14.58 45.16
CA ASN E 169 16.69 -14.52 46.46
C ASN E 169 16.07 -15.88 46.74
N ALA E 170 15.29 -16.39 45.80
CA ALA E 170 14.63 -17.67 45.98
C ALA E 170 15.59 -18.80 46.30
N MET E 171 16.83 -18.65 45.87
CA MET E 171 17.86 -19.66 46.09
C MET E 171 18.31 -19.70 47.54
N GLU E 172 18.59 -18.52 48.09
CA GLU E 172 19.04 -18.40 49.48
C GLU E 172 17.92 -18.65 50.45
N LEU E 173 16.79 -18.00 50.23
CA LEU E 173 15.67 -18.19 51.12
C LEU E 173 15.23 -19.66 51.11
N GLY E 174 15.41 -20.35 49.98
CA GLY E 174 15.02 -21.75 49.88
C GLY E 174 13.53 -21.95 49.63
N VAL E 175 12.92 -21.08 48.82
CA VAL E 175 11.49 -21.16 48.51
C VAL E 175 11.21 -21.61 47.07
N TYR E 176 10.72 -22.85 46.93
CA TYR E 176 10.43 -23.46 45.62
C TYR E 176 9.71 -22.61 44.55
N PRO E 177 8.40 -22.81 44.31
CA PRO E 177 7.80 -21.98 43.27
C PRO E 177 7.99 -20.50 43.45
N MET E 178 7.90 -19.77 42.35
CA MET E 178 8.03 -18.34 42.40
C MET E 178 6.65 -17.75 42.76
N ASN E 179 5.65 -18.64 42.80
CA ASN E 179 4.28 -18.25 43.16
C ASN E 179 4.28 -17.79 44.59
N HIS E 180 4.90 -18.61 45.44
CA HIS E 180 5.00 -18.32 46.85
C HIS E 180 5.98 -17.16 47.05
N MET E 181 5.62 -15.95 46.61
CA MET E 181 6.50 -14.78 46.75
C MET E 181 5.87 -13.51 46.22
N ILE E 182 5.87 -12.46 47.03
CA ILE E 182 5.29 -11.19 46.62
C ILE E 182 6.43 -10.18 46.38
N LYS E 183 6.30 -9.36 45.34
CA LYS E 183 7.31 -8.36 45.04
C LYS E 183 6.76 -6.99 45.36
N VAL E 184 7.47 -6.24 46.20
CA VAL E 184 6.99 -4.94 46.57
C VAL E 184 7.85 -3.85 45.92
N GLY E 185 7.23 -2.80 45.40
CA GLY E 185 8.06 -1.80 44.77
C GLY E 185 7.29 -0.52 44.57
N ASP E 186 8.03 0.54 44.28
CA ASP E 186 7.46 1.86 44.06
C ASP E 186 7.54 2.29 42.61
N THR E 187 7.95 1.38 41.74
CA THR E 187 8.07 1.76 40.34
C THR E 187 7.52 0.73 39.36
N VAL E 188 7.19 1.23 38.18
CA VAL E 188 6.68 0.40 37.12
C VAL E 188 7.70 -0.69 36.84
N SER E 189 8.96 -0.28 36.81
CA SER E 189 10.07 -1.19 36.57
C SER E 189 10.01 -2.31 37.58
N ASP E 190 9.70 -1.94 38.81
CA ASP E 190 9.58 -2.90 39.90
C ASP E 190 8.48 -3.90 39.59
N MET E 191 7.43 -3.43 38.94
CA MET E 191 6.34 -4.30 38.55
C MET E 191 6.79 -5.29 37.49
N LYS E 192 7.39 -4.77 36.43
CA LYS E 192 7.89 -5.62 35.34
C LYS E 192 8.80 -6.74 35.85
N GLU E 193 9.78 -6.39 36.67
CA GLU E 193 10.66 -7.43 37.21
C GLU E 193 9.82 -8.53 37.85
N GLY E 194 8.74 -8.14 38.51
CA GLY E 194 7.88 -9.09 39.18
C GLY E 194 7.19 -10.04 38.24
N ARG E 195 6.59 -9.48 37.20
CA ARG E 195 5.88 -10.28 36.22
C ARG E 195 6.81 -11.24 35.51
N ASN E 196 8.03 -10.78 35.22
CA ASN E 196 9.00 -11.63 34.53
C ASN E 196 9.53 -12.75 35.41
N ALA E 197 9.46 -12.55 36.73
CA ALA E 197 9.93 -13.54 37.73
C ALA E 197 8.83 -14.57 38.02
N GLY E 198 7.57 -14.18 37.80
CA GLY E 198 6.46 -15.10 38.00
C GLY E 198 5.92 -15.16 39.41
N MET E 199 6.03 -14.03 40.12
CA MET E 199 5.64 -13.89 41.51
C MET E 199 4.60 -12.77 41.73
N TRP E 200 3.76 -12.90 42.76
CA TRP E 200 2.76 -11.88 43.05
C TRP E 200 3.41 -10.50 43.12
N THR E 201 2.83 -9.50 42.48
CA THR E 201 3.44 -8.16 42.52
C THR E 201 2.49 -7.13 43.15
N VAL E 202 3.07 -6.19 43.89
CA VAL E 202 2.31 -5.15 44.57
C VAL E 202 3.14 -3.89 44.50
N GLY E 203 2.47 -2.75 44.32
CA GLY E 203 3.17 -1.48 44.24
C GLY E 203 2.64 -0.44 45.22
N VAL E 204 3.53 0.03 46.09
CA VAL E 204 3.17 1.03 47.07
C VAL E 204 3.05 2.37 46.40
N ILE E 205 2.10 3.18 46.83
CA ILE E 205 1.90 4.49 46.24
C ILE E 205 2.49 5.63 47.05
N LEU E 206 2.50 5.50 48.37
CA LEU E 206 3.02 6.58 49.20
C LEU E 206 4.54 6.48 49.38
N GLY E 207 5.23 7.58 49.13
CA GLY E 207 6.67 7.58 49.25
C GLY E 207 7.33 6.71 48.19
N SER E 208 6.73 6.70 47.00
CA SER E 208 7.23 5.94 45.86
C SER E 208 7.84 6.93 44.88
N SER E 209 8.63 6.42 43.93
CA SER E 209 9.25 7.31 42.94
C SER E 209 8.18 7.94 42.07
N GLU E 210 7.10 7.21 41.83
CA GLU E 210 6.00 7.77 41.06
C GLU E 210 5.41 8.71 42.10
N LEU E 211 4.45 9.53 41.73
CA LEU E 211 3.89 10.47 42.71
C LEU E 211 4.95 11.48 43.10
N GLY E 212 6.10 10.98 43.57
CA GLY E 212 7.23 11.80 43.94
C GLY E 212 7.06 12.93 44.94
N LEU E 213 6.64 12.59 46.16
CA LEU E 213 6.43 13.61 47.17
C LEU E 213 7.14 13.24 48.47
N THR E 214 7.37 14.24 49.31
CA THR E 214 8.03 14.00 50.58
C THR E 214 6.97 13.93 51.67
N GLU E 215 7.36 13.42 52.84
CA GLU E 215 6.44 13.30 53.96
C GLU E 215 5.74 14.62 54.20
N GLU E 216 6.50 15.69 54.11
CA GLU E 216 5.98 17.03 54.30
C GLU E 216 4.96 17.39 53.23
N GLU E 217 5.29 17.10 51.97
CA GLU E 217 4.41 17.40 50.84
C GLU E 217 3.06 16.70 50.96
N VAL E 218 3.10 15.37 51.01
CA VAL E 218 1.85 14.64 51.13
C VAL E 218 1.06 14.99 52.38
N GLU E 219 1.73 15.38 53.47
CA GLU E 219 1.00 15.73 54.70
C GLU E 219 0.64 17.20 54.74
N ASN E 220 0.65 17.86 53.59
CA ASN E 220 0.31 19.27 53.50
C ASN E 220 -0.42 19.55 52.19
N MET E 221 -1.02 18.51 51.63
CA MET E 221 -1.75 18.65 50.38
C MET E 221 -3.20 18.26 50.66
N ASP E 222 -4.14 19.09 50.21
CA ASP E 222 -5.56 18.80 50.43
C ASP E 222 -5.93 17.40 49.97
N SER E 223 -6.79 16.75 50.76
CA SER E 223 -7.24 15.39 50.49
C SER E 223 -7.67 15.13 49.04
N VAL E 224 -8.28 16.13 48.42
CA VAL E 224 -8.72 15.99 47.05
C VAL E 224 -7.55 15.81 46.10
N GLU E 225 -6.64 16.79 46.09
CA GLU E 225 -5.47 16.75 45.21
C GLU E 225 -4.66 15.48 45.38
N LEU E 226 -4.35 15.14 46.62
CA LEU E 226 -3.60 13.95 46.92
C LEU E 226 -4.35 12.75 46.35
N ARG E 227 -5.66 12.69 46.60
CA ARG E 227 -6.49 11.60 46.10
C ARG E 227 -6.31 11.42 44.60
N GLU E 228 -6.37 12.53 43.88
CA GLU E 228 -6.22 12.51 42.42
C GLU E 228 -4.86 11.95 42.02
N LYS E 229 -3.79 12.50 42.61
CA LYS E 229 -2.45 12.05 42.30
C LYS E 229 -2.25 10.59 42.62
N ILE E 230 -2.70 10.17 43.80
CA ILE E 230 -2.55 8.77 44.19
C ILE E 230 -3.25 7.86 43.17
N GLU E 231 -4.33 8.38 42.59
CA GLU E 231 -5.09 7.61 41.60
C GLU E 231 -4.23 7.41 40.37
N VAL E 232 -3.50 8.46 40.02
CA VAL E 232 -2.63 8.40 38.87
C VAL E 232 -1.65 7.26 39.04
N VAL E 233 -0.93 7.28 40.16
CA VAL E 233 0.04 6.22 40.45
C VAL E 233 -0.63 4.86 40.40
N ARG E 234 -1.78 4.75 41.07
CA ARG E 234 -2.52 3.49 41.12
C ARG E 234 -2.76 2.98 39.71
N ASN E 235 -3.23 3.85 38.81
CA ASN E 235 -3.48 3.46 37.42
C ASN E 235 -2.23 2.94 36.74
N ARG E 236 -1.20 3.77 36.71
CA ARG E 236 0.04 3.34 36.08
C ARG E 236 0.39 1.90 36.47
N PHE E 237 0.53 1.67 37.77
CA PHE E 237 0.85 0.34 38.27
C PHE E 237 -0.05 -0.73 37.70
N VAL E 238 -1.32 -0.42 37.56
CA VAL E 238 -2.28 -1.41 37.08
C VAL E 238 -2.11 -1.68 35.60
N GLU E 239 -2.09 -0.61 34.80
CA GLU E 239 -1.94 -0.71 33.36
C GLU E 239 -0.60 -1.34 33.03
N ASN E 240 0.22 -1.53 34.06
CA ASN E 240 1.52 -2.17 33.88
C ASN E 240 1.49 -3.59 34.40
N GLY E 241 0.28 -4.08 34.65
CA GLY E 241 0.12 -5.44 35.10
C GLY E 241 0.41 -5.72 36.55
N ALA E 242 0.14 -4.75 37.41
CA ALA E 242 0.36 -4.90 38.84
C ALA E 242 -0.79 -5.68 39.48
N HIS E 243 -0.48 -6.76 40.18
CA HIS E 243 -1.50 -7.55 40.83
C HIS E 243 -2.27 -6.74 41.90
N PHE E 244 -1.55 -6.14 42.85
CA PHE E 244 -2.22 -5.37 43.89
C PHE E 244 -1.59 -4.01 43.98
N THR E 245 -2.27 -3.11 44.67
CA THR E 245 -1.79 -1.74 44.92
C THR E 245 -2.15 -1.28 46.34
N ILE E 246 -1.15 -1.17 47.21
CA ILE E 246 -1.38 -0.72 48.59
C ILE E 246 -0.93 0.70 48.85
N GLU E 247 -1.85 1.53 49.31
CA GLU E 247 -1.53 2.92 49.60
C GLU E 247 -0.33 3.01 50.55
N THR E 248 -0.23 2.04 51.45
CA THR E 248 0.85 1.97 52.44
C THR E 248 1.31 0.54 52.71
N MET E 249 2.56 0.38 53.12
CA MET E 249 3.11 -0.94 53.40
C MET E 249 2.37 -1.62 54.55
N GLN E 250 1.46 -0.88 55.16
CA GLN E 250 0.65 -1.36 56.27
C GLN E 250 -0.46 -2.33 55.85
N GLU E 251 -0.75 -2.37 54.55
CA GLU E 251 -1.80 -3.22 54.02
C GLU E 251 -1.26 -4.50 53.39
N LEU E 252 0.06 -4.64 53.40
CA LEU E 252 0.68 -5.81 52.80
C LEU E 252 0.05 -7.12 53.23
N GLU E 253 0.08 -7.40 54.54
CA GLU E 253 -0.44 -8.65 55.07
C GLU E 253 -1.84 -9.02 54.59
N SER E 254 -2.68 -8.02 54.41
CA SER E 254 -4.03 -8.28 53.94
C SER E 254 -3.94 -8.90 52.57
N VAL E 255 -3.07 -8.33 51.72
CA VAL E 255 -2.87 -8.83 50.37
C VAL E 255 -2.57 -10.31 50.43
N MET E 256 -1.61 -10.67 51.26
CA MET E 256 -1.24 -12.07 51.39
C MET E 256 -2.47 -12.89 51.70
N GLU E 257 -3.27 -12.41 52.64
CA GLU E 257 -4.48 -13.11 53.04
C GLU E 257 -5.41 -13.28 51.83
N HIS E 258 -5.56 -12.20 51.05
CA HIS E 258 -6.40 -12.19 49.86
C HIS E 258 -5.84 -13.22 48.87
N ILE E 259 -4.53 -13.16 48.65
CA ILE E 259 -3.90 -14.09 47.73
C ILE E 259 -4.15 -15.53 48.18
N GLU E 260 -4.19 -15.75 49.49
CA GLU E 260 -4.40 -17.09 50.02
C GLU E 260 -5.85 -17.57 50.05
N LYS E 261 -6.79 -16.63 50.05
CA LYS E 261 -8.22 -16.98 50.05
C LYS E 261 -8.74 -17.00 48.62
N GLN E 262 -8.49 -15.92 47.89
CA GLN E 262 -8.89 -15.82 46.49
C GLN E 262 -8.07 -16.90 45.79
N GLU E 263 -8.69 -17.69 44.92
CA GLU E 263 -7.94 -18.74 44.25
C GLU E 263 -7.72 -18.40 42.79
N LEU E 264 -6.82 -17.45 42.53
CA LEU E 264 -6.50 -17.04 41.18
C LEU E 264 -5.10 -17.54 40.85
N ILE E 265 -4.84 -17.80 39.56
CA ILE E 265 -3.53 -18.29 39.12
C ILE E 265 -2.73 -17.19 38.39
N ILE E 266 -1.43 -17.13 38.66
CA ILE E 266 -0.58 -16.13 38.01
C ILE E 266 -0.29 -16.46 36.55
N SER E 267 -0.28 -15.40 35.73
CA SER E 267 -0.02 -15.49 34.30
C SER E 267 -1.05 -16.38 33.61
N LYS F 5 -10.09 -33.11 39.57
CA LYS F 5 -11.34 -33.38 40.34
C LYS F 5 -12.51 -33.39 39.37
N ILE F 6 -12.64 -34.44 38.57
CA ILE F 6 -13.73 -34.52 37.60
C ILE F 6 -14.94 -35.23 38.19
N GLU F 7 -16.12 -34.63 38.02
CA GLU F 7 -17.35 -35.22 38.55
C GLU F 7 -18.33 -35.76 37.50
N ALA F 8 -18.28 -35.20 36.30
CA ALA F 8 -19.17 -35.65 35.24
C ALA F 8 -18.55 -35.53 33.86
N VAL F 9 -18.93 -36.43 32.97
CA VAL F 9 -18.43 -36.41 31.61
C VAL F 9 -19.65 -36.28 30.70
N ILE F 10 -19.71 -35.22 29.90
CA ILE F 10 -20.83 -34.97 28.97
C ILE F 10 -20.55 -35.50 27.57
N PHE F 11 -20.69 -36.80 27.37
CA PHE F 11 -20.40 -37.41 26.08
C PHE F 11 -21.23 -36.90 24.90
N ASP F 12 -20.69 -37.08 23.69
CA ASP F 12 -21.36 -36.70 22.45
C ASP F 12 -22.07 -37.99 22.04
N TRP F 13 -22.99 -37.91 21.10
CA TRP F 13 -23.73 -39.10 20.68
C TRP F 13 -23.13 -39.85 19.48
N ALA F 14 -23.39 -39.37 18.28
CA ALA F 14 -22.89 -40.01 17.07
C ALA F 14 -21.36 -39.92 16.92
N GLY F 15 -20.74 -41.00 16.47
CA GLY F 15 -19.29 -40.99 16.30
C GLY F 15 -18.53 -41.10 17.62
N THR F 16 -19.24 -40.97 18.73
CA THR F 16 -18.64 -41.06 20.06
C THR F 16 -19.16 -42.29 20.82
N THR F 17 -20.45 -42.26 21.16
CA THR F 17 -21.07 -43.36 21.89
C THR F 17 -21.84 -44.30 20.95
N VAL F 18 -22.41 -43.76 19.89
CA VAL F 18 -23.15 -44.57 18.93
C VAL F 18 -22.87 -44.14 17.49
N ASP F 19 -22.99 -45.09 16.56
CA ASP F 19 -22.80 -44.88 15.12
C ASP F 19 -21.34 -44.69 14.69
N TYR F 20 -20.61 -45.80 14.60
CA TYR F 20 -19.22 -45.79 14.19
C TYR F 20 -19.09 -45.14 12.82
N GLY F 21 -18.27 -44.10 12.72
CA GLY F 21 -18.10 -43.41 11.44
C GLY F 21 -19.12 -42.30 11.22
N CYS F 22 -20.24 -42.37 11.95
CA CYS F 22 -21.28 -41.36 11.83
C CYS F 22 -21.77 -41.30 10.38
N PHE F 23 -22.39 -42.39 9.93
CA PHE F 23 -22.91 -42.50 8.57
C PHE F 23 -24.44 -42.55 8.50
N ALA F 24 -25.09 -42.43 9.65
CA ALA F 24 -26.54 -42.47 9.72
C ALA F 24 -27.16 -41.38 8.84
N PRO F 25 -26.88 -40.11 9.13
CA PRO F 25 -27.49 -39.08 8.28
C PRO F 25 -26.95 -39.13 6.86
N LEU F 26 -25.68 -39.47 6.71
CA LEU F 26 -25.06 -39.54 5.40
C LEU F 26 -25.71 -40.57 4.48
N GLU F 27 -26.34 -41.58 5.07
CA GLU F 27 -27.00 -42.61 4.28
C GLU F 27 -28.34 -42.15 3.73
N VAL F 28 -29.12 -41.46 4.54
CA VAL F 28 -30.42 -40.96 4.10
C VAL F 28 -30.19 -39.92 3.00
N PHE F 29 -28.97 -39.45 2.89
CA PHE F 29 -28.60 -38.46 1.87
C PHE F 29 -28.25 -39.20 0.59
N MET F 30 -27.48 -40.27 0.73
CA MET F 30 -27.08 -41.08 -0.41
C MET F 30 -28.27 -41.80 -1.05
N GLU F 31 -29.44 -41.78 -0.41
CA GLU F 31 -30.62 -42.46 -0.96
C GLU F 31 -31.63 -41.50 -1.59
N ILE F 32 -31.92 -40.39 -0.94
CA ILE F 32 -32.87 -39.47 -1.52
C ILE F 32 -32.34 -39.02 -2.88
N PHE F 33 -31.11 -39.43 -3.19
CA PHE F 33 -30.50 -39.07 -4.46
C PHE F 33 -30.40 -40.31 -5.34
N HIS F 34 -29.85 -41.37 -4.77
CA HIS F 34 -29.70 -42.61 -5.50
C HIS F 34 -31.06 -43.16 -5.91
N LYS F 35 -32.13 -42.64 -5.31
CA LYS F 35 -33.49 -43.08 -5.62
C LYS F 35 -33.98 -42.43 -6.90
N ARG F 36 -33.26 -41.40 -7.33
CA ARG F 36 -33.58 -40.65 -8.55
C ARG F 36 -32.48 -40.83 -9.59
N GLY F 37 -31.68 -41.89 -9.46
CA GLY F 37 -30.63 -42.16 -10.42
C GLY F 37 -29.31 -41.41 -10.32
N VAL F 38 -29.25 -40.39 -9.47
CA VAL F 38 -28.04 -39.58 -9.29
C VAL F 38 -27.23 -40.09 -8.11
N ALA F 39 -26.19 -40.87 -8.38
CA ALA F 39 -25.35 -41.43 -7.33
C ALA F 39 -24.36 -40.42 -6.75
N ILE F 40 -24.22 -40.44 -5.43
CA ILE F 40 -23.28 -39.56 -4.74
C ILE F 40 -22.53 -40.37 -3.67
N THR F 41 -21.32 -39.94 -3.32
CA THR F 41 -20.51 -40.65 -2.30
C THR F 41 -20.71 -40.08 -0.89
N ALA F 42 -20.34 -40.86 0.13
CA ALA F 42 -20.48 -40.44 1.52
C ALA F 42 -19.65 -39.19 1.79
N GLU F 43 -18.60 -39.00 0.99
CA GLU F 43 -17.76 -37.83 1.16
C GLU F 43 -18.56 -36.59 0.81
N GLU F 44 -19.29 -36.65 -0.30
CA GLU F 44 -20.10 -35.52 -0.74
C GLU F 44 -21.29 -35.30 0.17
N ALA F 45 -21.76 -36.38 0.79
CA ALA F 45 -22.89 -36.32 1.70
C ALA F 45 -22.53 -35.42 2.89
N ARG F 46 -21.33 -35.62 3.43
CA ARG F 46 -20.87 -34.83 4.55
C ARG F 46 -20.86 -33.33 4.25
N LYS F 47 -19.65 -32.77 4.20
CA LYS F 47 -19.42 -31.35 3.94
C LYS F 47 -20.36 -30.42 4.71
N PRO F 48 -21.59 -30.15 4.20
CA PRO F 48 -22.39 -29.25 5.04
C PRO F 48 -23.02 -30.04 6.20
N MET F 49 -22.23 -30.97 6.73
CA MET F 49 -22.66 -31.86 7.81
C MET F 49 -23.27 -31.24 9.07
N PRO F 50 -22.61 -30.24 9.67
CA PRO F 50 -23.16 -29.60 10.88
C PRO F 50 -24.68 -29.45 10.79
N LEU F 51 -25.16 -28.88 9.68
CA LEU F 51 -26.59 -28.70 9.46
C LEU F 51 -27.20 -29.97 8.89
N LEU F 52 -28.49 -30.14 9.11
CA LEU F 52 -29.19 -31.32 8.63
C LEU F 52 -30.56 -30.88 8.17
N LYS F 53 -30.77 -29.57 8.21
CA LYS F 53 -32.03 -29.00 7.80
C LYS F 53 -32.17 -29.11 6.29
N ILE F 54 -33.07 -28.32 5.71
CA ILE F 54 -33.30 -28.35 4.27
C ILE F 54 -32.10 -27.84 3.47
N ASP F 55 -31.57 -26.68 3.85
CA ASP F 55 -30.44 -26.11 3.13
C ASP F 55 -29.26 -27.08 2.92
N HIS F 56 -29.27 -28.20 3.65
CA HIS F 56 -28.19 -29.16 3.50
C HIS F 56 -28.31 -29.88 2.15
N VAL F 57 -29.54 -30.19 1.75
CA VAL F 57 -29.79 -30.88 0.47
C VAL F 57 -29.55 -29.87 -0.65
N ARG F 58 -29.97 -28.63 -0.42
CA ARG F 58 -29.77 -27.59 -1.41
C ARG F 58 -28.28 -27.40 -1.67
N ALA F 59 -27.46 -27.59 -0.65
CA ALA F 59 -26.02 -27.44 -0.80
C ALA F 59 -25.48 -28.67 -1.50
N LEU F 60 -26.36 -29.63 -1.76
CA LEU F 60 -25.94 -30.85 -2.42
C LEU F 60 -26.30 -30.83 -3.89
N THR F 61 -27.31 -30.04 -4.24
CA THR F 61 -27.78 -29.95 -5.62
C THR F 61 -26.92 -29.00 -6.45
N GLU F 62 -26.71 -27.80 -5.92
CA GLU F 62 -25.91 -26.77 -6.59
C GLU F 62 -24.42 -26.99 -6.38
N MET F 63 -24.10 -28.10 -5.74
CA MET F 63 -22.72 -28.47 -5.47
C MET F 63 -22.06 -28.93 -6.77
N PRO F 64 -20.96 -28.27 -7.19
CA PRO F 64 -20.24 -28.62 -8.43
C PRO F 64 -20.28 -30.12 -8.64
N ARG F 65 -20.44 -30.55 -9.90
CA ARG F 65 -20.58 -31.98 -10.23
C ARG F 65 -22.01 -32.23 -9.77
N ILE F 66 -22.35 -33.46 -9.37
CA ILE F 66 -23.72 -33.72 -8.90
C ILE F 66 -24.73 -33.12 -9.87
N ALA F 67 -25.00 -31.82 -9.73
CA ALA F 67 -25.93 -31.10 -10.59
C ALA F 67 -25.71 -31.51 -12.05
N SER F 68 -24.45 -31.78 -12.39
CA SER F 68 -24.08 -32.21 -13.73
C SER F 68 -24.72 -33.60 -13.93
N GLU F 69 -24.31 -34.56 -13.11
CA GLU F 69 -24.85 -35.91 -13.19
C GLU F 69 -26.38 -35.90 -13.10
N TRP F 70 -26.92 -34.89 -12.42
CA TRP F 70 -28.37 -34.78 -12.28
C TRP F 70 -28.92 -34.20 -13.58
N ASN F 71 -28.23 -33.20 -14.12
CA ASN F 71 -28.65 -32.56 -15.36
C ASN F 71 -28.62 -33.64 -16.45
N ARG F 72 -27.74 -34.61 -16.29
CA ARG F 72 -27.59 -35.68 -17.26
C ARG F 72 -28.66 -36.77 -17.15
N VAL F 73 -29.27 -36.90 -15.99
CA VAL F 73 -30.30 -37.93 -15.80
C VAL F 73 -31.70 -37.34 -15.88
N PHE F 74 -31.91 -36.18 -15.25
CA PHE F 74 -33.22 -35.54 -15.27
C PHE F 74 -33.30 -34.68 -16.52
N ARG F 75 -32.24 -34.74 -17.34
CA ARG F 75 -32.17 -33.98 -18.58
C ARG F 75 -32.52 -32.53 -18.28
N GLN F 76 -32.27 -32.16 -17.03
CA GLN F 76 -32.57 -30.81 -16.54
C GLN F 76 -31.86 -30.58 -15.21
N LEU F 77 -31.80 -29.32 -14.78
CA LEU F 77 -31.15 -28.97 -13.51
C LEU F 77 -32.22 -29.01 -12.40
N PRO F 78 -31.86 -29.54 -11.21
CA PRO F 78 -32.77 -29.65 -10.06
C PRO F 78 -33.73 -28.48 -9.84
N THR F 79 -34.98 -28.80 -9.55
CA THR F 79 -35.99 -27.77 -9.32
C THR F 79 -36.23 -27.54 -7.84
N GLU F 80 -36.91 -26.43 -7.53
CA GLU F 80 -37.25 -26.10 -6.16
C GLU F 80 -38.04 -27.27 -5.57
N ALA F 81 -38.85 -27.91 -6.41
CA ALA F 81 -39.65 -29.05 -5.97
C ALA F 81 -38.74 -30.22 -5.61
N ASP F 82 -37.64 -30.36 -6.36
CA ASP F 82 -36.69 -31.45 -6.11
C ASP F 82 -36.05 -31.35 -4.74
N ILE F 83 -36.01 -30.14 -4.21
CA ILE F 83 -35.43 -29.85 -2.90
C ILE F 83 -36.43 -30.18 -1.79
N GLN F 84 -37.60 -29.54 -1.85
CA GLN F 84 -38.65 -29.78 -0.86
C GLN F 84 -38.93 -31.27 -0.78
N GLU F 85 -39.19 -31.90 -1.93
CA GLU F 85 -39.49 -33.32 -1.98
C GLU F 85 -38.40 -34.21 -1.40
N MET F 86 -37.15 -33.95 -1.75
CA MET F 86 -36.07 -34.78 -1.23
C MET F 86 -35.85 -34.61 0.26
N TYR F 87 -36.22 -33.45 0.79
CA TYR F 87 -36.04 -33.19 2.21
C TYR F 87 -37.16 -33.84 3.02
N GLU F 88 -38.39 -33.67 2.55
CA GLU F 88 -39.56 -34.24 3.21
C GLU F 88 -39.46 -35.75 3.17
N GLU F 89 -38.45 -36.25 2.47
CA GLU F 89 -38.22 -37.68 2.33
C GLU F 89 -37.05 -38.05 3.23
N PHE F 90 -36.13 -37.10 3.39
CA PHE F 90 -34.94 -37.24 4.22
C PHE F 90 -35.40 -37.24 5.67
N GLU F 91 -36.38 -36.40 5.94
CA GLU F 91 -36.94 -36.23 7.27
C GLU F 91 -37.96 -37.32 7.60
N GLU F 92 -37.96 -38.40 6.83
CA GLU F 92 -38.89 -39.52 7.05
C GLU F 92 -38.15 -40.85 7.08
N ILE F 93 -37.16 -40.97 6.21
CA ILE F 93 -36.35 -42.18 6.12
C ILE F 93 -35.31 -42.22 7.23
N LEU F 94 -34.83 -41.06 7.65
CA LEU F 94 -33.83 -40.98 8.72
C LEU F 94 -34.42 -41.53 10.02
N PHE F 95 -35.60 -41.02 10.39
CA PHE F 95 -36.27 -41.48 11.59
C PHE F 95 -36.42 -43.00 11.56
N ALA F 96 -36.45 -43.55 10.35
CA ALA F 96 -36.60 -44.98 10.15
C ALA F 96 -35.29 -45.77 10.33
N ILE F 97 -34.14 -45.15 10.05
CA ILE F 97 -32.90 -45.88 10.21
C ILE F 97 -32.16 -45.58 11.52
N LEU F 98 -32.29 -44.35 12.02
CA LEU F 98 -31.65 -43.96 13.27
C LEU F 98 -31.54 -45.12 14.27
N PRO F 99 -32.65 -45.80 14.58
CA PRO F 99 -32.55 -46.91 15.53
C PRO F 99 -31.63 -48.05 15.10
N ARG F 100 -31.03 -47.95 13.93
CA ARG F 100 -30.12 -48.99 13.46
C ARG F 100 -28.67 -48.64 13.77
N TYR F 101 -28.38 -47.35 13.71
CA TYR F 101 -27.06 -46.81 14.00
C TYR F 101 -27.10 -46.23 15.42
N ALA F 102 -27.64 -47.00 16.37
CA ALA F 102 -27.74 -46.54 17.75
C ALA F 102 -27.05 -47.50 18.72
N SER F 103 -26.65 -48.66 18.21
CA SER F 103 -25.96 -49.64 19.03
C SER F 103 -24.69 -48.98 19.59
N PRO F 104 -24.52 -48.97 20.92
CA PRO F 104 -23.32 -48.34 21.49
C PRO F 104 -22.05 -48.87 20.85
N ILE F 105 -21.05 -48.01 20.74
CA ILE F 105 -19.79 -48.38 20.14
C ILE F 105 -19.01 -49.29 21.08
N ASN F 106 -18.31 -50.27 20.51
CA ASN F 106 -17.55 -51.23 21.29
C ASN F 106 -16.86 -50.69 22.54
N ALA F 107 -17.18 -51.31 23.68
CA ALA F 107 -16.61 -50.96 24.97
C ALA F 107 -16.98 -49.59 25.56
N VAL F 108 -17.83 -48.84 24.87
CA VAL F 108 -18.23 -47.53 25.38
C VAL F 108 -18.96 -47.60 26.72
N LYS F 109 -19.87 -48.56 26.88
CA LYS F 109 -20.61 -48.70 28.13
C LYS F 109 -19.82 -49.45 29.18
N GLU F 110 -18.96 -50.35 28.74
CA GLU F 110 -18.11 -51.10 29.65
C GLU F 110 -17.24 -50.08 30.38
N VAL F 111 -17.16 -48.90 29.80
CA VAL F 111 -16.38 -47.81 30.37
C VAL F 111 -17.25 -46.86 31.20
N ILE F 112 -18.52 -46.74 30.80
CA ILE F 112 -19.48 -45.88 31.49
C ILE F 112 -19.74 -46.42 32.92
N ALA F 113 -19.82 -47.74 33.03
CA ALA F 113 -20.06 -48.41 34.31
C ALA F 113 -18.92 -48.17 35.27
N SER F 114 -17.69 -48.30 34.76
CA SER F 114 -16.53 -48.08 35.62
C SER F 114 -16.36 -46.61 35.92
N LEU F 115 -17.30 -45.81 35.47
CA LEU F 115 -17.25 -44.37 35.72
C LEU F 115 -18.32 -44.03 36.76
N ARG F 116 -19.38 -44.85 36.80
CA ARG F 116 -20.48 -44.67 37.75
C ARG F 116 -20.14 -45.33 39.07
N GLU F 117 -19.30 -46.37 38.98
CA GLU F 117 -18.83 -47.09 40.14
C GLU F 117 -17.87 -46.13 40.83
N ARG F 118 -17.17 -45.34 40.01
CA ARG F 118 -16.20 -44.36 40.52
C ARG F 118 -16.93 -43.08 40.93
N GLY F 119 -18.26 -43.14 40.91
CA GLY F 119 -19.08 -42.00 41.31
C GLY F 119 -19.14 -40.80 40.40
N ILE F 120 -18.89 -41.01 39.10
CA ILE F 120 -18.94 -39.92 38.15
C ILE F 120 -20.32 -39.89 37.49
N LYS F 121 -20.87 -38.68 37.31
CA LYS F 121 -22.18 -38.51 36.69
C LYS F 121 -22.09 -38.38 35.16
N ILE F 122 -23.07 -38.93 34.43
CA ILE F 122 -23.07 -38.89 32.96
C ILE F 122 -24.10 -37.96 32.29
N GLY F 123 -23.60 -37.02 31.47
CA GLY F 123 -24.42 -36.08 30.74
C GLY F 123 -24.28 -36.32 29.23
N SER F 124 -24.73 -35.39 28.39
CA SER F 124 -24.62 -35.60 26.93
C SER F 124 -25.12 -34.43 26.09
N THR F 125 -24.47 -34.24 24.94
CA THR F 125 -24.81 -33.18 24.00
C THR F 125 -25.00 -33.82 22.64
N THR F 126 -25.72 -33.14 21.75
CA THR F 126 -25.98 -33.66 20.41
C THR F 126 -26.25 -32.58 19.36
N GLY F 127 -26.09 -32.98 18.10
CA GLY F 127 -26.33 -32.09 16.99
C GLY F 127 -27.73 -32.36 16.46
N TYR F 128 -28.21 -33.59 16.64
CA TYR F 128 -29.53 -33.96 16.20
C TYR F 128 -30.59 -33.09 16.87
N THR F 129 -31.85 -33.38 16.58
CA THR F 129 -32.96 -32.62 17.15
C THR F 129 -33.71 -33.48 18.16
N ARG F 130 -34.61 -32.85 18.91
CA ARG F 130 -35.36 -33.58 19.90
C ARG F 130 -35.96 -34.86 19.31
N GLU F 131 -36.55 -34.74 18.12
CA GLU F 131 -37.16 -35.90 17.44
C GLU F 131 -36.15 -36.99 17.21
N MET F 132 -35.09 -36.66 16.47
CA MET F 132 -34.05 -37.63 16.18
C MET F 132 -33.48 -38.24 17.44
N MET F 133 -33.43 -37.45 18.50
CA MET F 133 -32.89 -37.90 19.78
C MET F 133 -33.83 -38.89 20.46
N ASP F 134 -35.10 -38.54 20.55
CA ASP F 134 -36.11 -39.40 21.17
C ASP F 134 -36.19 -40.77 20.48
N ILE F 135 -35.50 -40.91 19.35
CA ILE F 135 -35.50 -42.17 18.61
C ILE F 135 -34.20 -42.93 18.86
N VAL F 136 -33.09 -42.19 18.86
CA VAL F 136 -31.76 -42.78 19.09
C VAL F 136 -31.63 -43.26 20.53
N ALA F 137 -32.08 -42.44 21.47
CA ALA F 137 -31.98 -42.75 22.89
C ALA F 137 -32.85 -43.93 23.27
N LYS F 138 -34.03 -44.01 22.67
CA LYS F 138 -34.94 -45.10 22.98
C LYS F 138 -34.28 -46.44 22.66
N GLU F 139 -33.62 -46.53 21.51
CA GLU F 139 -32.96 -47.77 21.13
C GLU F 139 -31.65 -47.94 21.91
N ALA F 140 -31.03 -46.81 22.26
CA ALA F 140 -29.78 -46.83 23.01
C ALA F 140 -30.06 -47.35 24.40
N ALA F 141 -30.97 -46.67 25.11
CA ALA F 141 -31.34 -47.06 26.46
C ALA F 141 -31.71 -48.54 26.53
N LEU F 142 -32.08 -49.11 25.39
CA LEU F 142 -32.45 -50.51 25.36
C LEU F 142 -31.26 -51.38 25.01
N GLN F 143 -30.15 -50.75 24.66
CA GLN F 143 -28.99 -51.53 24.28
C GLN F 143 -27.75 -51.37 25.13
N GLY F 144 -27.90 -50.80 26.31
CA GLY F 144 -26.76 -50.66 27.18
C GLY F 144 -26.33 -49.24 27.46
N TYR F 145 -26.91 -48.28 26.73
CA TYR F 145 -26.51 -46.90 26.96
C TYR F 145 -27.67 -45.98 27.26
N LYS F 146 -27.73 -45.51 28.50
CA LYS F 146 -28.78 -44.63 28.96
C LYS F 146 -28.17 -43.54 29.86
N PRO F 147 -27.60 -42.50 29.25
CA PRO F 147 -27.00 -41.42 30.05
C PRO F 147 -27.98 -40.89 31.10
N ASP F 148 -27.46 -40.15 32.08
CA ASP F 148 -28.28 -39.57 33.15
C ASP F 148 -29.12 -38.38 32.68
N PHE F 149 -28.65 -37.67 31.65
CA PHE F 149 -29.39 -36.51 31.11
C PHE F 149 -29.12 -36.34 29.61
N LEU F 150 -29.94 -35.52 28.94
CA LEU F 150 -29.80 -35.31 27.51
C LEU F 150 -30.30 -33.93 27.08
N VAL F 151 -29.56 -33.30 26.18
CA VAL F 151 -29.90 -31.98 25.68
C VAL F 151 -29.71 -31.89 24.17
N THR F 152 -30.61 -31.15 23.52
CA THR F 152 -30.52 -30.96 22.08
C THR F 152 -30.69 -29.49 21.83
N PRO F 153 -30.27 -29.03 20.66
CA PRO F 153 -30.42 -27.60 20.39
C PRO F 153 -31.84 -27.08 20.57
N ASP F 154 -32.78 -27.97 20.82
CA ASP F 154 -34.18 -27.58 21.01
C ASP F 154 -34.49 -27.06 22.42
N ASP F 155 -33.57 -27.29 23.35
CA ASP F 155 -33.75 -26.88 24.74
C ASP F 155 -32.97 -25.60 25.10
N VAL F 156 -32.31 -25.03 24.10
CA VAL F 156 -31.50 -23.81 24.24
C VAL F 156 -31.57 -22.95 22.98
N PRO F 157 -31.23 -21.65 23.09
CA PRO F 157 -31.24 -20.68 21.98
C PRO F 157 -30.14 -20.82 20.92
N ALA F 158 -29.36 -21.88 20.99
CA ALA F 158 -28.27 -22.05 20.03
C ALA F 158 -27.76 -23.48 20.00
N GLY F 159 -26.96 -23.78 18.98
CA GLY F 159 -26.41 -25.12 18.81
C GLY F 159 -24.92 -25.31 19.04
N ARG F 160 -24.45 -26.49 18.60
CA ARG F 160 -23.07 -26.93 18.76
C ARG F 160 -21.91 -25.98 19.04
N PRO F 161 -21.84 -24.84 18.36
CA PRO F 161 -20.69 -24.02 18.74
C PRO F 161 -20.86 -23.52 20.19
N TYR F 162 -22.01 -22.89 20.48
CA TYR F 162 -22.29 -22.35 21.80
C TYR F 162 -22.27 -23.40 22.92
N PRO F 163 -21.98 -22.98 24.17
CA PRO F 163 -21.92 -23.88 25.32
C PRO F 163 -23.25 -24.19 25.99
N TRP F 164 -24.26 -23.41 25.66
CA TRP F 164 -25.61 -23.55 26.19
C TRP F 164 -26.01 -25.00 26.56
N MET F 165 -26.00 -25.90 25.58
CA MET F 165 -26.38 -27.29 25.84
C MET F 165 -25.61 -27.92 27.00
N CYS F 166 -24.38 -27.46 27.22
CA CYS F 166 -23.54 -27.98 28.30
C CYS F 166 -23.94 -27.42 29.65
N TYR F 167 -24.32 -26.15 29.64
CA TYR F 167 -24.75 -25.54 30.87
C TYR F 167 -26.08 -26.17 31.30
N LYS F 168 -26.80 -26.75 30.36
CA LYS F 168 -28.08 -27.39 30.72
C LYS F 168 -27.78 -28.72 31.38
N ASN F 169 -26.67 -29.32 30.99
CA ASN F 169 -26.28 -30.59 31.57
C ASN F 169 -25.85 -30.40 33.02
N ALA F 170 -25.14 -29.30 33.25
CA ALA F 170 -24.62 -28.96 34.57
C ALA F 170 -25.76 -28.87 35.55
N MET F 171 -26.67 -27.95 35.29
CA MET F 171 -27.81 -27.78 36.16
C MET F 171 -28.40 -29.14 36.51
N GLU F 172 -28.74 -29.96 35.53
CA GLU F 172 -29.33 -31.23 35.92
C GLU F 172 -28.45 -32.06 36.82
N LEU F 173 -27.34 -32.57 36.32
CA LEU F 173 -26.47 -33.40 37.15
C LEU F 173 -26.04 -32.63 38.39
N GLY F 174 -26.27 -31.31 38.36
CA GLY F 174 -25.92 -30.46 39.49
C GLY F 174 -24.43 -30.46 39.78
N VAL F 175 -23.60 -30.24 38.76
CA VAL F 175 -22.16 -30.24 38.99
C VAL F 175 -21.60 -28.86 39.21
N TYR F 176 -20.71 -28.81 40.19
CA TYR F 176 -20.07 -27.59 40.66
C TYR F 176 -19.65 -26.58 39.58
N PRO F 177 -18.36 -26.19 39.50
CA PRO F 177 -18.13 -25.23 38.43
C PRO F 177 -17.83 -25.92 37.10
N MET F 178 -18.03 -25.21 35.99
CA MET F 178 -17.82 -25.80 34.69
C MET F 178 -16.55 -26.64 34.57
N ASN F 179 -15.40 -26.12 35.00
CA ASN F 179 -14.15 -26.88 34.88
C ASN F 179 -14.01 -28.07 35.82
N HIS F 180 -15.10 -28.84 35.94
CA HIS F 180 -15.14 -30.04 36.75
C HIS F 180 -15.75 -31.15 35.96
N MET F 181 -15.78 -30.95 34.63
CA MET F 181 -16.34 -31.90 33.69
C MET F 181 -15.49 -31.99 32.43
N ILE F 182 -15.56 -33.13 31.76
CA ILE F 182 -14.85 -33.37 30.51
C ILE F 182 -15.93 -33.41 29.42
N LYS F 183 -15.56 -32.99 28.20
CA LYS F 183 -16.50 -32.97 27.06
C LYS F 183 -16.52 -34.24 26.20
N VAL F 184 -15.39 -34.63 25.64
CA VAL F 184 -15.34 -35.85 24.82
C VAL F 184 -16.28 -35.81 23.61
N GLY F 185 -15.69 -35.60 22.43
CA GLY F 185 -16.44 -35.52 21.18
C GLY F 185 -15.80 -36.34 20.08
N ASP F 186 -16.01 -35.91 18.84
CA ASP F 186 -15.46 -36.63 17.67
C ASP F 186 -15.29 -35.72 16.43
N THR F 187 -15.58 -34.43 16.58
CA THR F 187 -15.45 -33.49 15.50
C THR F 187 -15.02 -32.12 15.98
N VAL F 188 -14.42 -31.37 15.07
CA VAL F 188 -13.96 -30.03 15.36
C VAL F 188 -14.98 -29.21 16.14
N SER F 189 -16.26 -29.32 15.81
CA SER F 189 -17.27 -28.53 16.51
C SER F 189 -17.45 -29.00 17.95
N ASP F 190 -17.22 -30.29 18.18
CA ASP F 190 -17.34 -30.83 19.52
C ASP F 190 -16.29 -30.16 20.40
N MET F 191 -15.11 -29.94 19.84
CA MET F 191 -14.05 -29.32 20.60
C MET F 191 -14.33 -27.85 20.80
N LYS F 192 -14.99 -27.23 19.84
CA LYS F 192 -15.29 -25.82 19.98
C LYS F 192 -16.39 -25.60 21.01
N GLU F 193 -17.14 -26.65 21.29
CA GLU F 193 -18.21 -26.58 22.27
C GLU F 193 -17.58 -26.62 23.66
N GLY F 194 -16.90 -27.72 23.95
CA GLY F 194 -16.24 -27.88 25.24
C GLY F 194 -15.37 -26.69 25.54
N ARG F 195 -14.63 -26.22 24.55
CA ARG F 195 -13.76 -25.08 24.76
C ARG F 195 -14.53 -23.84 25.14
N ASN F 196 -15.75 -23.73 24.66
CA ASN F 196 -16.56 -22.57 24.94
C ASN F 196 -17.26 -22.67 26.28
N ALA F 197 -17.56 -23.92 26.65
CA ALA F 197 -18.21 -24.23 27.90
C ALA F 197 -17.25 -23.97 29.05
N GLY F 198 -15.96 -24.20 28.81
CA GLY F 198 -14.95 -23.99 29.84
C GLY F 198 -14.63 -25.37 30.41
N MET F 199 -15.09 -26.40 29.72
CA MET F 199 -14.85 -27.76 30.18
C MET F 199 -13.54 -28.35 29.63
N TRP F 200 -13.16 -29.51 30.18
CA TRP F 200 -11.98 -30.21 29.74
C TRP F 200 -12.34 -30.85 28.41
N THR F 201 -11.67 -30.45 27.34
CA THR F 201 -11.97 -30.98 26.03
C THR F 201 -11.10 -32.16 25.62
N VAL F 202 -11.74 -33.27 25.27
CA VAL F 202 -11.04 -34.47 24.84
C VAL F 202 -11.71 -34.92 23.55
N GLY F 203 -10.94 -35.38 22.58
CA GLY F 203 -11.53 -35.82 21.34
C GLY F 203 -11.22 -37.25 21.00
N VAL F 204 -12.22 -38.00 20.56
CA VAL F 204 -11.99 -39.40 20.17
C VAL F 204 -11.73 -39.40 18.67
N ILE F 205 -10.97 -40.38 18.18
CA ILE F 205 -10.62 -40.48 16.76
C ILE F 205 -11.23 -41.74 16.14
N LEU F 206 -10.68 -42.91 16.48
CA LEU F 206 -11.20 -44.15 15.93
C LEU F 206 -12.70 -44.27 16.13
N GLY F 207 -13.46 -43.93 15.10
CA GLY F 207 -14.90 -43.99 15.19
C GLY F 207 -15.47 -42.62 14.99
N SER F 208 -14.61 -41.62 14.92
CA SER F 208 -15.10 -40.27 14.72
C SER F 208 -15.53 -40.01 13.29
N SER F 209 -16.23 -38.89 13.12
CA SER F 209 -16.70 -38.50 11.80
C SER F 209 -15.44 -38.04 11.06
N GLU F 210 -14.56 -37.36 11.81
CA GLU F 210 -13.31 -36.85 11.22
C GLU F 210 -12.54 -37.95 10.52
N LEU F 211 -12.24 -39.03 11.25
CA LEU F 211 -11.51 -40.11 10.62
C LEU F 211 -12.41 -40.62 9.47
N GLY F 212 -13.70 -40.36 9.57
CA GLY F 212 -14.66 -40.79 8.55
C GLY F 212 -14.54 -42.24 8.12
N LEU F 213 -13.82 -43.06 8.89
CA LEU F 213 -13.67 -44.46 8.51
C LEU F 213 -14.74 -45.33 9.13
N THR F 214 -14.60 -46.64 8.98
CA THR F 214 -15.57 -47.57 9.53
C THR F 214 -14.87 -48.66 10.30
N GLU F 215 -15.56 -49.25 11.26
CA GLU F 215 -14.97 -50.30 12.07
C GLU F 215 -14.41 -51.39 11.17
N GLU F 216 -14.98 -51.52 9.99
CA GLU F 216 -14.57 -52.52 9.00
C GLU F 216 -13.31 -52.00 8.32
N GLU F 217 -13.44 -50.82 7.70
CA GLU F 217 -12.33 -50.21 6.99
C GLU F 217 -11.07 -50.02 7.85
N VAL F 218 -11.25 -49.60 9.09
CA VAL F 218 -10.12 -49.38 10.00
C VAL F 218 -9.43 -50.70 10.34
N GLU F 219 -10.06 -51.80 9.96
CA GLU F 219 -9.48 -53.11 10.20
C GLU F 219 -8.49 -53.44 9.10
N ASN F 220 -8.10 -52.42 8.34
CA ASN F 220 -7.14 -52.54 7.24
C ASN F 220 -6.20 -51.33 7.18
N MET F 221 -5.57 -51.11 6.04
CA MET F 221 -4.62 -49.99 5.85
C MET F 221 -3.27 -50.33 6.48
N ASP F 222 -3.33 -51.20 7.49
CA ASP F 222 -2.17 -51.68 8.23
C ASP F 222 -1.39 -50.61 8.99
N SER F 223 -0.42 -51.09 9.77
CA SER F 223 0.44 -50.26 10.61
C SER F 223 1.01 -48.95 10.04
N VAL F 224 0.63 -48.56 8.82
CA VAL F 224 1.18 -47.31 8.28
C VAL F 224 0.13 -46.33 7.77
N GLU F 225 -0.84 -46.83 7.01
CA GLU F 225 -1.86 -45.96 6.47
C GLU F 225 -2.77 -45.42 7.57
N LEU F 226 -3.25 -46.33 8.42
CA LEU F 226 -4.11 -45.94 9.52
C LEU F 226 -3.27 -45.10 10.49
N ARG F 227 -2.09 -45.63 10.80
CA ARG F 227 -1.13 -44.98 11.71
C ARG F 227 -0.60 -43.73 10.99
N GLU F 228 -1.49 -43.06 10.28
CA GLU F 228 -1.13 -41.87 9.52
C GLU F 228 -2.38 -41.02 9.40
N LYS F 229 -3.51 -41.69 9.32
CA LYS F 229 -4.81 -41.05 9.22
C LYS F 229 -5.31 -40.72 10.62
N ILE F 230 -5.07 -41.65 11.54
CA ILE F 230 -5.45 -41.45 12.94
C ILE F 230 -4.79 -40.16 13.36
N GLU F 231 -3.59 -39.96 12.85
CA GLU F 231 -2.83 -38.75 13.15
C GLU F 231 -3.64 -37.55 12.69
N VAL F 232 -3.56 -37.25 11.40
CA VAL F 232 -4.27 -36.13 10.79
C VAL F 232 -5.46 -35.59 11.60
N VAL F 233 -6.34 -36.49 12.01
CA VAL F 233 -7.50 -36.12 12.80
C VAL F 233 -6.98 -35.41 14.06
N ARG F 234 -6.14 -36.11 14.82
CA ARG F 234 -5.53 -35.58 16.03
C ARG F 234 -5.19 -34.10 15.94
N ASN F 235 -4.30 -33.75 15.01
CA ASN F 235 -3.92 -32.35 14.86
C ASN F 235 -5.14 -31.47 14.66
N ARG F 236 -6.10 -31.95 13.87
CA ARG F 236 -7.29 -31.16 13.61
C ARG F 236 -7.98 -30.86 14.95
N PHE F 237 -7.86 -31.81 15.88
CA PHE F 237 -8.43 -31.66 17.21
C PHE F 237 -7.58 -30.68 18.04
N VAL F 238 -6.30 -31.01 18.21
CA VAL F 238 -5.39 -30.17 18.99
C VAL F 238 -5.45 -28.69 18.63
N GLU F 239 -5.36 -28.41 17.33
CA GLU F 239 -5.37 -27.04 16.83
C GLU F 239 -6.70 -26.36 17.11
N ASN F 240 -7.76 -27.14 17.21
CA ASN F 240 -9.06 -26.56 17.47
C ASN F 240 -9.38 -26.35 18.96
N GLY F 241 -8.47 -26.76 19.85
CA GLY F 241 -8.69 -26.58 21.28
C GLY F 241 -8.55 -27.81 22.16
N ALA F 242 -8.73 -28.99 21.56
CA ALA F 242 -8.64 -30.24 22.30
C ALA F 242 -7.49 -30.23 23.29
N HIS F 243 -7.82 -30.46 24.56
CA HIS F 243 -6.84 -30.50 25.63
C HIS F 243 -6.19 -31.86 25.53
N PHE F 244 -6.96 -32.84 25.06
CA PHE F 244 -6.45 -34.20 24.90
C PHE F 244 -7.08 -34.83 23.66
N THR F 245 -6.56 -35.99 23.28
CA THR F 245 -7.08 -36.74 22.13
C THR F 245 -6.87 -38.20 22.49
N ILE F 246 -7.76 -39.06 22.01
CA ILE F 246 -7.65 -40.48 22.31
C ILE F 246 -8.08 -41.30 21.11
N GLU F 247 -7.52 -42.50 21.00
CA GLU F 247 -7.86 -43.39 19.89
C GLU F 247 -9.02 -44.28 20.28
N THR F 248 -9.44 -44.17 21.54
CA THR F 248 -10.52 -44.99 22.02
C THR F 248 -11.02 -44.51 23.38
N MET F 249 -12.19 -44.98 23.77
CA MET F 249 -12.80 -44.59 25.03
C MET F 249 -12.07 -45.26 26.20
N GLN F 250 -11.46 -46.41 25.92
CA GLN F 250 -10.74 -47.16 26.94
C GLN F 250 -9.63 -46.34 27.57
N GLU F 251 -9.34 -45.20 26.97
CA GLU F 251 -8.27 -44.34 27.48
C GLU F 251 -8.82 -43.11 28.17
N LEU F 252 -10.14 -43.02 28.29
CA LEU F 252 -10.75 -41.84 28.90
C LEU F 252 -10.46 -41.74 30.38
N GLU F 253 -10.72 -42.84 31.09
CA GLU F 253 -10.53 -42.88 32.52
C GLU F 253 -9.12 -42.45 32.89
N SER F 254 -8.13 -42.89 32.12
CA SER F 254 -6.75 -42.51 32.38
C SER F 254 -6.61 -40.99 32.25
N VAL F 255 -7.28 -40.41 31.26
CA VAL F 255 -7.25 -38.97 31.05
C VAL F 255 -7.72 -38.25 32.31
N MET F 256 -8.79 -38.78 32.91
CA MET F 256 -9.33 -38.20 34.12
C MET F 256 -8.27 -38.05 35.17
N GLU F 257 -7.65 -39.18 35.52
CA GLU F 257 -6.60 -39.22 36.52
C GLU F 257 -5.55 -38.19 36.18
N HIS F 258 -4.97 -38.32 35.00
CA HIS F 258 -3.97 -37.36 34.58
C HIS F 258 -4.45 -35.94 34.84
N ILE F 259 -5.67 -35.62 34.46
CA ILE F 259 -6.18 -34.27 34.68
C ILE F 259 -6.09 -33.85 36.15
N GLU F 260 -6.38 -34.80 37.03
CA GLU F 260 -6.37 -34.60 38.47
C GLU F 260 -4.97 -34.61 39.11
N LYS F 261 -4.09 -35.48 38.59
CA LYS F 261 -2.73 -35.58 39.08
C LYS F 261 -1.86 -34.40 38.64
N GLN F 262 -1.96 -34.00 37.37
CA GLN F 262 -1.17 -32.86 36.88
C GLN F 262 -1.72 -31.64 37.58
N GLU F 263 -1.37 -30.45 37.12
CA GLU F 263 -1.90 -29.29 37.80
C GLU F 263 -2.00 -28.07 36.92
N LEU F 264 -2.74 -28.22 35.83
CA LEU F 264 -2.93 -27.11 34.91
C LEU F 264 -4.31 -26.49 35.07
N ILE F 265 -4.40 -25.20 34.76
CA ILE F 265 -5.65 -24.48 34.88
C ILE F 265 -6.22 -24.16 33.49
N ILE F 266 -7.50 -24.47 33.32
CA ILE F 266 -8.17 -24.20 32.06
C ILE F 266 -8.29 -22.72 31.86
N SER F 267 -8.26 -22.34 30.59
CA SER F 267 -8.34 -20.96 30.14
C SER F 267 -7.10 -20.17 30.51
#